data_1XOI
#
_entry.id   1XOI
#
_cell.length_a   123.906
_cell.length_b   123.906
_cell.length_c   123.103
_cell.angle_alpha   90.00
_cell.angle_beta   90.00
_cell.angle_gamma   120.00
#
_symmetry.space_group_name_H-M   'P 31'
#
loop_
_entity.id
_entity.type
_entity.pdbx_description
1 polymer 'Glycogen phosphorylase, liver form'
2 non-polymer N-acetyl-beta-D-glucopyranosylamine
3 non-polymer "PYRIDOXAL-5'-PHOSPHATE"
4 non-polymer '5-CHLORO-1H-INDOLE-2-CARBOXYLIC ACID{[CYCLOPENTYL-(2-HYDROXY-ETHYL)-CARBAMOYL]-METHYL}-AMIDE'
5 water water
#
_entity_poly.entity_id   1
_entity_poly.type   'polypeptide(L)'
_entity_poly.pdbx_seq_one_letter_code
;AKPLTDQEKRRQISIRGIVGVENVAELKKSFNRHLHFTLVKDRNVATTRDYYFALAHTVRDHLVGRWIRTQQHYYDKCPK
RVYYLSLEFYMGRTLQNTMINLGLQNACDEAIYQLGLDIEELEEIEEDAGLGNGGLGRLAACFLDSMATLGLAAYGYGIR
YEYGIFNQKIRDGWQVEEADDWLRYGNPWEKSRPEFMLPVHFYGKVEHTNTGTKWIDTQVVLALPYDTPVPGYMNNTVNT
MRLWSARAPNDFNLRDFNVGDYIQAVLDRNLAENISRVLYPNDNFFEGKELRLKQEYFVVAATLQDIIRRFKASKFGSTR
GAATVFDAFPDQVAIQLNDTHPALAIPELMRIFVDIEKLPWSKAWELTQKTFAYTNHTVLPEALERWPVDLVEKLLPRHL
EIIYEINQKHLDRIVALFPKDVDRLRRMSLIEEEGSKRINMAHLCIVGSHAVNGVAKIHSDIVKTKVFKDFSELEPDKFQ
NKTNGITPRRWLLLCNPGLAELIAEKIGEDYVKDLSQLTKLHSFLGDDVFLRELAKVKQENKLKFSQFLETEYKVKINPS
SMFDVQVKRIHEYKRQLLNCLHVITMYNRIKKDPKKLFVPRTVIIGGKAAPGYHMAKMIIKLITSVADVVNNDPMVGSKL
KVIFLENYRVSLAEKVIPATDLSEQISTAGTEASGTGNMKFMLNGALTIGTMDGANVEMAEEAGEENLFIFGMRIDDVAA
LDKKGYEAKEYYEALPELKLVIDQIDNGFFSPKQPDLFKDIINMLFYHDRFKVFADYEAYVKCQDKVSQLYMNPKAWNTM
VLKNIAASGKFSSDRTIKEYAQNIWNVEPSDLKISLSNESNKVNGN
;
_entity_poly.pdbx_strand_id   A,B
#
loop_
_chem_comp.id
_chem_comp.type
_chem_comp.name
_chem_comp.formula
288 non-polymer '5-CHLORO-1H-INDOLE-2-CARBOXYLIC ACID{[CYCLOPENTYL-(2-HYDROXY-ETHYL)-CARBAMOYL]-METHYL}-AMIDE' 'C18 H24 Cl N3 O3'
NBG D-saccharide N-acetyl-beta-D-glucopyranosylamine 'C8 H15 N O6'
PLP non-polymer PYRIDOXAL-5'-PHOSPHATE 'C8 H10 N O6 P'
#
# COMPACT_ATOMS: atom_id res chain seq x y z
N ASN A 23 21.25 -7.56 -26.99
CA ASN A 23 21.84 -6.43 -27.77
C ASN A 23 20.89 -5.23 -27.83
N VAL A 24 21.31 -4.23 -28.57
CA VAL A 24 20.51 -3.02 -28.68
C VAL A 24 19.11 -3.27 -29.26
N ALA A 25 19.02 -4.11 -30.29
CA ALA A 25 17.74 -4.40 -30.92
C ALA A 25 16.78 -5.11 -29.98
N GLU A 26 17.26 -6.13 -29.27
CA GLU A 26 16.40 -6.87 -28.35
C GLU A 26 15.96 -6.00 -27.18
N LEU A 27 16.85 -5.11 -26.73
CA LEU A 27 16.51 -4.21 -25.62
C LEU A 27 15.37 -3.26 -26.03
N LYS A 28 15.44 -2.72 -27.25
CA LYS A 28 14.40 -1.81 -27.71
C LYS A 28 13.08 -2.55 -27.83
N LYS A 29 13.16 -3.80 -28.28
CA LYS A 29 12.00 -4.66 -28.44
C LYS A 29 11.38 -4.90 -27.07
N SER A 30 12.20 -5.19 -26.07
CA SER A 30 11.71 -5.44 -24.72
C SER A 30 11.09 -4.18 -24.15
N PHE A 31 11.76 -3.06 -24.33
CA PHE A 31 11.26 -1.81 -23.81
C PHE A 31 9.83 -1.58 -24.35
N ASN A 32 9.66 -1.72 -25.66
CA ASN A 32 8.35 -1.53 -26.27
C ASN A 32 7.33 -2.53 -25.73
N ARG A 33 7.79 -3.74 -25.48
CA ARG A 33 6.92 -4.77 -24.97
C ARG A 33 6.37 -4.39 -23.61
N HIS A 34 7.25 -3.91 -22.74
CA HIS A 34 6.83 -3.51 -21.40
C HIS A 34 5.98 -2.24 -21.40
N LEU A 35 6.32 -1.30 -22.28
CA LEU A 35 5.54 -0.06 -22.37
C LEU A 35 4.09 -0.42 -22.69
N HIS A 36 3.93 -1.39 -23.57
CA HIS A 36 2.62 -1.86 -23.99
C HIS A 36 1.90 -2.71 -22.93
N PHE A 37 2.45 -3.89 -22.65
CA PHE A 37 1.84 -4.83 -21.71
C PHE A 37 1.96 -4.49 -20.22
N THR A 38 3.04 -3.84 -19.82
CA THR A 38 3.21 -3.49 -18.42
C THR A 38 2.68 -2.10 -18.04
N LEU A 39 2.90 -1.11 -18.89
CA LEU A 39 2.43 0.25 -18.60
C LEU A 39 1.13 0.60 -19.32
N VAL A 40 0.69 -0.28 -20.22
CA VAL A 40 -0.54 -0.07 -20.97
C VAL A 40 -0.57 1.30 -21.69
N LYS A 41 0.51 1.61 -22.40
CA LYS A 41 0.63 2.87 -23.13
C LYS A 41 1.26 2.69 -24.50
N ASP A 42 1.18 3.75 -25.30
CA ASP A 42 1.78 3.79 -26.62
C ASP A 42 2.61 5.08 -26.62
N ARG A 43 3.49 5.24 -27.60
CA ARG A 43 4.36 6.42 -27.64
C ARG A 43 3.71 7.80 -27.61
N ASN A 44 2.45 7.91 -27.99
CA ASN A 44 1.84 9.23 -27.97
C ASN A 44 1.14 9.56 -26.66
N VAL A 45 0.91 8.56 -25.83
CA VAL A 45 0.24 8.78 -24.56
C VAL A 45 1.12 8.50 -23.35
N ALA A 46 2.26 7.83 -23.57
CA ALA A 46 3.17 7.49 -22.49
C ALA A 46 3.76 8.72 -21.78
N THR A 47 3.96 8.58 -20.47
CA THR A 47 4.53 9.67 -19.68
C THR A 47 6.01 9.35 -19.49
N THR A 48 6.73 10.31 -18.91
CA THR A 48 8.14 10.11 -18.65
C THR A 48 8.28 8.98 -17.63
N ARG A 49 7.38 8.96 -16.65
CA ARG A 49 7.41 7.93 -15.61
C ARG A 49 7.17 6.55 -16.25
N ASP A 50 6.27 6.49 -17.23
CA ASP A 50 6.01 5.25 -17.94
C ASP A 50 7.28 4.76 -18.64
N TYR A 51 8.02 5.66 -19.28
CA TYR A 51 9.25 5.28 -19.95
C TYR A 51 10.26 4.75 -18.95
N TYR A 52 10.36 5.40 -17.79
CA TYR A 52 11.27 4.95 -16.75
C TYR A 52 10.91 3.53 -16.34
N PHE A 53 9.62 3.30 -16.12
CA PHE A 53 9.16 1.98 -15.72
C PHE A 53 9.43 0.93 -16.79
N ALA A 54 9.22 1.28 -18.05
CA ALA A 54 9.47 0.35 -19.14
C ALA A 54 10.95 -0.03 -19.15
N LEU A 55 11.82 0.96 -18.99
CA LEU A 55 13.26 0.72 -18.96
C LEU A 55 13.64 -0.11 -17.73
N ALA A 56 13.10 0.26 -16.57
CA ALA A 56 13.38 -0.45 -15.33
C ALA A 56 13.05 -1.94 -15.46
N HIS A 57 11.90 -2.23 -16.07
CA HIS A 57 11.48 -3.61 -16.26
C HIS A 57 12.37 -4.34 -17.26
N THR A 58 12.78 -3.64 -18.30
CA THR A 58 13.65 -4.22 -19.32
C THR A 58 14.96 -4.66 -18.67
N VAL A 59 15.50 -3.80 -17.81
CA VAL A 59 16.74 -4.09 -17.11
C VAL A 59 16.52 -5.18 -16.05
N ARG A 60 15.44 -5.04 -15.27
CA ARG A 60 15.11 -6.00 -14.22
C ARG A 60 15.06 -7.45 -14.71
N ASP A 61 14.50 -7.66 -15.90
CA ASP A 61 14.40 -9.00 -16.48
C ASP A 61 15.76 -9.70 -16.56
N HIS A 62 16.82 -8.90 -16.75
CA HIS A 62 18.19 -9.44 -16.85
C HIS A 62 18.77 -9.93 -15.51
N LEU A 63 18.14 -9.57 -14.40
CA LEU A 63 18.60 -10.00 -13.09
C LEU A 63 18.05 -11.38 -12.69
N VAL A 64 16.82 -11.65 -13.11
CA VAL A 64 16.09 -12.88 -12.80
C VAL A 64 16.87 -14.19 -12.91
N GLY A 65 17.35 -14.48 -14.11
CA GLY A 65 18.10 -15.71 -14.32
C GLY A 65 19.18 -15.93 -13.27
N ARG A 66 20.02 -14.93 -13.08
CA ARG A 66 21.10 -15.04 -12.11
C ARG A 66 20.67 -14.98 -10.66
N TRP A 67 19.56 -14.30 -10.38
CA TRP A 67 19.09 -14.20 -9.01
C TRP A 67 18.64 -15.57 -8.55
N ILE A 68 17.89 -16.26 -9.41
CA ILE A 68 17.40 -17.60 -9.12
C ILE A 68 18.53 -18.60 -8.98
N ARG A 69 19.46 -18.58 -9.93
CA ARG A 69 20.60 -19.51 -9.87
C ARG A 69 21.51 -19.25 -8.67
N THR A 70 21.72 -17.99 -8.31
CA THR A 70 22.57 -17.66 -7.17
C THR A 70 22.00 -18.26 -5.89
N GLN A 71 20.74 -17.97 -5.61
CA GLN A 71 20.12 -18.50 -4.40
C GLN A 71 20.04 -20.03 -4.42
N GLN A 72 19.87 -20.61 -5.60
CA GLN A 72 19.81 -22.06 -5.73
C GLN A 72 21.19 -22.61 -5.39
N HIS A 73 22.22 -21.93 -5.89
CA HIS A 73 23.61 -22.31 -5.63
C HIS A 73 23.92 -22.36 -4.14
N TYR A 74 23.47 -21.34 -3.41
CA TYR A 74 23.72 -21.28 -1.97
C TYR A 74 23.07 -22.46 -1.28
N TYR A 75 21.92 -22.87 -1.80
CA TYR A 75 21.22 -24.01 -1.22
C TYR A 75 21.98 -25.30 -1.51
N ASP A 76 22.37 -25.48 -2.77
CA ASP A 76 23.10 -26.69 -3.16
C ASP A 76 24.46 -26.85 -2.48
N LYS A 77 25.28 -25.80 -2.53
CA LYS A 77 26.62 -25.86 -1.94
C LYS A 77 26.68 -25.58 -0.45
N CYS A 78 25.62 -24.99 0.09
CA CYS A 78 25.56 -24.66 1.51
C CYS A 78 26.77 -23.93 2.09
N PRO A 79 27.21 -22.84 1.45
CA PRO A 79 28.37 -22.15 2.03
C PRO A 79 27.86 -21.41 3.26
N LYS A 80 28.75 -21.02 4.16
CA LYS A 80 28.32 -20.29 5.36
C LYS A 80 27.73 -18.97 4.88
N ARG A 81 26.56 -18.61 5.40
CA ARG A 81 25.90 -17.37 4.98
C ARG A 81 26.17 -16.21 5.94
N VAL A 82 26.18 -15.00 5.40
CA VAL A 82 26.38 -13.80 6.19
C VAL A 82 25.09 -12.99 6.18
N TYR A 83 24.62 -12.63 7.35
CA TYR A 83 23.41 -11.85 7.48
C TYR A 83 23.75 -10.51 8.10
N TYR A 84 23.64 -9.46 7.28
CA TYR A 84 23.94 -8.11 7.75
C TYR A 84 22.62 -7.53 8.24
N LEU A 85 22.44 -7.52 9.56
CA LEU A 85 21.21 -7.03 10.20
C LEU A 85 21.33 -5.54 10.55
N SER A 86 20.52 -4.73 9.91
CA SER A 86 20.56 -3.29 10.13
C SER A 86 19.18 -2.64 10.07
N LEU A 87 19.00 -1.55 10.80
CA LEU A 87 17.74 -0.82 10.79
C LEU A 87 17.75 0.13 9.60
N GLU A 88 18.88 0.20 8.90
CA GLU A 88 19.01 1.10 7.77
C GLU A 88 19.80 0.56 6.57
N PHE A 89 19.31 0.91 5.38
CA PHE A 89 19.91 0.57 4.11
C PHE A 89 19.69 1.79 3.20
N TYR A 90 20.71 2.61 3.11
CA TYR A 90 20.71 3.86 2.32
C TYR A 90 21.11 3.52 0.89
N MET A 91 20.18 2.90 0.14
CA MET A 91 20.44 2.44 -1.22
C MET A 91 20.46 3.41 -2.39
N GLY A 92 19.77 4.55 -2.28
CA GLY A 92 19.75 5.45 -3.41
C GLY A 92 18.96 4.82 -4.55
N ARG A 93 19.24 5.23 -5.78
CA ARG A 93 18.55 4.68 -6.95
C ARG A 93 19.17 3.34 -7.38
N THR A 94 18.38 2.52 -8.07
CA THR A 94 18.85 1.20 -8.51
C THR A 94 19.09 0.99 -10.01
N LEU A 95 18.33 1.70 -10.86
CA LEU A 95 18.44 1.56 -12.31
C LEU A 95 19.86 1.56 -12.88
N GLN A 96 20.52 2.70 -12.79
CA GLN A 96 21.88 2.84 -13.30
C GLN A 96 22.86 1.85 -12.68
N ASN A 97 22.77 1.67 -11.37
CA ASN A 97 23.68 0.74 -10.69
C ASN A 97 23.51 -0.69 -11.21
N THR A 98 22.29 -1.08 -11.55
CA THR A 98 22.03 -2.42 -12.05
C THR A 98 22.63 -2.56 -13.45
N MET A 99 22.34 -1.60 -14.33
CA MET A 99 22.85 -1.63 -15.69
C MET A 99 24.38 -1.75 -15.70
N ILE A 100 25.03 -0.95 -14.87
CA ILE A 100 26.49 -0.97 -14.78
C ILE A 100 27.04 -2.34 -14.33
N ASN A 101 26.53 -2.86 -13.22
CA ASN A 101 26.98 -4.14 -12.71
C ASN A 101 26.61 -5.31 -13.62
N LEU A 102 25.65 -5.07 -14.51
CA LEU A 102 25.21 -6.09 -15.46
C LEU A 102 25.89 -5.86 -16.81
N GLY A 103 26.65 -4.78 -16.92
CA GLY A 103 27.33 -4.45 -18.16
C GLY A 103 26.35 -4.03 -19.24
N LEU A 104 25.21 -3.46 -18.85
CA LEU A 104 24.16 -3.06 -19.77
C LEU A 104 24.04 -1.57 -20.12
N GLN A 105 24.67 -0.72 -19.32
CA GLN A 105 24.60 0.73 -19.51
C GLN A 105 24.74 1.31 -20.92
N ASN A 106 25.84 1.04 -21.61
CA ASN A 106 26.01 1.59 -22.94
C ASN A 106 24.98 1.09 -23.95
N ALA A 107 24.60 -0.18 -23.85
CA ALA A 107 23.61 -0.71 -24.77
C ALA A 107 22.23 -0.07 -24.47
N CYS A 108 21.87 0.06 -23.20
CA CYS A 108 20.60 0.69 -22.86
C CYS A 108 20.66 2.16 -23.28
N ASP A 109 21.83 2.77 -23.11
CA ASP A 109 22.05 4.15 -23.48
C ASP A 109 21.67 4.33 -24.96
N GLU A 110 22.20 3.45 -25.79
CA GLU A 110 21.98 3.47 -27.23
C GLU A 110 20.53 3.16 -27.58
N ALA A 111 19.96 2.14 -26.96
CA ALA A 111 18.58 1.76 -27.21
C ALA A 111 17.62 2.94 -26.95
N ILE A 112 17.69 3.48 -25.74
CA ILE A 112 16.84 4.61 -25.34
C ILE A 112 17.03 5.80 -26.29
N TYR A 113 18.27 6.04 -26.72
CA TYR A 113 18.55 7.12 -27.65
C TYR A 113 17.83 6.88 -28.98
N GLN A 114 17.96 5.66 -29.51
CA GLN A 114 17.31 5.34 -30.78
C GLN A 114 15.80 5.40 -30.66
N LEU A 115 15.28 5.25 -29.45
CA LEU A 115 13.84 5.30 -29.24
C LEU A 115 13.38 6.76 -29.12
N GLY A 116 14.34 7.68 -29.24
CA GLY A 116 14.03 9.09 -29.17
C GLY A 116 13.89 9.67 -27.77
N LEU A 117 14.48 9.00 -26.79
CA LEU A 117 14.40 9.44 -25.41
C LEU A 117 15.77 9.70 -24.78
N ASP A 118 15.75 10.34 -23.62
CA ASP A 118 16.96 10.66 -22.89
C ASP A 118 16.98 9.78 -21.63
N ILE A 119 17.90 8.82 -21.59
CA ILE A 119 18.00 7.89 -20.47
C ILE A 119 18.27 8.62 -19.16
N GLU A 120 18.96 9.74 -19.24
CA GLU A 120 19.30 10.53 -18.07
C GLU A 120 18.04 11.14 -17.44
N GLU A 121 17.07 11.54 -18.26
CA GLU A 121 15.84 12.09 -17.74
C GLU A 121 14.95 10.99 -17.18
N LEU A 122 15.00 9.80 -17.79
CA LEU A 122 14.22 8.67 -17.31
C LEU A 122 14.73 8.30 -15.92
N GLU A 123 16.05 8.30 -15.78
CA GLU A 123 16.68 7.96 -14.51
C GLU A 123 16.29 8.87 -13.34
N GLU A 124 16.04 10.15 -13.63
CA GLU A 124 15.66 11.11 -12.60
C GLU A 124 14.26 10.90 -12.04
N ILE A 125 13.50 10.02 -12.67
CA ILE A 125 12.15 9.69 -12.23
C ILE A 125 12.17 8.83 -10.97
N GLU A 126 13.18 7.96 -10.88
CA GLU A 126 13.32 7.03 -9.77
C GLU A 126 13.47 7.67 -8.40
N GLU A 127 12.65 7.21 -7.46
CA GLU A 127 12.72 7.70 -6.10
C GLU A 127 13.92 7.04 -5.43
N ASP A 128 14.61 7.77 -4.58
CA ASP A 128 15.74 7.19 -3.85
C ASP A 128 15.14 6.24 -2.83
N ALA A 129 15.86 5.16 -2.55
CA ALA A 129 15.44 4.25 -1.51
C ALA A 129 16.21 4.83 -0.32
N GLY A 130 15.70 5.94 0.21
CA GLY A 130 16.34 6.60 1.33
C GLY A 130 16.01 5.98 2.67
N LEU A 131 16.23 4.67 2.81
CA LEU A 131 15.93 3.98 4.05
C LEU A 131 17.11 4.06 5.02
N GLY A 132 17.70 5.25 5.11
CA GLY A 132 18.83 5.47 5.98
C GLY A 132 19.02 6.94 6.29
N ASN A 133 19.78 7.23 7.33
CA ASN A 133 20.05 8.60 7.77
C ASN A 133 21.31 9.19 7.17
N GLY A 134 22.36 8.38 7.11
CA GLY A 134 23.62 8.86 6.59
C GLY A 134 24.67 7.77 6.47
N GLY A 135 25.83 8.01 7.08
CA GLY A 135 26.94 7.08 7.01
C GLY A 135 26.65 5.63 7.41
N LEU A 136 25.96 5.43 8.51
CA LEU A 136 25.65 4.09 8.99
C LEU A 136 24.86 3.32 7.93
N GLY A 137 23.80 3.94 7.42
CA GLY A 137 22.97 3.29 6.40
C GLY A 137 23.68 3.11 5.07
N ARG A 138 24.47 4.11 4.68
CA ARG A 138 25.18 4.04 3.41
C ARG A 138 26.25 2.95 3.45
N LEU A 139 26.82 2.70 4.63
CA LEU A 139 27.84 1.67 4.75
C LEU A 139 27.23 0.30 4.48
N ALA A 140 26.02 0.09 4.97
CA ALA A 140 25.30 -1.17 4.78
C ALA A 140 25.07 -1.38 3.29
N ALA A 141 24.69 -0.29 2.60
CA ALA A 141 24.44 -0.32 1.16
C ALA A 141 25.71 -0.67 0.39
N CYS A 142 26.81 -0.02 0.72
CA CYS A 142 28.08 -0.30 0.04
C CYS A 142 28.53 -1.73 0.30
N PHE A 143 28.30 -2.20 1.53
CA PHE A 143 28.67 -3.55 1.90
C PHE A 143 27.92 -4.59 1.07
N LEU A 144 26.62 -4.39 0.88
CA LEU A 144 25.83 -5.33 0.09
C LEU A 144 26.44 -5.45 -1.30
N ASP A 145 26.79 -4.32 -1.89
CA ASP A 145 27.37 -4.32 -3.23
C ASP A 145 28.70 -5.08 -3.25
N SER A 146 29.56 -4.81 -2.27
CA SER A 146 30.86 -5.47 -2.20
C SER A 146 30.72 -6.97 -1.99
N MET A 147 29.85 -7.37 -1.07
CA MET A 147 29.64 -8.78 -0.79
C MET A 147 29.10 -9.52 -2.02
N ALA A 148 28.26 -8.87 -2.81
CA ALA A 148 27.74 -9.51 -4.01
C ALA A 148 28.88 -9.62 -5.04
N THR A 149 29.71 -8.58 -5.10
CA THR A 149 30.81 -8.56 -6.05
C THR A 149 31.88 -9.58 -5.67
N LEU A 150 32.05 -9.82 -4.36
CA LEU A 150 33.01 -10.81 -3.89
C LEU A 150 32.41 -12.22 -3.90
N GLY A 151 31.17 -12.31 -4.39
CA GLY A 151 30.49 -13.59 -4.49
C GLY A 151 30.18 -14.29 -3.18
N LEU A 152 29.96 -13.52 -2.12
CA LEU A 152 29.67 -14.09 -0.81
C LEU A 152 28.19 -14.39 -0.68
N ALA A 153 27.86 -15.45 0.06
CA ALA A 153 26.46 -15.81 0.26
C ALA A 153 25.94 -14.88 1.35
N ALA A 154 25.76 -13.61 1.01
CA ALA A 154 25.32 -12.59 1.95
C ALA A 154 23.88 -12.12 1.76
N TYR A 155 23.28 -11.76 2.87
CA TYR A 155 21.90 -11.27 2.91
C TYR A 155 21.80 -10.02 3.76
N GLY A 156 21.06 -9.04 3.26
CA GLY A 156 20.84 -7.83 4.01
C GLY A 156 19.45 -7.94 4.61
N TYR A 157 19.33 -7.69 5.90
CA TYR A 157 18.05 -7.74 6.58
C TYR A 157 17.73 -6.41 7.25
N GLY A 158 16.64 -5.80 6.82
CA GLY A 158 16.23 -4.53 7.38
C GLY A 158 14.73 -4.33 7.36
N ILE A 159 14.31 -3.08 7.53
CA ILE A 159 12.90 -2.73 7.53
C ILE A 159 12.51 -1.98 6.26
N ARG A 160 11.37 -2.36 5.69
CA ARG A 160 10.86 -1.69 4.51
C ARG A 160 9.98 -0.53 5.00
N TYR A 161 10.63 0.60 5.31
CA TYR A 161 9.93 1.78 5.80
C TYR A 161 9.06 2.33 4.68
N GLU A 162 7.80 2.62 5.00
CA GLU A 162 6.90 3.19 4.01
C GLU A 162 7.40 4.59 3.65
N TYR A 163 8.04 5.23 4.62
CA TYR A 163 8.61 6.56 4.44
C TYR A 163 10.04 6.54 4.93
N GLY A 164 10.97 6.91 4.04
CA GLY A 164 12.38 6.95 4.41
C GLY A 164 12.76 8.29 5.00
N ILE A 165 14.04 8.65 4.93
CA ILE A 165 14.51 9.92 5.44
C ILE A 165 13.74 11.02 4.71
N PHE A 166 13.11 11.91 5.46
CA PHE A 166 12.31 12.98 4.89
C PHE A 166 12.97 13.80 3.78
N ASN A 167 12.15 14.33 2.87
CA ASN A 167 12.66 15.19 1.81
C ASN A 167 12.80 16.57 2.45
N GLN A 168 13.95 17.22 2.23
CA GLN A 168 14.18 18.52 2.84
C GLN A 168 13.94 19.72 1.92
N LYS A 169 13.17 20.67 2.40
CA LYS A 169 12.90 21.91 1.67
C LYS A 169 13.47 23.04 2.52
N ILE A 170 13.71 24.18 1.90
CA ILE A 170 14.20 25.34 2.64
C ILE A 170 13.19 26.47 2.45
N ARG A 171 12.50 26.84 3.52
CA ARG A 171 11.51 27.89 3.44
C ARG A 171 11.90 29.05 4.33
N ASP A 172 12.06 30.21 3.71
CA ASP A 172 12.49 31.42 4.41
C ASP A 172 13.77 31.14 5.16
N GLY A 173 14.65 30.37 4.52
CA GLY A 173 15.94 30.05 5.09
C GLY A 173 16.00 28.89 6.06
N TRP A 174 14.84 28.41 6.49
CA TRP A 174 14.77 27.30 7.45
C TRP A 174 14.48 25.94 6.82
N GLN A 175 14.96 24.89 7.46
CA GLN A 175 14.70 23.55 6.96
C GLN A 175 13.22 23.24 7.18
N VAL A 176 12.62 22.57 6.20
CA VAL A 176 11.23 22.17 6.28
C VAL A 176 11.20 20.70 5.84
N GLU A 177 10.51 19.86 6.60
CA GLU A 177 10.44 18.45 6.25
C GLU A 177 9.18 18.10 5.49
N GLU A 178 9.30 17.17 4.56
CA GLU A 178 8.17 16.68 3.79
C GLU A 178 8.29 15.15 3.77
N ALA A 179 7.17 14.47 3.87
CA ALA A 179 7.16 13.01 3.87
C ALA A 179 7.71 12.40 2.59
N ASP A 180 8.66 11.48 2.75
CA ASP A 180 9.28 10.78 1.64
C ASP A 180 8.40 9.59 1.24
N ASP A 181 7.37 9.87 0.44
CA ASP A 181 6.40 8.86 -0.03
C ASP A 181 6.97 8.10 -1.23
N TRP A 182 8.16 7.53 -1.06
CA TRP A 182 8.84 6.84 -2.15
C TRP A 182 8.15 5.66 -2.81
N LEU A 183 7.19 5.03 -2.15
CA LEU A 183 6.50 3.87 -2.73
C LEU A 183 5.18 4.22 -3.39
N ARG A 184 4.83 5.50 -3.39
CA ARG A 184 3.55 5.94 -3.96
C ARG A 184 3.17 5.35 -5.32
N TYR A 185 4.11 5.31 -6.27
CA TYR A 185 3.80 4.79 -7.61
C TYR A 185 4.31 3.38 -7.88
N GLY A 186 4.84 2.74 -6.86
CA GLY A 186 5.34 1.38 -7.03
C GLY A 186 6.84 1.29 -7.15
N ASN A 187 7.40 0.24 -6.57
CA ASN A 187 8.83 0.00 -6.61
C ASN A 187 9.08 -1.29 -7.38
N PRO A 188 9.52 -1.18 -8.65
CA PRO A 188 9.78 -2.35 -9.47
C PRO A 188 10.94 -3.20 -8.99
N TRP A 189 11.82 -2.62 -8.17
CA TRP A 189 12.99 -3.31 -7.67
C TRP A 189 12.77 -4.18 -6.43
N GLU A 190 11.54 -4.24 -5.93
CA GLU A 190 11.24 -5.07 -4.76
C GLU A 190 10.31 -6.20 -5.18
N LYS A 191 10.45 -7.34 -4.51
CA LYS A 191 9.63 -8.49 -4.78
C LYS A 191 8.99 -9.03 -3.50
N SER A 192 7.68 -8.90 -3.40
CA SER A 192 6.96 -9.40 -2.25
C SER A 192 7.10 -10.93 -2.17
N ARG A 193 7.37 -11.45 -0.97
CA ARG A 193 7.53 -12.89 -0.76
C ARG A 193 6.48 -13.37 0.23
N PRO A 194 5.22 -13.41 -0.23
CA PRO A 194 4.07 -13.84 0.58
C PRO A 194 4.30 -15.12 1.39
N GLU A 195 4.76 -16.17 0.73
CA GLU A 195 4.97 -17.44 1.41
C GLU A 195 5.94 -17.43 2.60
N PHE A 196 6.67 -16.33 2.79
CA PHE A 196 7.60 -16.27 3.92
C PHE A 196 7.16 -15.34 5.06
N MET A 197 5.90 -14.93 5.04
CA MET A 197 5.35 -14.06 6.08
C MET A 197 5.55 -14.73 7.44
N LEU A 198 5.68 -13.93 8.48
CA LEU A 198 5.89 -14.45 9.83
C LEU A 198 5.22 -13.59 10.89
N PRO A 199 4.90 -14.19 12.04
CA PRO A 199 4.28 -13.43 13.12
C PRO A 199 5.32 -12.93 14.12
N VAL A 200 5.13 -11.73 14.63
CA VAL A 200 6.04 -11.16 15.62
C VAL A 200 5.16 -10.83 16.81
N HIS A 201 5.68 -11.07 18.02
CA HIS A 201 4.94 -10.86 19.25
C HIS A 201 5.40 -9.68 20.09
N PHE A 202 4.45 -9.05 20.77
CA PHE A 202 4.70 -7.89 21.62
C PHE A 202 3.87 -7.94 22.91
N TYR A 203 4.33 -7.23 23.93
CA TYR A 203 3.68 -7.17 25.23
C TYR A 203 3.41 -8.56 25.81
N GLY A 204 2.19 -8.79 26.28
CA GLY A 204 1.85 -10.08 26.86
C GLY A 204 2.52 -10.31 28.20
N LYS A 205 2.56 -11.58 28.60
CA LYS A 205 3.17 -12.01 29.86
C LYS A 205 3.85 -13.37 29.70
N VAL A 206 4.59 -13.78 30.72
CA VAL A 206 5.34 -15.03 30.70
C VAL A 206 5.02 -16.01 31.82
N GLU A 207 4.92 -17.30 31.47
CA GLU A 207 4.65 -18.35 32.44
C GLU A 207 5.76 -19.38 32.33
N HIS A 208 6.33 -19.75 33.47
CA HIS A 208 7.41 -20.73 33.49
C HIS A 208 6.84 -22.11 33.85
N THR A 209 6.19 -22.71 32.88
CA THR A 209 5.54 -24.02 33.03
C THR A 209 6.53 -25.18 33.05
N ASN A 210 6.01 -26.40 33.21
CA ASN A 210 6.86 -27.57 33.24
C ASN A 210 7.13 -28.14 31.86
N THR A 211 6.81 -27.36 30.83
CA THR A 211 7.07 -27.76 29.44
C THR A 211 7.80 -26.57 28.82
N GLY A 212 8.57 -25.85 29.62
CA GLY A 212 9.32 -24.69 29.17
C GLY A 212 8.63 -23.39 29.52
N THR A 213 9.28 -22.26 29.31
CA THR A 213 8.66 -20.98 29.62
C THR A 213 7.88 -20.51 28.40
N LYS A 214 6.63 -20.09 28.63
CA LYS A 214 5.79 -19.64 27.52
C LYS A 214 5.51 -18.16 27.62
N TRP A 215 5.55 -17.50 26.46
CA TRP A 215 5.28 -16.06 26.35
C TRP A 215 3.88 -16.05 25.78
N ILE A 216 2.92 -15.61 26.59
CA ILE A 216 1.51 -15.61 26.20
C ILE A 216 0.80 -14.25 26.26
N ASP A 217 -0.47 -14.27 25.88
CA ASP A 217 -1.32 -13.08 25.84
C ASP A 217 -0.72 -11.94 25.03
N THR A 218 0.13 -12.27 24.06
CA THR A 218 0.76 -11.22 23.26
C THR A 218 -0.11 -10.70 22.12
N GLN A 219 0.28 -9.54 21.61
CA GLN A 219 -0.39 -8.93 20.48
C GLN A 219 0.51 -9.34 19.32
N VAL A 220 -0.09 -9.74 18.21
CA VAL A 220 0.70 -10.19 17.08
C VAL A 220 0.70 -9.21 15.91
N VAL A 221 1.87 -9.09 15.28
CA VAL A 221 2.03 -8.22 14.13
C VAL A 221 2.69 -9.07 13.06
N LEU A 222 2.14 -9.09 11.86
CA LEU A 222 2.70 -9.87 10.78
C LEU A 222 3.88 -9.15 10.14
N ALA A 223 4.88 -9.92 9.74
CA ALA A 223 6.06 -9.37 9.08
C ALA A 223 6.09 -9.93 7.66
N LEU A 224 5.83 -9.08 6.68
CA LEU A 224 5.83 -9.46 5.28
C LEU A 224 7.15 -9.08 4.63
N PRO A 225 7.93 -10.07 4.20
CA PRO A 225 9.22 -9.79 3.58
C PRO A 225 9.15 -9.37 2.11
N TYR A 226 10.05 -8.46 1.74
CA TYR A 226 10.16 -7.96 0.36
C TYR A 226 11.64 -8.09 -0.01
N ASP A 227 11.91 -8.84 -1.08
CA ASP A 227 13.27 -9.05 -1.54
C ASP A 227 13.69 -8.11 -2.67
N THR A 228 14.88 -7.53 -2.52
CA THR A 228 15.43 -6.66 -3.55
C THR A 228 16.76 -7.28 -4.00
N PRO A 229 16.94 -7.47 -5.31
CA PRO A 229 18.18 -8.06 -5.83
C PRO A 229 19.38 -7.15 -5.66
N VAL A 230 20.51 -7.76 -5.31
CA VAL A 230 21.77 -7.06 -5.13
C VAL A 230 22.77 -7.68 -6.10
N PRO A 231 22.93 -7.06 -7.27
CA PRO A 231 23.85 -7.55 -8.30
C PRO A 231 25.32 -7.31 -8.05
N GLY A 232 26.11 -8.38 -8.14
CA GLY A 232 27.54 -8.23 -7.96
C GLY A 232 28.07 -7.57 -9.24
N TYR A 233 29.22 -6.92 -9.16
CA TYR A 233 29.78 -6.28 -10.34
C TYR A 233 30.35 -7.30 -11.33
N MET A 234 29.72 -7.38 -12.51
CA MET A 234 30.15 -8.27 -13.58
C MET A 234 30.54 -9.70 -13.16
N ASN A 235 29.70 -10.38 -12.40
CA ASN A 235 30.06 -11.74 -11.97
C ASN A 235 28.90 -12.73 -11.88
N ASN A 236 27.74 -12.38 -12.40
CA ASN A 236 26.60 -13.29 -12.34
C ASN A 236 26.06 -13.59 -10.94
N THR A 237 26.59 -12.95 -9.92
CA THR A 237 26.07 -13.16 -8.59
C THR A 237 25.00 -12.12 -8.33
N VAL A 238 23.88 -12.55 -7.75
CA VAL A 238 22.81 -11.64 -7.40
C VAL A 238 22.32 -12.04 -6.02
N ASN A 239 22.69 -11.25 -5.03
CA ASN A 239 22.30 -11.53 -3.65
C ASN A 239 20.95 -10.92 -3.31
N THR A 240 20.55 -11.03 -2.05
CA THR A 240 19.26 -10.51 -1.64
C THR A 240 19.26 -9.59 -0.44
N MET A 241 18.45 -8.54 -0.54
CA MET A 241 18.25 -7.62 0.56
C MET A 241 16.78 -7.87 0.89
N ARG A 242 16.53 -8.43 2.06
CA ARG A 242 15.17 -8.73 2.48
C ARG A 242 14.72 -7.71 3.54
N LEU A 243 13.72 -6.93 3.17
CA LEU A 243 13.17 -5.87 4.03
C LEU A 243 11.76 -6.25 4.49
N TRP A 244 11.51 -6.09 5.78
CA TRP A 244 10.20 -6.45 6.35
C TRP A 244 9.24 -5.29 6.56
N SER A 245 7.97 -5.53 6.31
CA SER A 245 6.90 -4.55 6.51
C SER A 245 5.91 -5.14 7.49
N ALA A 246 5.42 -4.30 8.40
CA ALA A 246 4.46 -4.73 9.40
C ALA A 246 3.04 -4.70 8.86
N ARG A 247 2.26 -5.71 9.23
CA ARG A 247 0.88 -5.81 8.78
C ARG A 247 0.03 -6.41 9.91
N ALA A 248 -1.21 -5.95 10.04
CA ALA A 248 -2.09 -6.44 11.08
C ALA A 248 -2.59 -7.85 10.76
N PRO A 249 -2.69 -8.71 11.79
CA PRO A 249 -3.17 -10.08 11.62
C PRO A 249 -4.60 -10.06 11.09
N TYR A 262 -16.92 -1.68 14.60
CA TYR A 262 -16.28 -2.38 13.46
C TYR A 262 -15.38 -1.47 12.64
N ILE A 263 -15.90 -0.31 12.23
CA ILE A 263 -15.11 0.62 11.43
C ILE A 263 -13.83 1.02 12.16
N GLN A 264 -13.97 1.41 13.42
CA GLN A 264 -12.82 1.81 14.22
C GLN A 264 -11.82 0.66 14.33
N ALA A 265 -12.33 -0.55 14.50
CA ALA A 265 -11.47 -1.71 14.61
C ALA A 265 -10.64 -1.87 13.34
N VAL A 266 -11.30 -1.72 12.18
CA VAL A 266 -10.59 -1.84 10.92
C VAL A 266 -9.54 -0.73 10.82
N LEU A 267 -9.94 0.50 11.12
CA LEU A 267 -9.02 1.62 11.08
C LEU A 267 -7.84 1.41 12.03
N ASP A 268 -8.09 0.83 13.20
CA ASP A 268 -7.02 0.61 14.16
C ASP A 268 -5.94 -0.37 13.72
N ARG A 269 -6.13 -1.01 12.57
CA ARG A 269 -5.11 -1.92 12.06
C ARG A 269 -3.88 -1.07 11.73
N ASN A 270 -4.10 0.25 11.58
CA ASN A 270 -3.04 1.22 11.29
C ASN A 270 -1.95 1.18 12.36
N LEU A 271 -2.34 0.91 13.60
CA LEU A 271 -1.42 0.87 14.72
C LEU A 271 -0.28 -0.14 14.52
N ALA A 272 -0.61 -1.36 14.12
CA ALA A 272 0.40 -2.39 13.90
C ALA A 272 1.27 -1.98 12.72
N GLU A 273 0.63 -1.49 11.67
CA GLU A 273 1.33 -1.09 10.47
C GLU A 273 2.24 0.10 10.68
N ASN A 274 2.00 0.87 11.74
CA ASN A 274 2.84 2.02 12.06
C ASN A 274 4.27 1.60 12.42
N ILE A 275 4.45 0.34 12.80
CA ILE A 275 5.79 -0.13 13.17
C ILE A 275 6.83 0.05 12.06
N SER A 276 6.46 -0.22 10.82
CA SER A 276 7.41 -0.05 9.71
C SER A 276 7.04 1.17 8.86
N ARG A 277 6.33 2.10 9.46
CA ARG A 277 5.87 3.28 8.77
C ARG A 277 6.93 4.30 8.39
N VAL A 278 7.76 4.69 9.35
CA VAL A 278 8.78 5.70 9.14
C VAL A 278 10.14 5.41 9.76
N LEU A 279 11.18 5.86 9.07
CA LEU A 279 12.54 5.72 9.55
C LEU A 279 12.79 6.84 10.56
N TYR A 280 13.32 6.51 11.74
CA TYR A 280 13.63 7.55 12.72
C TYR A 280 14.78 8.35 12.12
N PRO A 281 14.53 9.64 11.84
CA PRO A 281 15.49 10.58 11.25
C PRO A 281 16.67 11.06 12.07
N ASN A 282 17.11 10.27 13.06
CA ASN A 282 18.23 10.68 13.90
C ASN A 282 19.57 10.10 13.47
N ASP A 283 20.57 10.97 13.41
CA ASP A 283 21.92 10.57 13.05
C ASP A 283 22.73 10.83 14.31
N ASN A 284 23.40 9.80 14.81
CA ASN A 284 24.20 9.91 16.03
C ASN A 284 23.47 10.54 17.22
N PHE A 285 22.23 10.11 17.44
CA PHE A 285 21.43 10.59 18.56
C PHE A 285 20.39 9.56 18.94
N PHE A 286 20.39 9.14 20.20
CA PHE A 286 19.44 8.15 20.67
C PHE A 286 18.15 8.80 21.16
N GLU A 287 17.03 8.31 20.63
CA GLU A 287 15.70 8.79 21.00
C GLU A 287 14.97 7.53 21.46
N GLY A 288 14.82 7.37 22.77
CA GLY A 288 14.17 6.19 23.32
C GLY A 288 12.66 6.11 23.25
N LYS A 289 12.10 6.25 22.06
CA LYS A 289 10.66 6.15 21.88
C LYS A 289 10.23 4.68 21.79
N GLU A 290 9.07 4.38 22.37
CA GLU A 290 8.57 3.01 22.34
C GLU A 290 8.40 2.48 20.92
N LEU A 291 7.96 3.34 20.00
CA LEU A 291 7.76 2.92 18.62
C LEU A 291 9.08 2.46 17.99
N ARG A 292 10.16 3.12 18.38
CA ARG A 292 11.49 2.77 17.89
C ARG A 292 11.88 1.39 18.44
N LEU A 293 11.60 1.14 19.71
CA LEU A 293 11.92 -0.16 20.31
C LEU A 293 11.15 -1.23 19.56
N LYS A 294 9.90 -0.93 19.18
CA LYS A 294 9.09 -1.89 18.46
C LYS A 294 9.69 -2.22 17.10
N GLN A 295 10.25 -1.21 16.43
CA GLN A 295 10.87 -1.43 15.12
C GLN A 295 12.06 -2.36 15.26
N GLU A 296 12.87 -2.10 16.28
CA GLU A 296 14.06 -2.90 16.54
C GLU A 296 13.71 -4.36 16.79
N TYR A 297 12.74 -4.63 17.66
CA TYR A 297 12.38 -6.02 17.90
C TYR A 297 11.75 -6.61 16.64
N PHE A 298 10.96 -5.81 15.95
CA PHE A 298 10.31 -6.25 14.71
C PHE A 298 11.32 -6.84 13.72
N VAL A 299 12.34 -6.08 13.35
CA VAL A 299 13.34 -6.58 12.39
C VAL A 299 14.02 -7.83 12.91
N VAL A 300 14.46 -7.75 14.16
CA VAL A 300 15.15 -8.83 14.82
C VAL A 300 14.34 -10.13 14.88
N ALA A 301 13.10 -10.04 15.32
CA ALA A 301 12.26 -11.24 15.43
C ALA A 301 12.04 -11.90 14.08
N ALA A 302 11.61 -11.12 13.09
CA ALA A 302 11.38 -11.67 11.77
C ALA A 302 12.67 -12.22 11.15
N THR A 303 13.76 -11.48 11.31
CA THR A 303 15.05 -11.90 10.77
C THR A 303 15.53 -13.24 11.33
N LEU A 304 15.67 -13.32 12.65
CA LEU A 304 16.13 -14.56 13.28
C LEU A 304 15.22 -15.75 12.98
N GLN A 305 13.92 -15.55 13.02
CA GLN A 305 13.02 -16.67 12.73
C GLN A 305 13.21 -17.13 11.29
N ASP A 306 13.38 -16.18 10.37
CA ASP A 306 13.57 -16.51 8.96
C ASP A 306 14.93 -17.20 8.77
N ILE A 307 15.93 -16.76 9.52
CA ILE A 307 17.26 -17.36 9.43
C ILE A 307 17.23 -18.82 9.93
N ILE A 308 16.53 -19.06 11.03
CA ILE A 308 16.43 -20.41 11.58
C ILE A 308 15.64 -21.31 10.64
N ARG A 309 14.54 -20.78 10.11
CA ARG A 309 13.73 -21.56 9.18
C ARG A 309 14.61 -22.03 8.02
N ARG A 310 15.39 -21.10 7.45
CA ARG A 310 16.28 -21.42 6.33
C ARG A 310 17.29 -22.48 6.75
N PHE A 311 17.85 -22.34 7.94
CA PHE A 311 18.81 -23.31 8.45
C PHE A 311 18.21 -24.71 8.53
N LYS A 312 17.08 -24.81 9.23
CA LYS A 312 16.38 -26.07 9.43
C LYS A 312 15.84 -26.67 8.15
N ALA A 313 15.95 -25.94 7.05
CA ALA A 313 15.47 -26.42 5.77
C ALA A 313 16.66 -26.83 4.91
N SER A 314 17.84 -26.33 5.29
CA SER A 314 19.05 -26.62 4.54
C SER A 314 19.41 -28.11 4.53
N LYS A 315 18.73 -28.88 5.38
CA LYS A 315 19.00 -30.32 5.45
C LYS A 315 20.46 -30.56 5.83
N PHE A 316 21.09 -29.52 6.36
CA PHE A 316 22.48 -29.57 6.79
C PHE A 316 22.81 -30.95 7.35
N GLY A 317 24.10 -31.28 7.38
CA GLY A 317 24.51 -32.57 7.89
C GLY A 317 23.57 -33.06 8.99
N SER A 318 22.93 -34.20 8.75
CA SER A 318 22.01 -34.81 9.71
C SER A 318 21.08 -33.81 10.39
N THR A 319 19.81 -33.79 9.96
CA THR A 319 18.83 -32.89 10.55
C THR A 319 18.21 -33.54 11.77
N ARG A 320 18.83 -34.63 12.24
CA ARG A 320 18.37 -35.40 13.41
C ARG A 320 17.34 -34.55 14.15
N GLY A 321 16.18 -35.12 14.45
CA GLY A 321 15.14 -34.37 15.14
C GLY A 321 15.51 -33.68 16.44
N ALA A 322 14.48 -33.11 17.08
CA ALA A 322 14.61 -32.43 18.37
C ALA A 322 15.75 -31.44 18.48
N ALA A 323 16.92 -31.94 18.88
CA ALA A 323 18.07 -31.05 19.03
C ALA A 323 18.50 -30.59 17.64
N THR A 324 18.10 -31.37 16.64
CA THR A 324 18.42 -31.11 15.23
C THR A 324 19.79 -30.47 14.99
N VAL A 325 20.75 -30.84 15.82
CA VAL A 325 22.09 -30.31 15.65
C VAL A 325 22.26 -28.90 16.16
N PHE A 326 21.95 -27.91 15.33
CA PHE A 326 22.13 -26.52 15.72
C PHE A 326 23.57 -26.31 16.18
N ASP A 327 24.34 -27.39 16.23
CA ASP A 327 25.72 -27.31 16.63
C ASP A 327 26.46 -26.76 15.43
N ALA A 328 25.92 -26.98 14.23
CA ALA A 328 26.54 -26.47 13.02
C ALA A 328 25.99 -25.11 12.65
N PHE A 329 25.01 -24.63 13.40
CA PHE A 329 24.39 -23.33 13.14
C PHE A 329 25.45 -22.24 12.97
N PRO A 330 26.40 -22.14 13.92
CA PRO A 330 27.47 -21.14 13.87
C PRO A 330 28.43 -21.32 12.69
N ASP A 331 28.47 -22.52 12.13
CA ASP A 331 29.35 -22.78 10.99
C ASP A 331 28.64 -22.47 9.68
N GLN A 332 27.33 -22.29 9.77
CA GLN A 332 26.51 -22.01 8.60
C GLN A 332 25.89 -20.61 8.63
N VAL A 333 25.97 -19.96 9.78
CA VAL A 333 25.38 -18.65 9.96
C VAL A 333 26.26 -17.64 10.70
N ALA A 334 26.31 -16.44 10.16
CA ALA A 334 27.04 -15.33 10.76
C ALA A 334 26.08 -14.14 10.68
N ILE A 335 25.87 -13.46 11.81
CA ILE A 335 24.97 -12.32 11.85
C ILE A 335 25.74 -11.11 12.36
N GLN A 336 25.85 -10.08 11.53
CA GLN A 336 26.58 -8.88 11.91
C GLN A 336 25.60 -7.81 12.41
N LEU A 337 25.82 -7.37 13.63
CA LEU A 337 24.98 -6.36 14.24
C LEU A 337 25.50 -4.98 13.86
N ASN A 338 24.76 -4.30 12.98
CA ASN A 338 25.16 -2.97 12.54
C ASN A 338 24.77 -2.03 13.68
N ASP A 339 25.73 -1.78 14.56
CA ASP A 339 25.52 -0.96 15.74
C ASP A 339 24.61 -1.71 16.71
N THR A 340 24.20 -1.07 17.80
CA THR A 340 23.35 -1.71 18.81
C THR A 340 21.85 -1.71 18.52
N HIS A 341 21.44 -1.07 17.43
CA HIS A 341 20.03 -0.99 17.09
C HIS A 341 19.36 -2.36 17.06
N PRO A 342 20.05 -3.40 16.56
CA PRO A 342 19.42 -4.72 16.54
C PRO A 342 19.94 -5.61 17.68
N ALA A 343 20.38 -4.97 18.75
CA ALA A 343 20.92 -5.71 19.91
C ALA A 343 19.99 -6.81 20.42
N LEU A 344 18.68 -6.57 20.34
CA LEU A 344 17.71 -7.55 20.80
C LEU A 344 17.85 -8.90 20.10
N ALA A 345 18.59 -8.92 19.01
CA ALA A 345 18.81 -10.17 18.28
C ALA A 345 19.46 -11.22 19.18
N ILE A 346 20.33 -10.79 20.08
CA ILE A 346 21.02 -11.69 20.99
C ILE A 346 20.02 -12.39 21.92
N PRO A 347 19.26 -11.63 22.72
CA PRO A 347 18.30 -12.31 23.61
C PRO A 347 17.20 -13.03 22.83
N GLU A 348 16.96 -12.61 21.59
CA GLU A 348 15.93 -13.26 20.77
C GLU A 348 16.38 -14.65 20.29
N LEU A 349 17.64 -14.78 19.91
CA LEU A 349 18.15 -16.07 19.48
C LEU A 349 18.11 -17.01 20.68
N MET A 350 18.54 -16.52 21.85
CA MET A 350 18.51 -17.31 23.07
C MET A 350 17.08 -17.77 23.36
N ARG A 351 16.11 -16.87 23.20
CA ARG A 351 14.71 -17.22 23.44
C ARG A 351 14.28 -18.36 22.52
N ILE A 352 14.63 -18.27 21.25
CA ILE A 352 14.27 -19.31 20.30
C ILE A 352 14.94 -20.63 20.65
N PHE A 353 16.25 -20.58 20.91
CA PHE A 353 17.02 -21.78 21.26
C PHE A 353 16.50 -22.45 22.54
N VAL A 354 16.25 -21.65 23.57
CA VAL A 354 15.79 -22.15 24.84
C VAL A 354 14.29 -22.46 24.96
N ASP A 355 13.45 -21.45 24.82
CA ASP A 355 12.00 -21.62 24.95
C ASP A 355 11.29 -22.43 23.86
N ILE A 356 11.80 -22.37 22.65
CA ILE A 356 11.18 -23.07 21.53
C ILE A 356 11.92 -24.32 21.09
N GLU A 357 13.23 -24.20 20.90
CA GLU A 357 14.03 -25.34 20.49
C GLU A 357 14.47 -26.20 21.68
N LYS A 358 14.13 -25.76 22.88
CA LYS A 358 14.43 -26.52 24.08
C LYS A 358 15.90 -26.88 24.30
N LEU A 359 16.82 -26.03 23.84
CA LEU A 359 18.23 -26.31 24.05
C LEU A 359 18.62 -25.85 25.45
N PRO A 360 19.64 -26.51 26.05
CA PRO A 360 20.05 -26.08 27.39
C PRO A 360 20.71 -24.70 27.28
N TRP A 361 20.51 -23.88 28.31
CA TRP A 361 21.05 -22.53 28.32
C TRP A 361 22.53 -22.44 27.91
N SER A 362 23.38 -23.20 28.58
CA SER A 362 24.82 -23.16 28.28
C SER A 362 25.10 -23.38 26.81
N LYS A 363 24.37 -24.31 26.19
CA LYS A 363 24.58 -24.61 24.78
C LYS A 363 24.11 -23.42 23.91
N ALA A 364 22.92 -22.93 24.20
CA ALA A 364 22.35 -21.81 23.47
C ALA A 364 23.29 -20.62 23.50
N TRP A 365 23.79 -20.29 24.70
CA TRP A 365 24.70 -19.17 24.85
C TRP A 365 25.96 -19.34 24.03
N GLU A 366 26.48 -20.57 23.99
CA GLU A 366 27.68 -20.87 23.22
C GLU A 366 27.46 -20.58 21.73
N LEU A 367 26.39 -21.17 21.19
CA LEU A 367 26.04 -21.00 19.80
C LEU A 367 25.73 -19.55 19.47
N THR A 368 25.15 -18.85 20.44
CA THR A 368 24.81 -17.44 20.27
C THR A 368 26.04 -16.56 20.08
N GLN A 369 27.03 -16.70 20.96
CA GLN A 369 28.24 -15.90 20.82
C GLN A 369 28.98 -16.20 19.52
N LYS A 370 28.99 -17.45 19.12
CA LYS A 370 29.67 -17.83 17.89
C LYS A 370 28.96 -17.30 16.65
N THR A 371 27.67 -16.99 16.79
CA THR A 371 26.86 -16.47 15.68
C THR A 371 26.98 -14.96 15.48
N PHE A 372 26.87 -14.22 16.57
CA PHE A 372 26.91 -12.76 16.50
C PHE A 372 28.27 -12.08 16.58
N ALA A 373 28.34 -10.94 15.90
CA ALA A 373 29.51 -10.07 15.87
C ALA A 373 28.87 -8.68 15.89
N TYR A 374 29.48 -7.77 16.64
CA TYR A 374 28.97 -6.42 16.81
C TYR A 374 29.90 -5.33 16.30
N THR A 375 29.37 -4.40 15.52
CA THR A 375 30.15 -3.29 15.00
C THR A 375 29.72 -2.01 15.72
N ASN A 376 30.66 -1.34 16.36
CA ASN A 376 30.39 -0.08 17.05
C ASN A 376 30.70 1.09 16.11
N HIS A 377 29.75 2.01 15.95
CA HIS A 377 29.96 3.18 15.08
C HIS A 377 29.73 4.47 15.85
N THR A 378 29.62 4.40 17.17
CA THR A 378 29.32 5.62 17.90
C THR A 378 30.36 6.18 18.85
N VAL A 379 30.28 7.49 19.06
CA VAL A 379 31.21 8.19 19.94
C VAL A 379 30.49 8.97 21.03
N LEU A 380 29.66 9.93 20.61
CA LEU A 380 28.95 10.82 21.52
C LEU A 380 28.05 10.11 22.51
N PRO A 381 28.07 10.57 23.77
CA PRO A 381 27.26 10.02 24.85
C PRO A 381 25.79 10.00 24.48
N GLU A 382 25.35 11.02 23.75
CA GLU A 382 23.95 11.14 23.35
C GLU A 382 23.52 10.13 22.29
N ALA A 383 24.47 9.44 21.65
CA ALA A 383 24.12 8.45 20.63
C ALA A 383 23.89 7.06 21.21
N LEU A 384 24.44 6.80 22.39
CA LEU A 384 24.35 5.49 23.04
C LEU A 384 22.92 5.04 23.36
N GLU A 385 22.59 3.81 22.97
CA GLU A 385 21.27 3.27 23.21
C GLU A 385 21.17 2.73 24.64
N ARG A 386 20.24 3.27 25.41
CA ARG A 386 20.05 2.83 26.80
C ARG A 386 18.56 2.84 27.09
N TRP A 387 17.91 1.70 26.87
CA TRP A 387 16.48 1.59 27.10
C TRP A 387 16.13 1.38 28.55
N PRO A 388 15.13 2.13 29.06
CA PRO A 388 14.74 1.96 30.46
C PRO A 388 14.12 0.58 30.61
N VAL A 389 14.46 -0.11 31.70
CA VAL A 389 13.96 -1.45 31.91
C VAL A 389 12.43 -1.53 31.91
N ASP A 390 11.76 -0.59 32.56
CA ASP A 390 10.30 -0.57 32.63
C ASP A 390 9.67 -0.71 31.25
N LEU A 391 10.19 0.04 30.28
CA LEU A 391 9.68 -0.01 28.92
C LEU A 391 9.87 -1.43 28.36
N VAL A 392 11.09 -1.94 28.43
CA VAL A 392 11.37 -3.28 27.92
C VAL A 392 10.54 -4.34 28.64
N GLU A 393 10.31 -4.15 29.94
CA GLU A 393 9.50 -5.11 30.70
C GLU A 393 8.08 -5.19 30.17
N LYS A 394 7.54 -4.03 29.82
CA LYS A 394 6.18 -3.95 29.31
C LYS A 394 6.04 -4.52 27.91
N LEU A 395 6.99 -4.19 27.04
CA LEU A 395 6.93 -4.63 25.65
C LEU A 395 7.52 -6.01 25.40
N LEU A 396 8.64 -6.31 26.04
CA LEU A 396 9.33 -7.59 25.85
C LEU A 396 9.71 -8.25 27.17
N PRO A 397 8.70 -8.58 28.01
CA PRO A 397 8.97 -9.22 29.30
C PRO A 397 9.94 -10.40 29.27
N ARG A 398 9.74 -11.32 28.32
CA ARG A 398 10.61 -12.47 28.23
C ARG A 398 12.05 -12.10 27.89
N HIS A 399 12.23 -11.06 27.09
CA HIS A 399 13.58 -10.65 26.73
C HIS A 399 14.29 -9.99 27.91
N LEU A 400 13.54 -9.29 28.76
CA LEU A 400 14.14 -8.64 29.93
C LEU A 400 14.67 -9.72 30.87
N GLU A 401 13.93 -10.81 31.00
CA GLU A 401 14.34 -11.94 31.84
C GLU A 401 15.63 -12.50 31.31
N ILE A 402 15.65 -12.77 30.00
CA ILE A 402 16.83 -13.33 29.35
C ILE A 402 18.03 -12.38 29.47
N ILE A 403 17.76 -11.07 29.47
CA ILE A 403 18.84 -10.10 29.59
C ILE A 403 19.38 -10.11 31.02
N TYR A 404 18.50 -10.25 32.00
CA TYR A 404 18.93 -10.30 33.39
C TYR A 404 19.78 -11.54 33.64
N GLU A 405 19.40 -12.65 33.02
CA GLU A 405 20.13 -13.91 33.19
C GLU A 405 21.52 -13.82 32.56
N ILE A 406 21.61 -13.21 31.39
CA ILE A 406 22.87 -13.03 30.70
C ILE A 406 23.78 -12.18 31.59
N ASN A 407 23.21 -11.12 32.14
CA ASN A 407 23.96 -10.22 33.01
C ASN A 407 24.41 -10.95 34.26
N GLN A 408 23.49 -11.69 34.88
CA GLN A 408 23.81 -12.45 36.10
C GLN A 408 25.01 -13.36 35.89
N LYS A 409 24.95 -14.17 34.83
CA LYS A 409 26.05 -15.08 34.53
C LYS A 409 27.30 -14.26 34.19
N HIS A 410 27.08 -13.11 33.58
CA HIS A 410 28.18 -12.23 33.20
C HIS A 410 28.92 -11.73 34.44
N LEU A 411 28.17 -11.14 35.36
CA LEU A 411 28.74 -10.59 36.58
C LEU A 411 29.33 -11.66 37.51
N ASP A 412 28.64 -12.78 37.68
CA ASP A 412 29.17 -13.84 38.53
C ASP A 412 30.63 -14.08 38.21
N ARG A 413 30.93 -14.25 36.93
CA ARG A 413 32.30 -14.51 36.52
C ARG A 413 33.28 -13.39 36.88
N ILE A 414 32.90 -12.15 36.58
CA ILE A 414 33.78 -11.04 36.91
C ILE A 414 34.08 -11.13 38.40
N VAL A 415 33.04 -11.37 39.20
CA VAL A 415 33.22 -11.52 40.64
C VAL A 415 34.19 -12.68 40.90
N ALA A 416 34.04 -13.75 40.14
CA ALA A 416 34.89 -14.91 40.28
C ALA A 416 36.33 -14.53 39.98
N LEU A 417 36.52 -13.65 39.00
CA LEU A 417 37.86 -13.21 38.60
C LEU A 417 38.38 -12.03 39.40
N PHE A 418 37.48 -11.20 39.91
CA PHE A 418 37.91 -10.03 40.67
C PHE A 418 37.13 -9.90 41.98
N PRO A 419 37.40 -10.79 42.94
CA PRO A 419 36.70 -10.76 44.22
C PRO A 419 36.68 -9.39 44.87
N LYS A 420 37.78 -8.65 44.77
CA LYS A 420 37.85 -7.34 45.43
C LYS A 420 37.70 -6.12 44.56
N ASP A 421 36.83 -6.16 43.55
CA ASP A 421 36.64 -4.98 42.70
C ASP A 421 35.16 -4.77 42.45
N VAL A 422 34.48 -4.27 43.47
CA VAL A 422 33.04 -4.02 43.39
C VAL A 422 32.65 -3.06 42.27
N ASP A 423 33.29 -1.90 42.20
CA ASP A 423 32.96 -0.92 41.18
C ASP A 423 33.09 -1.48 39.77
N ARG A 424 33.95 -2.49 39.59
CA ARG A 424 34.11 -3.08 38.27
C ARG A 424 32.77 -3.69 37.84
N LEU A 425 32.03 -4.22 38.82
CA LEU A 425 30.73 -4.81 38.55
C LEU A 425 29.73 -3.78 38.01
N ARG A 426 29.64 -2.61 38.64
CA ARG A 426 28.70 -1.62 38.13
C ARG A 426 29.14 -1.11 36.76
N ARG A 427 30.44 -1.14 36.52
CA ARG A 427 30.98 -0.69 35.25
C ARG A 427 30.68 -1.63 34.08
N MET A 428 30.70 -2.93 34.34
CA MET A 428 30.50 -3.92 33.30
C MET A 428 29.09 -4.51 33.19
N SER A 429 28.23 -4.15 34.13
CA SER A 429 26.86 -4.66 34.11
C SER A 429 26.12 -4.19 32.87
N LEU A 430 25.10 -4.94 32.47
CA LEU A 430 24.31 -4.56 31.30
C LEU A 430 23.23 -3.60 31.78
N ILE A 431 23.09 -3.48 33.10
CA ILE A 431 22.09 -2.61 33.70
C ILE A 431 22.71 -1.45 34.46
N GLU A 432 22.20 -0.24 34.23
CA GLU A 432 22.67 0.95 34.94
C GLU A 432 21.54 1.19 35.94
N GLU A 433 21.77 0.86 37.21
CA GLU A 433 20.75 1.02 38.25
C GLU A 433 20.53 2.43 38.77
N GLU A 434 21.59 3.22 38.76
CA GLU A 434 21.51 4.60 39.23
C GLU A 434 20.16 5.12 38.78
N GLY A 435 19.43 5.75 39.71
CA GLY A 435 18.12 6.28 39.39
C GLY A 435 17.39 5.38 38.42
N SER A 436 16.57 5.98 37.55
CA SER A 436 15.84 5.21 36.55
C SER A 436 16.80 4.14 36.01
N LYS A 437 16.35 2.89 35.98
CA LYS A 437 17.19 1.80 35.51
C LYS A 437 17.16 1.64 33.99
N ARG A 438 18.34 1.43 33.41
CA ARG A 438 18.44 1.28 31.97
C ARG A 438 19.36 0.16 31.55
N ILE A 439 19.14 -0.34 30.33
CA ILE A 439 19.94 -1.41 29.78
C ILE A 439 20.99 -0.83 28.83
N ASN A 440 22.24 -1.17 29.07
CA ASN A 440 23.32 -0.69 28.20
C ASN A 440 23.37 -1.69 27.05
N MET A 441 22.79 -1.31 25.90
CA MET A 441 22.73 -2.20 24.75
C MET A 441 24.10 -2.58 24.18
N ALA A 442 25.06 -1.66 24.25
CA ALA A 442 26.40 -1.97 23.73
C ALA A 442 26.99 -3.09 24.59
N HIS A 443 26.79 -3.02 25.91
CA HIS A 443 27.32 -4.06 26.80
C HIS A 443 26.71 -5.40 26.42
N LEU A 444 25.41 -5.42 26.15
CA LEU A 444 24.73 -6.65 25.75
C LEU A 444 25.36 -7.18 24.46
N CYS A 445 25.61 -6.31 23.49
CA CYS A 445 26.20 -6.74 22.23
C CYS A 445 27.60 -7.29 22.43
N ILE A 446 28.38 -6.68 23.31
CA ILE A 446 29.73 -7.14 23.55
C ILE A 446 29.78 -8.54 24.18
N VAL A 447 28.93 -8.81 25.17
CA VAL A 447 28.95 -10.12 25.82
C VAL A 447 28.30 -11.20 24.97
N GLY A 448 27.50 -10.79 23.99
CA GLY A 448 26.84 -11.78 23.15
C GLY A 448 27.52 -12.04 21.82
N SER A 449 28.59 -11.31 21.52
CA SER A 449 29.29 -11.49 20.27
C SER A 449 30.73 -11.99 20.44
N HIS A 450 31.24 -12.69 19.43
CA HIS A 450 32.60 -13.20 19.49
C HIS A 450 33.58 -12.19 18.88
N ALA A 451 33.04 -11.13 18.32
CA ALA A 451 33.85 -10.09 17.71
C ALA A 451 33.16 -8.75 17.82
N VAL A 452 33.94 -7.74 18.15
CA VAL A 452 33.44 -6.38 18.29
C VAL A 452 34.44 -5.53 17.52
N ASN A 453 33.97 -4.74 16.56
CA ASN A 453 34.88 -3.91 15.79
C ASN A 453 34.45 -2.46 15.66
N GLY A 454 35.46 -1.61 15.52
CA GLY A 454 35.25 -0.19 15.31
C GLY A 454 35.36 -0.03 13.81
N VAL A 455 35.20 1.19 13.30
CA VAL A 455 35.23 1.42 11.85
C VAL A 455 36.39 2.24 11.33
N ALA A 456 37.42 2.41 12.15
CA ALA A 456 38.62 3.15 11.79
C ALA A 456 39.64 2.95 12.91
N LYS A 457 40.91 2.81 12.55
CA LYS A 457 41.96 2.59 13.54
C LYS A 457 41.87 3.46 14.78
N ILE A 458 41.76 4.78 14.58
CA ILE A 458 41.67 5.68 15.71
C ILE A 458 40.45 5.39 16.58
N HIS A 459 39.37 5.00 15.93
CA HIS A 459 38.10 4.71 16.58
C HIS A 459 38.10 3.35 17.27
N SER A 460 38.61 2.34 16.59
CA SER A 460 38.65 1.01 17.16
C SER A 460 39.54 0.98 18.39
N ASP A 461 40.58 1.81 18.39
CA ASP A 461 41.49 1.88 19.53
C ASP A 461 40.78 2.51 20.74
N ILE A 462 40.03 3.58 20.51
CA ILE A 462 39.30 4.24 21.60
C ILE A 462 38.27 3.29 22.20
N VAL A 463 37.58 2.56 21.32
CA VAL A 463 36.56 1.61 21.74
C VAL A 463 37.16 0.50 22.60
N LYS A 464 38.29 -0.02 22.15
CA LYS A 464 38.94 -1.12 22.85
C LYS A 464 39.68 -0.74 24.13
N THR A 465 40.49 0.33 24.08
CA THR A 465 41.29 0.72 25.22
C THR A 465 40.69 1.72 26.21
N LYS A 466 39.66 2.44 25.79
CA LYS A 466 39.01 3.41 26.68
C LYS A 466 37.56 3.02 26.99
N VAL A 467 36.67 3.24 26.04
CA VAL A 467 35.25 2.94 26.22
C VAL A 467 34.94 1.57 26.80
N PHE A 468 35.58 0.53 26.28
CA PHE A 468 35.30 -0.81 26.77
C PHE A 468 36.52 -1.49 27.33
N LYS A 469 37.37 -0.71 28.00
CA LYS A 469 38.60 -1.21 28.60
C LYS A 469 38.34 -2.42 29.50
N ASP A 470 37.34 -2.32 30.37
CA ASP A 470 37.03 -3.43 31.28
C ASP A 470 36.75 -4.73 30.54
N PHE A 471 36.19 -4.65 29.34
CA PHE A 471 35.89 -5.85 28.55
C PHE A 471 37.06 -6.37 27.74
N SER A 472 37.77 -5.46 27.07
CA SER A 472 38.91 -5.85 26.24
C SER A 472 40.04 -6.49 27.06
N GLU A 473 40.29 -6.00 28.27
CA GLU A 473 41.35 -6.58 29.11
C GLU A 473 41.03 -8.04 29.35
N LEU A 474 39.76 -8.28 29.67
CA LEU A 474 39.30 -9.63 29.93
C LEU A 474 39.28 -10.47 28.65
N GLU A 475 38.91 -9.83 27.54
CA GLU A 475 38.83 -10.53 26.25
C GLU A 475 39.58 -9.73 25.18
N PRO A 476 40.91 -9.71 25.24
CA PRO A 476 41.71 -8.98 24.25
C PRO A 476 41.28 -9.27 22.82
N ASP A 477 41.60 -10.48 22.36
CA ASP A 477 41.30 -10.94 21.03
C ASP A 477 39.88 -10.68 20.51
N LYS A 478 38.97 -10.23 21.38
CA LYS A 478 37.61 -9.99 20.90
C LYS A 478 37.48 -8.73 20.02
N PHE A 479 38.14 -7.66 20.43
CA PHE A 479 38.08 -6.40 19.72
C PHE A 479 38.99 -6.32 18.50
N GLN A 480 38.44 -5.75 17.44
CA GLN A 480 39.16 -5.60 16.17
C GLN A 480 38.84 -4.26 15.54
N ASN A 481 39.52 -3.98 14.44
CA ASN A 481 39.25 -2.78 13.67
C ASN A 481 38.96 -3.25 12.25
N LYS A 482 38.06 -2.53 11.60
CA LYS A 482 37.70 -2.81 10.22
C LYS A 482 37.42 -1.43 9.66
N THR A 483 38.42 -0.86 9.01
CA THR A 483 38.27 0.48 8.45
C THR A 483 37.23 0.47 7.36
N ASN A 484 36.32 1.43 7.43
CA ASN A 484 35.24 1.56 6.47
C ASN A 484 35.78 1.67 5.06
N GLY A 485 34.85 1.55 4.13
CA GLY A 485 35.16 1.64 2.73
C GLY A 485 33.90 2.01 1.98
N ILE A 486 34.05 2.30 0.69
CA ILE A 486 32.93 2.66 -0.15
C ILE A 486 33.06 1.82 -1.42
N THR A 487 31.94 1.46 -2.03
CA THR A 487 32.00 0.66 -3.24
C THR A 487 32.43 1.51 -4.43
N PRO A 488 33.48 1.07 -5.14
CA PRO A 488 33.97 1.79 -6.31
C PRO A 488 33.04 1.68 -7.53
N ARG A 489 31.98 0.89 -7.40
CA ARG A 489 31.03 0.78 -8.50
C ARG A 489 30.17 2.04 -8.48
N ARG A 490 29.34 2.15 -7.46
CA ARG A 490 28.46 3.28 -7.30
C ARG A 490 29.24 4.60 -7.18
N TRP A 491 30.27 4.62 -6.34
CA TRP A 491 31.04 5.83 -6.13
C TRP A 491 32.21 6.14 -7.06
N LEU A 492 32.21 5.51 -8.23
CA LEU A 492 33.24 5.78 -9.24
C LEU A 492 32.71 5.46 -10.64
N LEU A 493 32.54 4.18 -10.93
CA LEU A 493 32.03 3.78 -12.24
C LEU A 493 30.70 4.43 -12.56
N LEU A 494 29.80 4.44 -11.57
CA LEU A 494 28.48 5.02 -11.76
C LEU A 494 28.44 6.55 -11.71
N CYS A 495 28.85 7.13 -10.59
CA CYS A 495 28.81 8.59 -10.44
C CYS A 495 29.82 9.40 -11.25
N ASN A 496 30.92 8.79 -11.66
CA ASN A 496 31.95 9.50 -12.42
C ASN A 496 32.46 8.69 -13.61
N PRO A 497 31.59 8.37 -14.58
CA PRO A 497 32.04 7.59 -15.74
C PRO A 497 33.26 8.18 -16.44
N GLY A 498 33.36 9.50 -16.45
CA GLY A 498 34.49 10.15 -17.09
C GLY A 498 35.81 9.77 -16.42
N LEU A 499 35.86 9.85 -15.10
CA LEU A 499 37.08 9.49 -14.39
C LEU A 499 37.35 8.01 -14.59
N ALA A 500 36.33 7.18 -14.40
CA ALA A 500 36.47 5.74 -14.57
C ALA A 500 37.06 5.39 -15.92
N GLU A 501 36.57 6.04 -16.98
CA GLU A 501 37.06 5.80 -18.34
C GLU A 501 38.54 6.16 -18.46
N LEU A 502 38.89 7.36 -17.99
CA LEU A 502 40.24 7.87 -18.04
C LEU A 502 41.22 6.90 -17.38
N ILE A 503 40.86 6.43 -16.20
CA ILE A 503 41.71 5.51 -15.45
C ILE A 503 41.82 4.17 -16.18
N ALA A 504 40.70 3.69 -16.69
CA ALA A 504 40.68 2.41 -17.41
C ALA A 504 41.61 2.47 -18.60
N GLU A 505 41.50 3.56 -19.36
CA GLU A 505 42.33 3.75 -20.54
C GLU A 505 43.81 3.67 -20.21
N LYS A 506 44.20 4.17 -19.04
CA LYS A 506 45.60 4.16 -18.64
C LYS A 506 46.09 2.86 -18.00
N ILE A 507 45.30 2.27 -17.11
CA ILE A 507 45.74 1.06 -16.41
C ILE A 507 44.87 -0.20 -16.51
N GLY A 508 43.88 -0.19 -17.40
CA GLY A 508 43.04 -1.37 -17.52
C GLY A 508 41.86 -1.29 -16.57
N GLU A 509 40.95 -2.26 -16.67
CA GLU A 509 39.75 -2.29 -15.85
C GLU A 509 39.87 -3.11 -14.57
N ASP A 510 41.02 -3.71 -14.34
CA ASP A 510 41.20 -4.51 -13.16
C ASP A 510 40.90 -3.80 -11.85
N TYR A 511 41.17 -2.49 -11.80
CA TYR A 511 40.96 -1.73 -10.58
C TYR A 511 39.55 -1.80 -10.00
N VAL A 512 38.54 -2.03 -10.83
CA VAL A 512 37.17 -2.09 -10.33
C VAL A 512 37.00 -3.14 -9.23
N LYS A 513 37.61 -4.31 -9.42
CA LYS A 513 37.51 -5.39 -8.44
C LYS A 513 38.67 -5.41 -7.47
N ASP A 514 39.73 -4.67 -7.79
CA ASP A 514 40.92 -4.60 -6.93
C ASP A 514 41.38 -3.15 -7.00
N LEU A 515 40.78 -2.33 -6.15
CA LEU A 515 41.07 -0.90 -6.13
C LEU A 515 42.52 -0.54 -5.82
N SER A 516 43.23 -1.43 -5.13
CA SER A 516 44.63 -1.17 -4.80
C SER A 516 45.41 -0.94 -6.09
N GLN A 517 44.86 -1.45 -7.20
CA GLN A 517 45.49 -1.30 -8.51
C GLN A 517 45.66 0.16 -8.92
N LEU A 518 44.93 1.06 -8.25
CA LEU A 518 45.04 2.47 -8.59
C LEU A 518 46.43 3.03 -8.36
N THR A 519 47.23 2.34 -7.54
CA THR A 519 48.59 2.79 -7.26
C THR A 519 49.41 2.86 -8.55
N LYS A 520 48.96 2.13 -9.56
CA LYS A 520 49.64 2.15 -10.85
C LYS A 520 49.64 3.56 -11.44
N LEU A 521 48.61 4.35 -11.11
CA LEU A 521 48.50 5.70 -11.60
C LEU A 521 49.72 6.55 -11.22
N HIS A 522 50.49 6.09 -10.25
CA HIS A 522 51.69 6.82 -9.84
C HIS A 522 52.66 7.00 -11.00
N SER A 523 52.56 6.13 -11.99
CA SER A 523 53.44 6.19 -13.16
C SER A 523 53.25 7.44 -13.99
N PHE A 524 52.11 8.10 -13.82
CA PHE A 524 51.82 9.28 -14.62
C PHE A 524 52.05 10.59 -13.89
N LEU A 525 52.71 10.52 -12.74
CA LEU A 525 52.97 11.72 -11.95
C LEU A 525 53.56 12.91 -12.71
N GLY A 526 54.43 12.64 -13.69
CA GLY A 526 55.01 13.75 -14.43
C GLY A 526 54.41 13.89 -15.83
N ASP A 527 53.38 13.11 -16.09
CA ASP A 527 52.71 13.13 -17.39
C ASP A 527 51.75 14.31 -17.49
N ASP A 528 52.22 15.42 -18.05
CA ASP A 528 51.42 16.63 -18.19
C ASP A 528 50.12 16.40 -18.91
N VAL A 529 50.19 15.68 -20.01
CA VAL A 529 48.99 15.40 -20.79
C VAL A 529 47.95 14.67 -19.93
N PHE A 530 48.40 13.69 -19.15
CA PHE A 530 47.47 12.97 -18.30
C PHE A 530 46.83 13.94 -17.31
N LEU A 531 47.67 14.73 -16.63
CA LEU A 531 47.20 15.71 -15.67
C LEU A 531 46.18 16.62 -16.35
N ARG A 532 46.43 16.98 -17.59
CA ARG A 532 45.51 17.85 -18.32
C ARG A 532 44.17 17.11 -18.48
N GLU A 533 44.24 15.84 -18.87
CA GLU A 533 43.05 15.02 -19.05
C GLU A 533 42.28 14.88 -17.72
N LEU A 534 43.03 14.75 -16.63
CA LEU A 534 42.41 14.62 -15.32
C LEU A 534 41.60 15.87 -15.02
N ALA A 535 42.21 17.03 -15.24
CA ALA A 535 41.54 18.31 -15.00
C ALA A 535 40.30 18.49 -15.89
N LYS A 536 40.39 18.03 -17.13
CA LYS A 536 39.26 18.16 -18.04
C LYS A 536 38.05 17.41 -17.50
N VAL A 537 38.28 16.18 -17.03
CA VAL A 537 37.21 15.37 -16.46
C VAL A 537 36.54 16.14 -15.32
N LYS A 538 37.33 16.65 -14.38
CA LYS A 538 36.79 17.42 -13.27
C LYS A 538 36.01 18.59 -13.84
N GLN A 539 36.62 19.24 -14.83
CA GLN A 539 36.05 20.37 -15.53
C GLN A 539 34.65 20.03 -16.06
N GLU A 540 34.55 18.89 -16.73
CA GLU A 540 33.30 18.43 -17.29
C GLU A 540 32.25 18.21 -16.20
N ASN A 541 32.66 17.60 -15.09
CA ASN A 541 31.74 17.34 -13.99
C ASN A 541 31.22 18.65 -13.40
N LYS A 542 32.13 19.59 -13.19
CA LYS A 542 31.77 20.89 -12.64
C LYS A 542 30.80 21.64 -13.55
N LEU A 543 30.94 21.45 -14.85
CA LEU A 543 30.08 22.11 -15.81
C LEU A 543 28.68 21.52 -15.67
N LYS A 544 28.57 20.20 -15.75
CA LYS A 544 27.27 19.55 -15.63
C LYS A 544 26.60 19.93 -14.32
N PHE A 545 27.34 19.89 -13.22
CA PHE A 545 26.75 20.23 -11.93
C PHE A 545 26.39 21.70 -11.83
N SER A 546 27.16 22.56 -12.47
CA SER A 546 26.87 23.99 -12.45
C SER A 546 25.53 24.24 -13.16
N GLN A 547 25.24 23.42 -14.15
CA GLN A 547 23.98 23.55 -14.85
C GLN A 547 22.87 23.26 -13.85
N PHE A 548 23.05 22.17 -13.09
CA PHE A 548 22.10 21.78 -12.07
C PHE A 548 21.87 22.94 -11.11
N LEU A 549 22.96 23.45 -10.54
CA LEU A 549 22.89 24.55 -9.58
C LEU A 549 22.12 25.77 -10.05
N GLU A 550 22.36 26.19 -11.30
CA GLU A 550 21.68 27.36 -11.82
C GLU A 550 20.19 27.14 -12.09
N THR A 551 19.79 25.97 -12.57
CA THR A 551 18.37 25.72 -12.83
C THR A 551 17.60 25.52 -11.54
N GLU A 552 18.31 25.19 -10.47
CA GLU A 552 17.69 24.97 -9.17
C GLU A 552 17.73 26.23 -8.31
N TYR A 553 18.84 26.96 -8.35
CA TYR A 553 18.96 28.19 -7.56
C TYR A 553 19.16 29.38 -8.51
N LYS A 554 18.58 30.52 -8.16
CA LYS A 554 18.70 31.70 -9.03
C LYS A 554 20.14 32.16 -9.31
N VAL A 555 21.08 31.65 -8.51
CA VAL A 555 22.49 32.02 -8.59
C VAL A 555 23.18 31.70 -9.92
N LYS A 556 24.23 32.45 -10.21
CA LYS A 556 25.03 32.26 -11.42
C LYS A 556 26.39 31.75 -10.94
N ILE A 557 26.76 30.55 -11.39
CA ILE A 557 28.02 29.95 -10.98
C ILE A 557 29.22 30.26 -11.85
N ASN A 558 30.34 30.59 -11.20
CA ASN A 558 31.58 30.87 -11.90
C ASN A 558 32.20 29.49 -12.13
N PRO A 559 32.07 28.95 -13.34
CA PRO A 559 32.63 27.62 -13.62
C PRO A 559 34.15 27.55 -13.43
N SER A 560 34.77 28.70 -13.24
CA SER A 560 36.21 28.78 -13.06
C SER A 560 36.58 28.74 -11.58
N SER A 561 35.57 28.81 -10.74
CA SER A 561 35.76 28.80 -9.30
C SER A 561 36.05 27.43 -8.70
N MET A 562 36.81 27.42 -7.62
CA MET A 562 37.12 26.18 -6.92
C MET A 562 35.83 25.74 -6.21
N PHE A 563 35.42 24.49 -6.39
CA PHE A 563 34.22 24.00 -5.73
C PHE A 563 34.58 23.48 -4.36
N ASP A 564 34.23 24.27 -3.36
CA ASP A 564 34.49 23.98 -1.95
C ASP A 564 33.22 23.35 -1.40
N VAL A 565 33.28 22.05 -1.11
CA VAL A 565 32.09 21.34 -0.67
C VAL A 565 32.11 20.61 0.67
N GLN A 566 31.02 20.77 1.42
CA GLN A 566 30.83 20.10 2.70
C GLN A 566 29.41 19.56 2.70
N VAL A 567 29.27 18.28 2.34
CA VAL A 567 27.96 17.65 2.30
C VAL A 567 27.95 16.44 3.23
N LYS A 568 27.00 16.46 4.16
CA LYS A 568 26.85 15.41 5.17
C LYS A 568 25.73 15.90 6.08
N ARG A 569 25.27 15.03 6.98
CA ARG A 569 24.20 15.41 7.89
C ARG A 569 24.66 16.60 8.75
N ILE A 570 23.74 17.53 9.02
CA ILE A 570 24.07 18.69 9.84
C ILE A 570 24.16 18.29 11.30
N HIS A 571 25.28 18.60 11.94
CA HIS A 571 25.49 18.28 13.35
C HIS A 571 26.61 19.16 13.88
N GLU A 572 26.55 19.53 15.16
CA GLU A 572 27.58 20.39 15.72
C GLU A 572 28.98 19.78 15.64
N TYR A 573 29.09 18.48 15.84
CA TYR A 573 30.40 17.84 15.81
C TYR A 573 30.99 17.83 14.41
N LYS A 574 30.13 17.94 13.39
CA LYS A 574 30.57 17.95 12.00
C LYS A 574 31.14 19.33 11.72
N ARG A 575 30.61 20.30 12.45
CA ARG A 575 31.05 21.70 12.37
C ARG A 575 30.89 22.44 11.06
N GLN A 576 29.71 22.35 10.43
CA GLN A 576 29.55 23.13 9.22
C GLN A 576 29.55 24.59 9.68
N LEU A 577 29.44 24.78 11.00
CA LEU A 577 29.46 26.11 11.62
C LEU A 577 30.84 26.73 11.44
N LEU A 578 31.89 25.93 11.64
CA LEU A 578 33.24 26.40 11.48
C LEU A 578 33.44 26.87 10.04
N ASN A 579 32.89 26.11 9.11
CA ASN A 579 32.97 26.41 7.69
C ASN A 579 32.27 27.76 7.44
N CYS A 580 31.11 27.93 8.04
CA CYS A 580 30.35 29.17 7.90
C CYS A 580 31.17 30.36 8.38
N LEU A 581 31.90 30.18 9.47
CA LEU A 581 32.73 31.27 10.00
C LEU A 581 33.76 31.66 8.93
N HIS A 582 34.39 30.65 8.30
CA HIS A 582 35.38 30.91 7.27
C HIS A 582 34.74 31.59 6.06
N VAL A 583 33.50 31.24 5.74
CA VAL A 583 32.83 31.86 4.62
C VAL A 583 32.65 33.34 4.89
N ILE A 584 32.22 33.66 6.10
CA ILE A 584 32.02 35.05 6.49
C ILE A 584 33.37 35.75 6.50
N THR A 585 34.39 35.03 6.93
CA THR A 585 35.73 35.56 6.97
C THR A 585 36.18 35.96 5.56
N MET A 586 35.89 35.10 4.57
CA MET A 586 36.27 35.41 3.20
C MET A 586 35.49 36.61 2.69
N TYR A 587 34.20 36.64 3.00
CA TYR A 587 33.35 37.74 2.60
C TYR A 587 33.90 39.08 3.12
N ASN A 588 34.25 39.11 4.42
CA ASN A 588 34.77 40.34 5.02
C ASN A 588 36.10 40.76 4.41
N ARG A 589 36.85 39.82 3.86
CA ARG A 589 38.13 40.17 3.23
C ARG A 589 37.84 40.83 1.90
N ILE A 590 36.88 40.30 1.16
CA ILE A 590 36.52 40.86 -0.13
C ILE A 590 36.04 42.30 0.00
N LYS A 591 35.15 42.54 0.96
CA LYS A 591 34.63 43.89 1.17
C LYS A 591 35.75 44.87 1.50
N LYS A 592 36.64 44.46 2.40
CA LYS A 592 37.76 45.29 2.83
C LYS A 592 38.77 45.60 1.73
N ASP A 593 38.90 44.73 0.73
CA ASP A 593 39.86 44.94 -0.35
C ASP A 593 39.35 44.33 -1.66
N PRO A 594 38.28 44.89 -2.21
CA PRO A 594 37.63 44.45 -3.46
C PRO A 594 38.54 44.16 -4.65
N LYS A 595 39.82 44.47 -4.55
CA LYS A 595 40.73 44.23 -5.69
C LYS A 595 41.87 43.26 -5.46
N LYS A 596 42.04 42.77 -4.24
CA LYS A 596 43.13 41.85 -3.95
C LYS A 596 43.08 40.56 -4.78
N LEU A 597 44.24 39.95 -5.01
CA LEU A 597 44.32 38.70 -5.77
C LEU A 597 43.54 37.64 -4.99
N PHE A 598 42.52 37.04 -5.61
CA PHE A 598 41.71 36.03 -4.91
C PHE A 598 41.26 34.88 -5.80
N VAL A 599 41.46 33.65 -5.32
CA VAL A 599 41.01 32.48 -6.06
C VAL A 599 39.50 32.44 -5.85
N PRO A 600 38.72 32.50 -6.94
CA PRO A 600 37.25 32.48 -6.84
C PRO A 600 36.80 31.13 -6.27
N ARG A 601 35.76 31.16 -5.45
CA ARG A 601 35.21 29.94 -4.86
C ARG A 601 33.70 29.83 -4.92
N THR A 602 33.22 28.60 -5.01
CA THR A 602 31.78 28.35 -4.95
C THR A 602 31.71 27.44 -3.74
N VAL A 603 31.19 27.99 -2.64
CA VAL A 603 31.06 27.24 -1.41
C VAL A 603 29.70 26.58 -1.32
N ILE A 604 29.71 25.25 -1.29
CA ILE A 604 28.50 24.46 -1.21
C ILE A 604 28.45 23.68 0.10
N ILE A 605 27.38 23.89 0.86
CA ILE A 605 27.18 23.18 2.11
C ILE A 605 25.79 22.59 2.06
N GLY A 606 25.71 21.27 2.28
CA GLY A 606 24.42 20.61 2.24
C GLY A 606 24.27 19.51 3.27
N GLY A 607 23.03 19.16 3.54
CA GLY A 607 22.77 18.11 4.51
C GLY A 607 21.47 18.36 5.24
N LYS A 608 20.88 17.28 5.74
CA LYS A 608 19.62 17.36 6.45
C LYS A 608 19.87 17.41 7.96
N ALA A 609 18.98 18.10 8.65
CA ALA A 609 19.06 18.23 10.10
C ALA A 609 17.91 17.41 10.65
N ALA A 610 18.12 16.73 11.78
CA ALA A 610 17.04 15.94 12.36
C ALA A 610 15.96 16.96 12.74
N PRO A 611 14.68 16.61 12.49
CA PRO A 611 13.55 17.50 12.80
C PRO A 611 13.60 18.19 14.15
N GLY A 612 14.01 17.46 15.18
CA GLY A 612 14.07 18.03 16.52
C GLY A 612 15.44 18.50 17.00
N TYR A 613 16.40 18.65 16.10
CA TYR A 613 17.74 19.10 16.48
C TYR A 613 17.77 20.62 16.28
N HIS A 614 17.39 21.35 17.32
CA HIS A 614 17.34 22.82 17.26
C HIS A 614 18.59 23.54 16.76
N MET A 615 19.75 23.29 17.37
CA MET A 615 20.97 23.97 16.92
C MET A 615 21.29 23.72 15.46
N ALA A 616 21.06 22.49 15.01
CA ALA A 616 21.32 22.13 13.61
C ALA A 616 20.47 22.97 12.67
N LYS A 617 19.21 23.17 13.03
CA LYS A 617 18.30 23.96 12.22
C LYS A 617 18.71 25.44 12.18
N MET A 618 19.22 25.93 13.30
CA MET A 618 19.70 27.32 13.37
C MET A 618 20.92 27.47 12.47
N ILE A 619 21.81 26.50 12.50
CA ILE A 619 23.02 26.55 11.68
C ILE A 619 22.66 26.61 10.20
N ILE A 620 21.60 25.92 9.81
CA ILE A 620 21.16 25.94 8.42
C ILE A 620 20.70 27.37 8.05
N LYS A 621 19.83 27.94 8.88
CA LYS A 621 19.31 29.28 8.61
C LYS A 621 20.48 30.27 8.58
N LEU A 622 21.51 30.03 9.39
CA LEU A 622 22.67 30.91 9.42
C LEU A 622 23.32 30.86 8.04
N ILE A 623 23.62 29.65 7.59
CA ILE A 623 24.23 29.45 6.28
C ILE A 623 23.41 30.09 5.16
N THR A 624 22.11 29.82 5.13
CA THR A 624 21.27 30.41 4.08
C THR A 624 21.26 31.94 4.23
N SER A 625 21.29 32.43 5.47
CA SER A 625 21.32 33.88 5.72
C SER A 625 22.59 34.47 5.13
N VAL A 626 23.73 33.90 5.51
CA VAL A 626 25.01 34.37 5.02
C VAL A 626 25.05 34.33 3.50
N ALA A 627 24.54 33.24 2.93
CA ALA A 627 24.53 33.09 1.50
C ALA A 627 23.76 34.21 0.79
N ASP A 628 22.60 34.57 1.32
CA ASP A 628 21.81 35.63 0.70
C ASP A 628 22.61 36.95 0.63
N VAL A 629 23.33 37.24 1.70
CA VAL A 629 24.14 38.45 1.74
C VAL A 629 25.30 38.32 0.75
N VAL A 630 26.03 37.20 0.84
CA VAL A 630 27.18 36.99 -0.04
C VAL A 630 26.85 36.98 -1.54
N ASN A 631 25.86 36.18 -1.93
CA ASN A 631 25.50 36.07 -3.34
C ASN A 631 24.93 37.36 -3.97
N ASN A 632 24.37 38.25 -3.14
CA ASN A 632 23.78 39.47 -3.67
C ASN A 632 24.58 40.75 -3.44
N ASP A 633 25.74 40.64 -2.80
CA ASP A 633 26.53 41.82 -2.56
C ASP A 633 27.34 42.13 -3.82
N PRO A 634 26.98 43.20 -4.55
CA PRO A 634 27.61 43.65 -5.78
C PRO A 634 29.14 43.69 -5.78
N MET A 635 29.74 44.06 -4.67
CA MET A 635 31.20 44.14 -4.64
C MET A 635 31.88 42.78 -4.70
N VAL A 636 31.24 41.76 -4.13
CA VAL A 636 31.84 40.43 -4.18
C VAL A 636 31.54 39.79 -5.54
N GLY A 637 30.31 39.98 -6.02
CA GLY A 637 29.93 39.43 -7.30
C GLY A 637 30.38 37.98 -7.52
N SER A 638 30.99 37.73 -8.68
CA SER A 638 31.44 36.38 -9.03
C SER A 638 32.69 35.90 -8.28
N LYS A 639 33.16 36.70 -7.33
CA LYS A 639 34.35 36.33 -6.57
C LYS A 639 34.05 35.15 -5.65
N LEU A 640 32.84 35.11 -5.10
CA LEU A 640 32.44 34.08 -4.15
C LEU A 640 30.92 33.84 -4.16
N LYS A 641 30.53 32.57 -4.28
CA LYS A 641 29.12 32.20 -4.27
C LYS A 641 28.88 31.10 -3.24
N VAL A 642 27.79 31.22 -2.50
CA VAL A 642 27.46 30.26 -1.46
C VAL A 642 26.11 29.64 -1.76
N ILE A 643 26.06 28.31 -1.71
CA ILE A 643 24.84 27.57 -1.99
C ILE A 643 24.59 26.53 -0.91
N PHE A 644 23.36 26.50 -0.39
CA PHE A 644 23.01 25.48 0.57
C PHE A 644 22.35 24.41 -0.28
N LEU A 645 23.07 23.32 -0.53
CA LEU A 645 22.57 22.22 -1.36
C LEU A 645 21.40 21.54 -0.66
N GLU A 646 20.20 21.71 -1.22
CA GLU A 646 18.99 21.12 -0.65
C GLU A 646 18.77 19.63 -0.91
N ASN A 647 18.14 18.98 0.06
CA ASN A 647 17.80 17.56 0.00
C ASN A 647 18.98 16.64 -0.30
N TYR A 648 20.11 16.89 0.34
CA TYR A 648 21.29 16.04 0.13
C TYR A 648 20.90 14.59 0.43
N ARG A 649 21.14 13.72 -0.54
CA ARG A 649 20.82 12.30 -0.44
C ARG A 649 21.72 11.54 -1.41
N VAL A 650 21.69 10.21 -1.35
CA VAL A 650 22.55 9.41 -2.22
C VAL A 650 22.60 9.84 -3.69
N SER A 651 21.46 9.91 -4.36
CA SER A 651 21.47 10.29 -5.78
C SER A 651 22.06 11.69 -6.01
N LEU A 652 21.87 12.59 -5.06
CA LEU A 652 22.44 13.94 -5.20
C LEU A 652 23.94 13.90 -4.93
N ALA A 653 24.35 13.04 -3.99
CA ALA A 653 25.75 12.87 -3.64
C ALA A 653 26.53 12.43 -4.87
N GLU A 654 25.92 11.54 -5.66
CA GLU A 654 26.52 11.02 -6.88
C GLU A 654 26.77 12.12 -7.90
N LYS A 655 26.06 13.24 -7.73
CA LYS A 655 26.19 14.38 -8.61
C LYS A 655 27.23 15.40 -8.15
N VAL A 656 27.11 15.84 -6.91
CA VAL A 656 28.02 16.85 -6.38
C VAL A 656 29.45 16.39 -6.13
N ILE A 657 29.63 15.18 -5.60
CA ILE A 657 30.96 14.68 -5.31
C ILE A 657 31.93 14.72 -6.49
N PRO A 658 31.51 14.21 -7.67
CA PRO A 658 32.39 14.22 -8.85
C PRO A 658 32.80 15.61 -9.33
N ALA A 659 32.04 16.62 -8.93
CA ALA A 659 32.32 18.00 -9.34
C ALA A 659 33.06 18.81 -8.28
N THR A 660 33.54 18.14 -7.23
CA THR A 660 34.22 18.82 -6.14
C THR A 660 35.74 18.94 -6.27
N ASP A 661 36.26 20.09 -5.84
CA ASP A 661 37.71 20.36 -5.87
C ASP A 661 38.28 20.25 -4.46
N LEU A 662 37.51 20.73 -3.49
CA LEU A 662 37.95 20.70 -2.11
C LEU A 662 36.87 20.11 -1.21
N SER A 663 37.24 19.03 -0.52
CA SER A 663 36.35 18.31 0.37
C SER A 663 36.52 18.71 1.83
N GLU A 664 35.44 19.18 2.45
CA GLU A 664 35.49 19.59 3.84
C GLU A 664 35.17 18.40 4.75
N GLN A 665 36.15 18.02 5.57
CA GLN A 665 36.02 16.91 6.52
C GLN A 665 36.63 17.50 7.78
N ILE A 666 35.89 18.39 8.43
CA ILE A 666 36.39 19.13 9.58
C ILE A 666 35.78 18.87 10.97
N SER A 667 35.46 17.62 11.27
CA SER A 667 34.89 17.28 12.57
C SER A 667 35.94 17.47 13.67
N THR A 668 35.48 17.77 14.88
CA THR A 668 36.40 17.94 16.00
C THR A 668 37.13 16.60 16.20
N ALA A 669 38.46 16.64 16.27
CA ALA A 669 39.23 15.40 16.45
C ALA A 669 38.61 14.51 17.52
N GLY A 670 38.34 13.27 17.16
CA GLY A 670 37.77 12.33 18.11
C GLY A 670 36.26 12.18 18.02
N THR A 671 35.60 12.92 17.13
CA THR A 671 34.14 12.83 17.02
C THR A 671 33.60 12.02 15.84
N GLU A 672 34.30 12.03 14.71
CA GLU A 672 33.84 11.29 13.54
C GLU A 672 34.50 9.90 13.57
N ALA A 673 33.75 8.89 14.01
CA ALA A 673 34.26 7.53 14.11
C ALA A 673 35.10 7.14 12.90
N SER A 674 34.59 7.43 11.70
CA SER A 674 35.31 7.12 10.49
C SER A 674 35.06 8.09 9.35
N GLY A 675 33.79 8.23 8.99
CA GLY A 675 33.45 9.07 7.86
C GLY A 675 33.60 8.19 6.63
N THR A 676 32.82 8.46 5.59
CA THR A 676 32.92 7.71 4.34
C THR A 676 32.81 8.69 3.18
N GLY A 677 32.16 9.82 3.43
CA GLY A 677 32.05 10.82 2.39
C GLY A 677 33.47 11.22 2.01
N ASN A 678 34.33 11.29 3.03
CA ASN A 678 35.72 11.66 2.84
C ASN A 678 36.38 10.75 1.80
N MET A 679 36.04 9.46 1.85
CA MET A 679 36.58 8.49 0.92
C MET A 679 36.10 8.71 -0.52
N LYS A 680 34.82 9.08 -0.65
CA LYS A 680 34.23 9.31 -1.96
C LYS A 680 34.88 10.49 -2.67
N PHE A 681 35.06 11.59 -1.94
CA PHE A 681 35.69 12.76 -2.52
C PHE A 681 37.13 12.42 -2.95
N MET A 682 37.84 11.66 -2.12
CA MET A 682 39.22 11.28 -2.42
C MET A 682 39.28 10.44 -3.69
N LEU A 683 38.33 9.52 -3.84
CA LEU A 683 38.28 8.64 -4.99
C LEU A 683 37.90 9.41 -6.27
N ASN A 684 37.19 10.51 -6.09
CA ASN A 684 36.72 11.29 -7.23
C ASN A 684 37.50 12.52 -7.71
N GLY A 685 38.74 12.67 -7.24
CA GLY A 685 39.52 13.78 -7.71
C GLY A 685 39.51 15.07 -6.93
N ALA A 686 39.09 15.02 -5.67
CA ALA A 686 39.05 16.22 -4.84
C ALA A 686 40.13 16.15 -3.78
N LEU A 687 40.59 17.31 -3.33
CA LEU A 687 41.60 17.38 -2.29
C LEU A 687 40.85 17.57 -0.98
N THR A 688 41.39 17.01 0.08
CA THR A 688 40.76 17.07 1.38
C THR A 688 41.34 18.09 2.33
N ILE A 689 40.46 18.82 3.01
CA ILE A 689 40.88 19.76 4.04
C ILE A 689 40.20 19.19 5.28
N GLY A 690 40.99 18.85 6.29
CA GLY A 690 40.37 18.28 7.48
C GLY A 690 41.27 18.04 8.68
N THR A 691 40.65 17.61 9.76
CA THR A 691 41.34 17.31 11.00
C THR A 691 41.78 15.86 11.01
N MET A 692 42.69 15.54 11.93
CA MET A 692 43.17 14.17 12.06
C MET A 692 42.11 13.44 12.86
N ASP A 693 41.03 13.06 12.18
CA ASP A 693 39.91 12.36 12.81
C ASP A 693 39.37 11.27 11.90
N GLY A 694 38.80 10.22 12.50
CA GLY A 694 38.25 9.12 11.73
C GLY A 694 39.21 8.55 10.71
N ALA A 695 38.69 8.25 9.52
CA ALA A 695 39.51 7.69 8.46
C ALA A 695 40.39 8.75 7.80
N ASN A 696 40.21 10.02 8.14
CA ASN A 696 41.03 11.07 7.56
C ASN A 696 42.50 10.70 7.82
N VAL A 697 42.75 10.17 9.02
CA VAL A 697 44.10 9.79 9.41
C VAL A 697 44.69 8.73 8.49
N GLU A 698 43.90 7.72 8.15
CA GLU A 698 44.39 6.67 7.26
C GLU A 698 44.49 7.15 5.81
N MET A 699 43.70 8.17 5.46
CA MET A 699 43.77 8.73 4.12
C MET A 699 45.15 9.42 4.04
N ALA A 700 45.52 10.10 5.13
CA ALA A 700 46.81 10.77 5.21
C ALA A 700 47.92 9.73 5.17
N GLU A 701 47.73 8.63 5.89
CA GLU A 701 48.73 7.57 5.89
C GLU A 701 48.96 7.05 4.48
N GLU A 702 47.87 6.75 3.77
CA GLU A 702 47.96 6.20 2.41
C GLU A 702 48.54 7.13 1.35
N ALA A 703 48.06 8.36 1.29
CA ALA A 703 48.53 9.29 0.28
C ALA A 703 49.66 10.23 0.72
N GLY A 704 50.06 10.15 1.99
CA GLY A 704 51.10 11.04 2.46
C GLY A 704 50.45 12.28 3.04
N GLU A 705 50.80 12.64 4.27
CA GLU A 705 50.20 13.77 4.94
C GLU A 705 50.28 15.08 4.18
N GLU A 706 51.37 15.31 3.46
CA GLU A 706 51.50 16.56 2.74
C GLU A 706 50.56 16.67 1.55
N ASN A 707 49.90 15.56 1.21
CA ASN A 707 48.98 15.57 0.09
C ASN A 707 47.53 15.79 0.54
N LEU A 708 47.37 16.18 1.80
CA LEU A 708 46.07 16.49 2.39
C LEU A 708 46.27 17.75 3.21
N PHE A 709 45.24 18.59 3.28
CA PHE A 709 45.34 19.81 4.05
C PHE A 709 44.82 19.55 5.46
N ILE A 710 45.67 18.96 6.29
CA ILE A 710 45.32 18.65 7.67
C ILE A 710 45.54 19.90 8.53
N PHE A 711 44.72 20.07 9.56
CA PHE A 711 44.82 21.24 10.42
C PHE A 711 44.18 20.97 11.78
N GLY A 712 44.32 21.94 12.67
CA GLY A 712 43.70 21.89 13.98
C GLY A 712 44.18 20.93 15.03
N MET A 713 43.45 20.94 16.14
CA MET A 713 43.76 20.09 17.28
C MET A 713 43.61 18.62 16.93
N ARG A 714 44.46 17.82 17.55
CA ARG A 714 44.40 16.39 17.36
C ARG A 714 43.79 15.88 18.65
N ILE A 715 43.54 14.58 18.73
CA ILE A 715 42.90 14.01 19.91
C ILE A 715 43.56 14.35 21.25
N ASP A 716 44.89 14.35 21.30
CA ASP A 716 45.60 14.68 22.53
C ASP A 716 45.42 16.17 22.88
N ASP A 717 45.36 17.02 21.86
CA ASP A 717 45.19 18.45 22.09
C ASP A 717 43.80 18.73 22.66
N VAL A 718 42.78 18.09 22.10
CA VAL A 718 41.42 18.29 22.58
C VAL A 718 41.32 17.90 24.06
N ALA A 719 42.09 16.88 24.44
CA ALA A 719 42.11 16.40 25.82
C ALA A 719 42.74 17.47 26.74
N ALA A 720 43.89 17.98 26.33
CA ALA A 720 44.56 19.00 27.13
C ALA A 720 43.63 20.17 27.32
N LEU A 721 42.97 20.59 26.24
CA LEU A 721 42.05 21.72 26.32
C LEU A 721 40.94 21.41 27.31
N ASP A 722 40.35 20.22 27.23
CA ASP A 722 39.28 19.85 28.15
C ASP A 722 39.79 19.87 29.59
N LYS A 723 41.02 19.43 29.80
CA LYS A 723 41.57 19.43 31.15
C LYS A 723 41.68 20.87 31.64
N LYS A 724 42.47 21.65 30.91
CA LYS A 724 42.67 23.06 31.25
C LYS A 724 41.36 23.83 31.31
N GLY A 725 40.39 23.41 30.52
CA GLY A 725 39.11 24.11 30.50
C GLY A 725 39.00 24.97 29.25
N TYR A 726 37.93 24.79 28.49
CA TYR A 726 37.72 25.57 27.26
C TYR A 726 37.01 26.89 27.53
N GLU A 727 37.73 27.99 27.30
CA GLU A 727 37.18 29.32 27.49
C GLU A 727 37.14 29.97 26.11
N ALA A 728 36.04 29.76 25.39
CA ALA A 728 35.86 30.26 24.03
C ALA A 728 36.16 31.75 23.84
N LYS A 729 35.69 32.57 24.77
CA LYS A 729 35.92 34.02 24.71
C LYS A 729 37.40 34.31 24.42
N GLU A 730 38.26 33.52 25.02
CA GLU A 730 39.70 33.66 24.84
C GLU A 730 40.02 33.92 23.37
N TYR A 731 39.61 33.00 22.49
CA TYR A 731 39.89 33.14 21.05
C TYR A 731 39.21 34.36 20.47
N TYR A 732 37.97 34.57 20.87
CA TYR A 732 37.20 35.71 20.39
C TYR A 732 37.96 37.01 20.54
N GLU A 733 38.49 37.26 21.73
CA GLU A 733 39.20 38.52 21.97
C GLU A 733 40.62 38.57 21.44
N ALA A 734 41.14 37.45 20.94
CA ALA A 734 42.50 37.41 20.44
C ALA A 734 42.64 37.38 18.92
N LEU A 735 41.55 37.08 18.22
CA LEU A 735 41.59 37.00 16.76
C LEU A 735 40.57 37.96 16.16
N PRO A 736 41.05 39.12 15.67
CA PRO A 736 40.18 40.13 15.07
C PRO A 736 39.24 39.62 13.97
N GLU A 737 39.75 38.82 13.06
CA GLU A 737 38.88 38.31 12.00
C GLU A 737 37.69 37.55 12.57
N LEU A 738 37.93 36.77 13.63
CA LEU A 738 36.84 36.02 14.25
C LEU A 738 35.88 36.98 14.94
N LYS A 739 36.43 37.98 15.64
CA LYS A 739 35.60 38.95 16.35
C LYS A 739 34.59 39.60 15.43
N LEU A 740 35.06 40.12 14.31
CA LEU A 740 34.18 40.77 13.34
C LEU A 740 33.09 39.78 12.90
N VAL A 741 33.48 38.53 12.65
CA VAL A 741 32.52 37.53 12.24
C VAL A 741 31.45 37.35 13.31
N ILE A 742 31.88 37.07 14.53
CA ILE A 742 30.93 36.85 15.61
C ILE A 742 30.04 38.05 15.86
N ASP A 743 30.62 39.23 16.01
CA ASP A 743 29.83 40.44 16.25
C ASP A 743 28.76 40.59 15.18
N GLN A 744 29.14 40.39 13.91
CA GLN A 744 28.21 40.50 12.80
C GLN A 744 27.01 39.55 12.97
N ILE A 745 27.30 38.32 13.34
CA ILE A 745 26.25 37.32 13.52
C ILE A 745 25.36 37.72 14.69
N ASP A 746 26.01 38.10 15.79
CA ASP A 746 25.31 38.47 17.01
C ASP A 746 24.50 39.78 16.97
N ASN A 747 24.96 40.76 16.19
CA ASN A 747 24.27 42.04 16.13
C ASN A 747 23.22 42.14 15.03
N GLY A 748 23.14 41.09 14.21
CA GLY A 748 22.14 41.10 13.15
C GLY A 748 22.58 41.52 11.77
N PHE A 749 23.88 41.47 11.47
CA PHE A 749 24.37 41.84 10.14
C PHE A 749 23.79 40.91 9.07
N PHE A 750 23.55 39.66 9.45
CA PHE A 750 23.01 38.68 8.51
C PHE A 750 21.53 38.44 8.66
N SER A 751 20.90 39.22 9.54
CA SER A 751 19.46 39.11 9.79
C SER A 751 18.96 40.44 10.31
N PRO A 752 19.05 41.49 9.48
CA PRO A 752 18.62 42.85 9.83
C PRO A 752 17.20 42.93 10.36
N LYS A 753 16.25 42.37 9.60
CA LYS A 753 14.86 42.42 10.02
C LYS A 753 14.63 41.60 11.29
N GLN A 754 15.70 41.04 11.85
CA GLN A 754 15.60 40.27 13.07
C GLN A 754 16.99 40.05 13.69
N PRO A 755 17.56 41.13 14.24
CA PRO A 755 18.86 41.21 14.89
C PRO A 755 19.35 40.15 15.88
N ASP A 756 18.46 39.58 16.68
CA ASP A 756 18.89 38.58 17.67
C ASP A 756 18.54 37.13 17.34
N LEU A 757 18.28 36.86 16.06
CA LEU A 757 17.92 35.52 15.58
C LEU A 757 18.92 34.41 15.99
N PHE A 758 20.21 34.72 15.92
CA PHE A 758 21.23 33.73 16.24
C PHE A 758 21.80 33.74 17.66
N LYS A 759 21.11 34.38 18.61
CA LYS A 759 21.64 34.43 19.97
C LYS A 759 21.90 33.03 20.52
N ASP A 760 21.09 32.07 20.09
CA ASP A 760 21.25 30.69 20.53
C ASP A 760 22.61 30.16 20.08
N ILE A 761 22.96 30.41 18.82
CA ILE A 761 24.24 29.95 18.30
C ILE A 761 25.36 30.63 19.10
N ILE A 762 25.24 31.95 19.26
CA ILE A 762 26.22 32.72 20.01
C ILE A 762 26.40 32.14 21.41
N ASN A 763 25.29 32.01 22.13
CA ASN A 763 25.31 31.46 23.48
C ASN A 763 26.02 30.11 23.58
N MET A 764 25.75 29.23 22.60
CA MET A 764 26.35 27.90 22.56
C MET A 764 27.82 27.99 22.20
N LEU A 765 28.13 28.93 21.30
CA LEU A 765 29.49 29.14 20.82
C LEU A 765 30.40 29.70 21.91
N PHE A 766 29.84 30.53 22.79
CA PHE A 766 30.65 31.11 23.87
C PHE A 766 30.66 30.34 25.17
N TYR A 767 29.54 29.69 25.50
CA TYR A 767 29.48 28.97 26.77
C TYR A 767 29.18 27.46 26.76
N HIS A 768 28.73 26.90 25.64
CA HIS A 768 28.43 25.47 25.64
C HIS A 768 28.85 24.71 24.39
N ASP A 769 29.96 25.11 23.78
CA ASP A 769 30.46 24.46 22.58
C ASP A 769 31.41 23.32 22.93
N ARG A 770 30.87 22.13 23.08
CA ARG A 770 31.74 21.02 23.43
C ARG A 770 32.54 20.52 22.24
N PHE A 771 32.48 21.26 21.13
CA PHE A 771 33.21 20.85 19.95
C PHE A 771 34.30 21.84 19.54
N LYS A 772 34.63 22.74 20.47
CA LYS A 772 35.70 23.72 20.29
C LYS A 772 35.79 24.39 18.92
N VAL A 773 34.72 25.03 18.47
CA VAL A 773 34.75 25.67 17.16
C VAL A 773 35.79 26.79 17.05
N PHE A 774 35.83 27.70 18.01
CA PHE A 774 36.80 28.80 17.98
C PHE A 774 38.23 28.28 18.09
N ALA A 775 38.38 27.18 18.82
CA ALA A 775 39.69 26.56 19.02
C ALA A 775 40.40 26.12 17.74
N ASP A 776 39.65 25.76 16.70
CA ASP A 776 40.29 25.32 15.46
C ASP A 776 40.18 26.38 14.37
N TYR A 777 39.44 27.45 14.64
CA TYR A 777 39.23 28.53 13.66
C TYR A 777 40.50 29.07 13.00
N GLU A 778 41.43 29.57 13.80
CA GLU A 778 42.65 30.14 13.27
C GLU A 778 43.40 29.17 12.37
N ALA A 779 43.70 27.98 12.88
CA ALA A 779 44.39 26.97 12.11
C ALA A 779 43.59 26.59 10.86
N TYR A 780 42.26 26.62 10.97
CA TYR A 780 41.41 26.27 9.84
C TYR A 780 41.52 27.31 8.73
N VAL A 781 41.38 28.58 9.10
CA VAL A 781 41.48 29.68 8.14
C VAL A 781 42.87 29.71 7.51
N LYS A 782 43.90 29.43 8.30
CA LYS A 782 45.26 29.44 7.77
C LYS A 782 45.42 28.33 6.74
N CYS A 783 44.82 27.17 7.04
CA CYS A 783 44.89 26.04 6.14
C CYS A 783 44.15 26.38 4.84
N GLN A 784 42.99 27.02 4.98
CA GLN A 784 42.20 27.40 3.83
C GLN A 784 42.97 28.27 2.85
N ASP A 785 43.75 29.23 3.38
CA ASP A 785 44.54 30.10 2.53
C ASP A 785 45.55 29.25 1.74
N LYS A 786 46.14 28.27 2.40
CA LYS A 786 47.09 27.38 1.74
C LYS A 786 46.39 26.70 0.57
N VAL A 787 45.17 26.24 0.79
CA VAL A 787 44.42 25.58 -0.28
C VAL A 787 44.35 26.50 -1.50
N SER A 788 43.94 27.75 -1.28
CA SER A 788 43.82 28.72 -2.37
C SER A 788 45.13 28.91 -3.12
N GLN A 789 46.24 28.97 -2.38
CA GLN A 789 47.54 29.15 -3.01
C GLN A 789 47.78 28.03 -4.01
N LEU A 790 47.64 26.79 -3.54
CA LEU A 790 47.85 25.63 -4.40
C LEU A 790 46.91 25.66 -5.60
N TYR A 791 45.70 26.17 -5.41
CA TYR A 791 44.74 26.22 -6.49
C TYR A 791 45.20 27.13 -7.63
N MET A 792 46.06 28.09 -7.33
CA MET A 792 46.59 28.99 -8.35
C MET A 792 47.60 28.27 -9.23
N ASN A 793 48.08 27.11 -8.77
CA ASN A 793 49.06 26.34 -9.53
C ASN A 793 48.41 25.05 -10.01
N PRO A 794 47.69 25.09 -11.14
CA PRO A 794 47.00 23.95 -11.74
C PRO A 794 47.79 22.65 -11.80
N LYS A 795 49.08 22.73 -12.15
CA LYS A 795 49.90 21.54 -12.23
C LYS A 795 50.17 20.92 -10.86
N ALA A 796 50.43 21.76 -9.88
CA ALA A 796 50.71 21.28 -8.52
C ALA A 796 49.43 20.74 -7.91
N TRP A 797 48.32 21.43 -8.14
CA TRP A 797 47.05 20.99 -7.59
C TRP A 797 46.66 19.61 -8.11
N ASN A 798 46.69 19.44 -9.43
CA ASN A 798 46.32 18.17 -10.02
C ASN A 798 47.33 17.06 -9.75
N THR A 799 48.57 17.44 -9.43
CA THR A 799 49.59 16.46 -9.10
C THR A 799 49.26 15.88 -7.73
N MET A 800 48.73 16.73 -6.85
CA MET A 800 48.35 16.26 -5.52
C MET A 800 47.08 15.41 -5.66
N VAL A 801 46.16 15.84 -6.53
CA VAL A 801 44.93 15.10 -6.77
C VAL A 801 45.25 13.68 -7.22
N LEU A 802 46.18 13.55 -8.16
CA LEU A 802 46.57 12.24 -8.66
C LEU A 802 47.12 11.35 -7.55
N LYS A 803 47.92 11.93 -6.65
CA LYS A 803 48.47 11.14 -5.55
C LYS A 803 47.35 10.67 -4.63
N ASN A 804 46.30 11.49 -4.50
CA ASN A 804 45.18 11.10 -3.67
C ASN A 804 44.41 9.94 -4.31
N ILE A 805 44.04 10.10 -5.57
CA ILE A 805 43.31 9.05 -6.28
C ILE A 805 44.11 7.75 -6.31
N ALA A 806 45.40 7.87 -6.58
CA ALA A 806 46.28 6.72 -6.67
C ALA A 806 46.45 5.98 -5.36
N ALA A 807 46.12 6.62 -4.24
CA ALA A 807 46.25 6.02 -2.92
C ALA A 807 44.91 5.73 -2.22
N SER A 808 43.81 5.83 -2.95
CA SER A 808 42.49 5.60 -2.37
C SER A 808 42.05 4.12 -2.39
N GLY A 809 42.90 3.27 -2.96
CA GLY A 809 42.56 1.85 -3.06
C GLY A 809 42.14 1.14 -1.78
N LYS A 810 42.82 1.43 -0.69
CA LYS A 810 42.49 0.76 0.55
C LYS A 810 41.07 1.07 1.02
N PHE A 811 40.50 2.15 0.49
CA PHE A 811 39.17 2.55 0.91
C PHE A 811 38.00 1.96 0.12
N SER A 812 38.28 0.90 -0.63
CA SER A 812 37.22 0.22 -1.35
C SER A 812 36.54 -0.69 -0.30
N SER A 813 35.21 -0.73 -0.30
CA SER A 813 34.53 -1.59 0.67
C SER A 813 34.82 -3.07 0.39
N ASP A 814 35.40 -3.36 -0.76
CA ASP A 814 35.75 -4.74 -1.08
C ASP A 814 36.84 -5.17 -0.10
N ARG A 815 37.78 -4.26 0.16
CA ARG A 815 38.87 -4.52 1.09
C ARG A 815 38.31 -4.70 2.50
N THR A 816 37.36 -3.85 2.86
CA THR A 816 36.73 -3.90 4.17
C THR A 816 36.04 -5.26 4.40
N ILE A 817 35.20 -5.66 3.46
CA ILE A 817 34.50 -6.93 3.57
C ILE A 817 35.45 -8.13 3.64
N LYS A 818 36.52 -8.11 2.87
CA LYS A 818 37.48 -9.21 2.92
C LYS A 818 37.95 -9.40 4.37
N GLU A 819 38.33 -8.30 5.01
CA GLU A 819 38.80 -8.34 6.39
C GLU A 819 37.71 -8.92 7.30
N TYR A 820 36.48 -8.42 7.17
CA TYR A 820 35.37 -8.94 7.97
C TYR A 820 35.24 -10.46 7.77
N ALA A 821 35.19 -10.87 6.51
CA ALA A 821 35.03 -12.27 6.16
C ALA A 821 36.14 -13.15 6.73
N GLN A 822 37.36 -12.65 6.66
CA GLN A 822 38.53 -13.38 7.14
C GLN A 822 38.72 -13.40 8.64
N ASN A 823 38.47 -12.27 9.30
CA ASN A 823 38.69 -12.18 10.74
C ASN A 823 37.47 -12.20 11.64
N ILE A 824 36.27 -12.22 11.06
CA ILE A 824 35.09 -12.21 11.91
C ILE A 824 34.03 -13.24 11.55
N TRP A 825 33.60 -13.22 10.29
CA TRP A 825 32.57 -14.14 9.82
C TRP A 825 33.13 -15.51 9.46
N ASN A 826 34.42 -15.55 9.17
CA ASN A 826 35.07 -16.82 8.83
C ASN A 826 34.40 -17.41 7.58
N VAL A 827 34.36 -16.62 6.51
CA VAL A 827 33.78 -17.05 5.24
C VAL A 827 34.78 -16.74 4.13
N GLU A 828 34.55 -17.26 2.94
CA GLU A 828 35.50 -17.08 1.85
C GLU A 828 34.97 -16.51 0.52
N PRO A 829 35.55 -15.40 0.04
CA PRO A 829 35.10 -14.82 -1.23
C PRO A 829 35.17 -15.83 -2.38
N SER A 830 34.23 -15.73 -3.32
CA SER A 830 34.18 -16.67 -4.43
C SER A 830 34.19 -16.01 -5.80
N ASP A 831 35.09 -16.47 -6.66
CA ASP A 831 35.22 -15.94 -8.03
C ASP A 831 34.66 -16.94 -9.06
N LEU A 832 33.39 -16.79 -9.41
CA LEU A 832 32.76 -17.68 -10.39
C LEU A 832 31.91 -16.86 -11.38
N LYS A 833 30.88 -17.47 -11.96
CA LYS A 833 30.02 -16.78 -12.93
C LYS A 833 28.83 -17.59 -13.45
N ILE A 834 27.62 -17.23 -13.01
CA ILE A 834 26.42 -17.93 -13.43
C ILE A 834 26.31 -17.98 -14.95
N SER A 835 26.67 -19.11 -15.56
CA SER A 835 26.57 -19.21 -17.01
C SER A 835 25.11 -18.97 -17.38
N LEU A 836 24.86 -18.59 -18.63
CA LEU A 836 23.51 -18.29 -19.11
C LEU A 836 23.16 -19.11 -20.35
N SER A 837 23.51 -18.59 -21.52
CA SER A 837 23.25 -19.26 -22.79
C SER A 837 24.24 -20.41 -22.99
N ASN A 838 24.27 -21.00 -24.19
CA ASN A 838 25.16 -22.13 -24.47
C ASN A 838 25.68 -22.21 -25.91
N ASN B 23 -3.06 -19.46 -29.58
CA ASN B 23 -3.12 -20.95 -29.51
C ASN B 23 -2.54 -21.44 -28.17
N VAL B 24 -2.91 -22.66 -27.80
CA VAL B 24 -2.47 -23.29 -26.56
C VAL B 24 -0.97 -23.23 -26.32
N ALA B 25 -0.18 -23.39 -27.38
CA ALA B 25 1.28 -23.37 -27.26
C ALA B 25 1.81 -22.02 -26.83
N GLU B 26 1.30 -20.95 -27.43
CA GLU B 26 1.75 -19.61 -27.07
C GLU B 26 1.32 -19.24 -25.66
N LEU B 27 0.16 -19.73 -25.23
CA LEU B 27 -0.33 -19.44 -23.89
C LEU B 27 0.58 -20.10 -22.84
N LYS B 28 1.04 -21.33 -23.11
CA LYS B 28 1.91 -22.04 -22.18
C LYS B 28 3.25 -21.33 -22.11
N LYS B 29 3.69 -20.85 -23.26
CA LYS B 29 4.95 -20.13 -23.38
C LYS B 29 4.86 -18.84 -22.58
N SER B 30 3.74 -18.15 -22.73
CA SER B 30 3.51 -16.90 -22.01
C SER B 30 3.45 -17.13 -20.51
N PHE B 31 2.78 -18.20 -20.09
CA PHE B 31 2.65 -18.54 -18.68
C PHE B 31 4.04 -18.76 -18.06
N ASN B 32 4.87 -19.53 -18.76
CA ASN B 32 6.22 -19.82 -18.27
C ASN B 32 7.06 -18.55 -18.20
N ARG B 33 6.83 -17.67 -19.17
CA ARG B 33 7.57 -16.42 -19.22
C ARG B 33 7.25 -15.58 -17.99
N HIS B 34 5.98 -15.47 -17.65
CA HIS B 34 5.57 -14.70 -16.49
C HIS B 34 6.00 -15.35 -15.18
N LEU B 35 5.93 -16.67 -15.09
CA LEU B 35 6.31 -17.37 -13.87
C LEU B 35 7.76 -17.02 -13.56
N HIS B 36 8.57 -16.97 -14.62
CA HIS B 36 9.99 -16.69 -14.53
C HIS B 36 10.28 -15.20 -14.26
N PHE B 37 9.97 -14.35 -15.24
CA PHE B 37 10.23 -12.91 -15.13
C PHE B 37 9.33 -12.11 -14.19
N THR B 38 8.08 -12.51 -14.05
CA THR B 38 7.16 -11.76 -13.18
C THR B 38 7.11 -12.27 -11.75
N LEU B 39 7.08 -13.59 -11.57
CA LEU B 39 7.02 -14.18 -10.23
C LEU B 39 8.38 -14.63 -9.69
N VAL B 40 9.39 -14.61 -10.56
CA VAL B 40 10.75 -15.01 -10.19
C VAL B 40 10.79 -16.42 -9.58
N LYS B 41 10.15 -17.36 -10.24
CA LYS B 41 10.12 -18.74 -9.75
C LYS B 41 10.31 -19.74 -10.87
N ASP B 42 10.50 -21.00 -10.48
CA ASP B 42 10.62 -22.11 -11.42
C ASP B 42 9.63 -23.15 -10.90
N ARG B 43 9.31 -24.14 -11.72
CA ARG B 43 8.33 -25.15 -11.34
C ARG B 43 8.54 -25.89 -10.03
N ASN B 44 9.77 -25.97 -9.52
CA ASN B 44 9.96 -26.68 -8.27
C ASN B 44 9.85 -25.81 -7.04
N VAL B 45 9.86 -24.49 -7.22
CA VAL B 45 9.75 -23.59 -6.09
C VAL B 45 8.47 -22.74 -6.12
N ALA B 46 7.79 -22.72 -7.27
CA ALA B 46 6.58 -21.93 -7.41
C ALA B 46 5.45 -22.36 -6.48
N THR B 47 4.67 -21.40 -6.00
CA THR B 47 3.55 -21.69 -5.11
C THR B 47 2.29 -21.68 -5.97
N THR B 48 1.17 -22.06 -5.35
CA THR B 48 -0.10 -22.06 -6.05
C THR B 48 -0.43 -20.60 -6.40
N ARG B 49 -0.12 -19.70 -5.46
CA ARG B 49 -0.38 -18.27 -5.66
C ARG B 49 0.39 -17.83 -6.90
N ASP B 50 1.66 -18.21 -6.98
CA ASP B 50 2.51 -17.87 -8.11
C ASP B 50 1.91 -18.32 -9.43
N TYR B 51 1.38 -19.54 -9.47
CA TYR B 51 0.76 -20.05 -10.69
C TYR B 51 -0.46 -19.21 -11.07
N TYR B 52 -1.26 -18.83 -10.07
CA TYR B 52 -2.44 -18.01 -10.32
C TYR B 52 -2.00 -16.68 -10.94
N PHE B 53 -0.97 -16.08 -10.36
CA PHE B 53 -0.46 -14.81 -10.87
C PHE B 53 0.09 -14.95 -12.29
N ALA B 54 0.81 -16.03 -12.56
CA ALA B 54 1.34 -16.24 -13.89
C ALA B 54 0.19 -16.33 -14.90
N LEU B 55 -0.86 -17.06 -14.54
CA LEU B 55 -2.02 -17.22 -15.41
C LEU B 55 -2.76 -15.88 -15.57
N ALA B 56 -2.92 -15.18 -14.45
CA ALA B 56 -3.61 -13.88 -14.48
C ALA B 56 -2.91 -12.91 -15.43
N HIS B 57 -1.58 -12.91 -15.38
CA HIS B 57 -0.81 -12.03 -16.25
C HIS B 57 -0.89 -12.45 -17.71
N THR B 58 -0.88 -13.76 -17.94
CA THR B 58 -0.99 -14.30 -19.30
C THR B 58 -2.30 -13.83 -19.93
N VAL B 59 -3.38 -13.91 -19.16
CA VAL B 59 -4.70 -13.49 -19.63
C VAL B 59 -4.76 -11.97 -19.76
N ARG B 60 -4.28 -11.27 -18.74
CA ARG B 60 -4.28 -9.81 -18.72
C ARG B 60 -3.65 -9.19 -19.97
N ASP B 61 -2.55 -9.79 -20.45
CA ASP B 61 -1.87 -9.28 -21.63
C ASP B 61 -2.81 -9.18 -22.84
N HIS B 62 -3.80 -10.07 -22.90
CA HIS B 62 -4.77 -10.12 -24.00
C HIS B 62 -5.79 -8.97 -23.97
N LEU B 63 -5.88 -8.28 -22.84
CA LEU B 63 -6.82 -7.15 -22.70
C LEU B 63 -6.21 -5.84 -23.22
N VAL B 64 -4.90 -5.69 -23.04
CA VAL B 64 -4.17 -4.48 -23.39
C VAL B 64 -4.46 -3.87 -24.76
N GLY B 65 -4.21 -4.63 -25.81
CA GLY B 65 -4.44 -4.13 -27.16
C GLY B 65 -5.81 -3.48 -27.30
N ARG B 66 -6.85 -4.22 -26.93
CA ARG B 66 -8.21 -3.71 -27.04
C ARG B 66 -8.58 -2.61 -26.05
N TRP B 67 -7.93 -2.59 -24.89
CA TRP B 67 -8.24 -1.57 -23.91
C TRP B 67 -7.76 -0.23 -24.46
N ILE B 68 -6.53 -0.23 -24.99
CA ILE B 68 -5.95 0.97 -25.55
C ILE B 68 -6.74 1.48 -26.74
N ARG B 69 -7.07 0.58 -27.66
CA ARG B 69 -7.82 0.98 -28.85
C ARG B 69 -9.23 1.45 -28.53
N THR B 70 -9.87 0.83 -27.54
CA THR B 70 -11.22 1.22 -27.16
C THR B 70 -11.24 2.67 -26.66
N GLN B 71 -10.37 2.98 -25.71
CA GLN B 71 -10.31 4.32 -25.16
C GLN B 71 -9.90 5.33 -26.23
N GLN B 72 -9.02 4.91 -27.15
CA GLN B 72 -8.57 5.78 -28.23
C GLN B 72 -9.76 6.09 -29.13
N HIS B 73 -10.55 5.06 -29.39
CA HIS B 73 -11.75 5.18 -30.22
C HIS B 73 -12.74 6.20 -29.64
N TYR B 74 -12.96 6.14 -28.33
CA TYR B 74 -13.87 7.07 -27.69
C TYR B 74 -13.38 8.50 -27.86
N TYR B 75 -12.05 8.67 -27.86
CA TYR B 75 -11.48 9.98 -28.03
C TYR B 75 -11.68 10.46 -29.47
N ASP B 76 -11.35 9.60 -30.42
CA ASP B 76 -11.49 9.94 -31.83
C ASP B 76 -12.92 10.21 -32.28
N LYS B 77 -13.84 9.30 -31.96
CA LYS B 77 -15.23 9.47 -32.37
C LYS B 77 -16.07 10.34 -31.45
N CYS B 78 -15.57 10.60 -30.25
CA CYS B 78 -16.30 11.40 -29.28
C CYS B 78 -17.78 11.06 -29.07
N PRO B 79 -18.09 9.77 -28.82
CA PRO B 79 -19.50 9.46 -28.59
C PRO B 79 -19.85 9.98 -27.19
N LYS B 80 -21.14 10.16 -26.90
CA LYS B 80 -21.52 10.63 -25.58
C LYS B 80 -21.10 9.54 -24.57
N ARG B 81 -20.45 9.95 -23.49
CA ARG B 81 -20.01 8.99 -22.49
C ARG B 81 -20.98 8.83 -21.32
N VAL B 82 -20.99 7.65 -20.72
CA VAL B 82 -21.84 7.37 -19.58
C VAL B 82 -20.95 7.10 -18.37
N TYR B 83 -21.21 7.83 -17.31
CA TYR B 83 -20.44 7.69 -16.08
C TYR B 83 -21.34 7.16 -14.97
N TYR B 84 -21.11 5.90 -14.59
CA TYR B 84 -21.90 5.29 -13.54
C TYR B 84 -21.17 5.56 -12.23
N LEU B 85 -21.67 6.53 -11.49
CA LEU B 85 -21.07 6.94 -10.21
C LEU B 85 -21.69 6.18 -9.03
N SER B 86 -20.87 5.38 -8.37
CA SER B 86 -21.36 4.58 -7.26
C SER B 86 -20.33 4.40 -6.15
N LEU B 87 -20.80 4.26 -4.91
CA LEU B 87 -19.90 4.04 -3.78
C LEU B 87 -19.56 2.56 -3.71
N GLU B 88 -20.19 1.77 -4.57
CA GLU B 88 -19.97 0.32 -4.57
C GLU B 88 -19.93 -0.37 -5.93
N PHE B 89 -19.03 -1.33 -6.06
CA PHE B 89 -18.91 -2.15 -7.25
C PHE B 89 -18.55 -3.55 -6.74
N TYR B 90 -19.54 -4.44 -6.72
CA TYR B 90 -19.31 -5.80 -6.22
C TYR B 90 -18.86 -6.70 -7.37
N MET B 91 -17.60 -6.57 -7.73
CA MET B 91 -17.04 -7.30 -8.87
C MET B 91 -16.77 -8.80 -8.75
N GLY B 92 -16.47 -9.30 -7.55
CA GLY B 92 -16.17 -10.71 -7.45
C GLY B 92 -14.81 -10.94 -8.09
N ARG B 93 -14.54 -12.15 -8.55
CA ARG B 93 -13.26 -12.47 -9.19
C ARG B 93 -13.25 -12.06 -10.64
N THR B 94 -12.07 -11.82 -11.20
CA THR B 94 -11.92 -11.35 -12.58
C THR B 94 -11.34 -12.34 -13.60
N LEU B 95 -10.46 -13.24 -13.15
CA LEU B 95 -9.79 -14.20 -14.03
C LEU B 95 -10.71 -14.94 -15.02
N GLN B 96 -11.59 -15.77 -14.49
CA GLN B 96 -12.50 -16.55 -15.31
C GLN B 96 -13.41 -15.68 -16.19
N ASN B 97 -13.92 -14.58 -15.63
CA ASN B 97 -14.80 -13.70 -16.38
C ASN B 97 -14.08 -13.08 -17.58
N THR B 98 -12.79 -12.79 -17.43
CA THR B 98 -12.01 -12.21 -18.51
C THR B 98 -11.78 -13.24 -19.61
N MET B 99 -11.34 -14.43 -19.22
CA MET B 99 -11.09 -15.51 -20.18
C MET B 99 -12.34 -15.80 -21.01
N ILE B 100 -13.49 -15.90 -20.35
CA ILE B 100 -14.74 -16.17 -21.04
C ILE B 100 -15.10 -15.05 -22.03
N ASN B 101 -15.08 -13.80 -21.57
CA ASN B 101 -15.44 -12.70 -22.45
C ASN B 101 -14.47 -12.49 -23.61
N LEU B 102 -13.21 -12.86 -23.43
CA LEU B 102 -12.21 -12.72 -24.48
C LEU B 102 -12.19 -13.97 -25.36
N GLY B 103 -13.04 -14.95 -25.02
CA GLY B 103 -13.08 -16.18 -25.79
C GLY B 103 -11.79 -16.99 -25.65
N LEU B 104 -11.14 -16.90 -24.49
CA LEU B 104 -9.89 -17.62 -24.25
C LEU B 104 -9.95 -18.80 -23.27
N GLN B 105 -11.09 -19.02 -22.63
CA GLN B 105 -11.15 -20.10 -21.64
C GLN B 105 -10.75 -21.52 -22.06
N ASN B 106 -11.19 -22.01 -23.22
CA ASN B 106 -10.80 -23.37 -23.60
C ASN B 106 -9.28 -23.43 -23.81
N ALA B 107 -8.77 -22.46 -24.58
CA ALA B 107 -7.36 -22.36 -24.87
C ALA B 107 -6.49 -22.25 -23.61
N CYS B 108 -6.92 -21.47 -22.64
CA CYS B 108 -6.16 -21.33 -21.39
C CYS B 108 -6.32 -22.61 -20.58
N ASP B 109 -7.56 -23.10 -20.52
CA ASP B 109 -7.86 -24.32 -19.80
C ASP B 109 -6.87 -25.39 -20.29
N GLU B 110 -6.70 -25.48 -21.60
CA GLU B 110 -5.79 -26.45 -22.20
C GLU B 110 -4.35 -26.24 -21.78
N ALA B 111 -3.87 -25.01 -21.91
CA ALA B 111 -2.50 -24.66 -21.55
C ALA B 111 -2.16 -25.09 -20.11
N ILE B 112 -3.05 -24.73 -19.18
CA ILE B 112 -2.84 -25.07 -17.77
C ILE B 112 -2.81 -26.59 -17.58
N TYR B 113 -3.68 -27.29 -18.29
CA TYR B 113 -3.72 -28.73 -18.21
C TYR B 113 -2.40 -29.35 -18.73
N GLN B 114 -1.97 -28.92 -19.91
CA GLN B 114 -0.76 -29.46 -20.48
C GLN B 114 0.47 -29.14 -19.63
N LEU B 115 0.34 -28.14 -18.77
CA LEU B 115 1.42 -27.72 -17.87
C LEU B 115 1.35 -28.53 -16.57
N GLY B 116 0.40 -29.45 -16.49
CA GLY B 116 0.27 -30.28 -15.31
C GLY B 116 -0.28 -29.55 -14.10
N LEU B 117 -1.06 -28.49 -14.36
CA LEU B 117 -1.65 -27.71 -13.29
C LEU B 117 -3.16 -27.87 -13.25
N ASP B 118 -3.74 -27.72 -12.05
CA ASP B 118 -5.18 -27.82 -11.86
C ASP B 118 -5.78 -26.42 -12.03
N ILE B 119 -6.42 -26.19 -13.17
CA ILE B 119 -7.02 -24.90 -13.49
C ILE B 119 -7.93 -24.39 -12.39
N GLU B 120 -8.70 -25.31 -11.80
CA GLU B 120 -9.64 -24.99 -10.73
C GLU B 120 -8.94 -24.44 -9.49
N GLU B 121 -7.92 -25.16 -9.03
CA GLU B 121 -7.19 -24.73 -7.86
C GLU B 121 -6.59 -23.33 -8.05
N LEU B 122 -6.15 -23.02 -9.27
CA LEU B 122 -5.58 -21.70 -9.54
C LEU B 122 -6.64 -20.62 -9.39
N GLU B 123 -7.77 -20.80 -10.06
CA GLU B 123 -8.85 -19.83 -9.99
C GLU B 123 -9.34 -19.55 -8.58
N GLU B 124 -9.39 -20.57 -7.73
CA GLU B 124 -9.84 -20.39 -6.36
C GLU B 124 -8.90 -19.50 -5.58
N ILE B 125 -7.67 -19.35 -6.07
CA ILE B 125 -6.70 -18.51 -5.39
C ILE B 125 -7.17 -17.06 -5.30
N GLU B 126 -7.76 -16.55 -6.38
CA GLU B 126 -8.20 -15.17 -6.43
C GLU B 126 -9.19 -14.66 -5.40
N GLU B 127 -8.85 -13.54 -4.79
CA GLU B 127 -9.71 -12.88 -3.81
C GLU B 127 -10.86 -12.22 -4.57
N ASP B 128 -12.05 -12.20 -3.98
CA ASP B 128 -13.15 -11.52 -4.63
C ASP B 128 -12.83 -10.03 -4.44
N ALA B 129 -13.28 -9.20 -5.38
CA ALA B 129 -13.11 -7.77 -5.18
C ALA B 129 -14.50 -7.46 -4.60
N GLY B 130 -14.61 -7.54 -3.28
CA GLY B 130 -15.89 -7.28 -2.62
C GLY B 130 -16.12 -5.86 -2.18
N LEU B 131 -16.04 -4.94 -3.14
CA LEU B 131 -16.24 -3.53 -2.85
C LEU B 131 -17.72 -3.16 -2.90
N GLY B 132 -18.55 -4.01 -2.31
CA GLY B 132 -19.98 -3.79 -2.28
C GLY B 132 -20.64 -4.59 -1.16
N ASN B 133 -21.86 -4.21 -0.81
CA ASN B 133 -22.61 -4.87 0.26
C ASN B 133 -23.51 -5.98 -0.23
N GLY B 134 -24.18 -5.73 -1.35
CA GLY B 134 -25.08 -6.71 -1.90
C GLY B 134 -25.66 -6.32 -3.25
N GLY B 135 -26.99 -6.30 -3.34
CA GLY B 135 -27.66 -5.97 -4.59
C GLY B 135 -27.26 -4.68 -5.28
N LEU B 136 -27.17 -3.60 -4.52
CA LEU B 136 -26.83 -2.30 -5.09
C LEU B 136 -25.47 -2.36 -5.78
N GLY B 137 -24.47 -2.90 -5.08
CA GLY B 137 -23.14 -3.01 -5.63
C GLY B 137 -23.03 -4.01 -6.76
N ARG B 138 -23.76 -5.12 -6.65
CA ARG B 138 -23.72 -6.13 -7.68
C ARG B 138 -24.37 -5.64 -8.98
N LEU B 139 -25.38 -4.79 -8.85
CA LEU B 139 -26.05 -4.24 -10.03
C LEU B 139 -25.05 -3.39 -10.82
N ALA B 140 -24.24 -2.62 -10.12
CA ALA B 140 -23.25 -1.77 -10.77
C ALA B 140 -22.27 -2.62 -11.56
N ALA B 141 -21.90 -3.75 -10.96
CA ALA B 141 -20.97 -4.69 -11.58
C ALA B 141 -21.57 -5.32 -12.83
N CYS B 142 -22.83 -5.74 -12.74
CA CYS B 142 -23.48 -6.34 -13.90
C CYS B 142 -23.65 -5.31 -15.00
N PHE B 143 -23.94 -4.07 -14.60
CA PHE B 143 -24.11 -3.00 -15.58
C PHE B 143 -22.83 -2.73 -16.36
N LEU B 144 -21.70 -2.70 -15.66
CA LEU B 144 -20.43 -2.48 -16.34
C LEU B 144 -20.23 -3.53 -17.43
N ASP B 145 -20.49 -4.77 -17.08
CA ASP B 145 -20.33 -5.86 -18.04
C ASP B 145 -21.25 -5.68 -19.25
N SER B 146 -22.52 -5.35 -19.01
CA SER B 146 -23.49 -5.17 -20.08
C SER B 146 -23.13 -3.99 -20.97
N MET B 147 -22.76 -2.86 -20.36
CA MET B 147 -22.39 -1.68 -21.12
C MET B 147 -21.16 -1.94 -22.00
N ALA B 148 -20.23 -2.75 -21.51
CA ALA B 148 -19.04 -3.07 -22.30
C ALA B 148 -19.47 -4.00 -23.45
N THR B 149 -20.37 -4.93 -23.16
CA THR B 149 -20.85 -5.86 -24.17
C THR B 149 -21.69 -5.14 -25.23
N LEU B 150 -22.39 -4.08 -24.84
CA LEU B 150 -23.20 -3.32 -25.78
C LEU B 150 -22.35 -2.25 -26.49
N GLY B 151 -21.06 -2.27 -26.19
CA GLY B 151 -20.13 -1.34 -26.80
C GLY B 151 -20.35 0.14 -26.50
N LEU B 152 -20.88 0.43 -25.32
CA LEU B 152 -21.13 1.81 -24.92
C LEU B 152 -19.87 2.42 -24.34
N ALA B 153 -19.68 3.73 -24.57
CA ALA B 153 -18.53 4.43 -24.03
C ALA B 153 -18.87 4.73 -22.57
N ALA B 154 -18.84 3.68 -21.73
CA ALA B 154 -19.18 3.79 -20.32
C ALA B 154 -18.00 3.67 -19.39
N TYR B 155 -18.11 4.36 -18.26
CA TYR B 155 -17.07 4.38 -17.24
C TYR B 155 -17.70 4.18 -15.87
N GLY B 156 -17.08 3.33 -15.06
CA GLY B 156 -17.56 3.13 -13.71
C GLY B 156 -16.65 3.95 -12.80
N TYR B 157 -17.24 4.72 -11.91
CA TYR B 157 -16.48 5.54 -10.97
C TYR B 157 -16.86 5.20 -9.55
N GLY B 158 -15.87 4.76 -8.77
CA GLY B 158 -16.10 4.40 -7.39
C GLY B 158 -14.88 4.61 -6.53
N ILE B 159 -14.89 4.00 -5.35
CA ILE B 159 -13.79 4.10 -4.41
C ILE B 159 -13.03 2.77 -4.33
N ARG B 160 -11.71 2.87 -4.30
CA ARG B 160 -10.86 1.69 -4.17
C ARG B 160 -10.65 1.48 -2.67
N TYR B 161 -11.60 0.82 -2.03
CA TYR B 161 -11.53 0.54 -0.60
C TYR B 161 -10.38 -0.43 -0.34
N GLU B 162 -9.55 -0.12 0.65
CA GLU B 162 -8.44 -0.99 0.99
C GLU B 162 -9.03 -2.28 1.56
N TYR B 163 -10.20 -2.14 2.18
CA TYR B 163 -10.90 -3.29 2.76
C TYR B 163 -12.34 -3.26 2.29
N GLY B 164 -12.78 -4.35 1.67
CA GLY B 164 -14.15 -4.43 1.18
C GLY B 164 -15.07 -4.99 2.24
N ILE B 165 -16.20 -5.57 1.82
CA ILE B 165 -17.15 -6.15 2.75
C ILE B 165 -16.40 -7.21 3.56
N PHE B 166 -16.45 -7.12 4.88
CA PHE B 166 -15.76 -8.06 5.76
C PHE B 166 -15.98 -9.54 5.46
N ASN B 167 -14.98 -10.35 5.77
CA ASN B 167 -15.10 -11.80 5.61
C ASN B 167 -15.86 -12.29 6.84
N GLN B 168 -16.85 -13.14 6.63
CA GLN B 168 -17.65 -13.61 7.76
C GLN B 168 -17.29 -15.01 8.26
N LYS B 169 -17.12 -15.12 9.57
CA LYS B 169 -16.82 -16.39 10.21
C LYS B 169 -17.97 -16.65 11.17
N ILE B 170 -18.16 -17.90 11.55
CA ILE B 170 -19.20 -18.26 12.51
C ILE B 170 -18.53 -18.90 13.71
N ARG B 171 -18.55 -18.22 14.85
CA ARG B 171 -17.95 -18.75 16.06
C ARG B 171 -19.00 -18.94 17.15
N ASP B 172 -19.12 -20.18 17.64
CA ASP B 172 -20.10 -20.53 18.66
C ASP B 172 -21.48 -20.12 18.17
N GLY B 173 -21.71 -20.33 16.87
CA GLY B 173 -23.00 -20.01 16.26
C GLY B 173 -23.23 -18.56 15.89
N TRP B 174 -22.35 -17.67 16.32
CA TRP B 174 -22.49 -16.24 16.04
C TRP B 174 -21.62 -15.72 14.90
N GLN B 175 -22.08 -14.66 14.24
CA GLN B 175 -21.29 -14.07 13.17
C GLN B 175 -20.08 -13.39 13.76
N VAL B 176 -18.96 -13.53 13.08
CA VAL B 176 -17.73 -12.89 13.52
C VAL B 176 -17.14 -12.22 12.28
N GLU B 177 -16.72 -10.96 12.40
CA GLU B 177 -16.15 -10.26 11.26
C GLU B 177 -14.63 -10.28 11.24
N GLU B 178 -14.07 -10.39 10.05
CA GLU B 178 -12.63 -10.35 9.86
C GLU B 178 -12.36 -9.38 8.70
N ALA B 179 -11.30 -8.58 8.82
CA ALA B 179 -10.95 -7.62 7.79
C ALA B 179 -10.64 -8.27 6.45
N ASP B 180 -11.29 -7.76 5.40
CA ASP B 180 -11.10 -8.24 4.04
C ASP B 180 -9.88 -7.54 3.43
N ASP B 181 -8.69 -8.06 3.72
CA ASP B 181 -7.43 -7.51 3.25
C ASP B 181 -7.13 -7.99 1.83
N TRP B 182 -8.07 -7.77 0.93
CA TRP B 182 -7.95 -8.24 -0.45
C TRP B 182 -6.78 -7.78 -1.28
N LEU B 183 -6.12 -6.68 -0.91
CA LEU B 183 -5.00 -6.18 -1.69
C LEU B 183 -3.64 -6.57 -1.14
N ARG B 184 -3.64 -7.33 -0.05
CA ARG B 184 -2.40 -7.73 0.59
C ARG B 184 -1.29 -8.25 -0.33
N TYR B 185 -1.61 -9.13 -1.27
CA TYR B 185 -0.58 -9.66 -2.17
C TYR B 185 -0.55 -9.05 -3.55
N GLY B 186 -1.33 -7.99 -3.76
CA GLY B 186 -1.35 -7.32 -5.03
C GLY B 186 -2.52 -7.69 -5.91
N ASN B 187 -3.01 -6.71 -6.65
CA ASN B 187 -4.14 -6.91 -7.55
C ASN B 187 -3.67 -6.66 -8.97
N PRO B 188 -3.45 -7.74 -9.74
CA PRO B 188 -2.98 -7.62 -11.12
C PRO B 188 -4.01 -6.97 -12.06
N TRP B 189 -5.27 -6.97 -11.63
CA TRP B 189 -6.35 -6.42 -12.46
C TRP B 189 -6.55 -4.91 -12.36
N GLU B 190 -5.74 -4.23 -11.55
CA GLU B 190 -5.86 -2.78 -11.42
C GLU B 190 -4.61 -2.12 -11.97
N LYS B 191 -4.78 -0.94 -12.52
CA LYS B 191 -3.68 -0.18 -13.09
C LYS B 191 -3.65 1.24 -12.51
N SER B 192 -2.62 1.52 -11.73
CA SER B 192 -2.44 2.85 -11.14
C SER B 192 -2.26 3.86 -12.27
N ARG B 193 -2.98 4.97 -12.20
CA ARG B 193 -2.87 6.02 -13.21
C ARG B 193 -2.36 7.30 -12.53
N PRO B 194 -1.07 7.31 -12.13
CA PRO B 194 -0.39 8.44 -11.45
C PRO B 194 -0.66 9.82 -12.05
N GLU B 195 -0.47 9.95 -13.36
CA GLU B 195 -0.65 11.23 -14.02
C GLU B 195 -2.04 11.86 -13.88
N PHE B 196 -3.01 11.11 -13.38
CA PHE B 196 -4.36 11.66 -13.23
C PHE B 196 -4.78 11.95 -11.78
N MET B 197 -3.80 11.96 -10.88
CA MET B 197 -4.04 12.26 -9.48
C MET B 197 -4.71 13.64 -9.36
N LEU B 198 -5.54 13.81 -8.33
CA LEU B 198 -6.24 15.07 -8.14
C LEU B 198 -6.39 15.42 -6.66
N PRO B 199 -6.55 16.71 -6.35
CA PRO B 199 -6.73 17.11 -4.96
C PRO B 199 -8.21 17.26 -4.62
N VAL B 200 -8.59 16.86 -3.41
CA VAL B 200 -9.96 16.99 -2.97
C VAL B 200 -9.90 17.84 -1.70
N HIS B 201 -10.87 18.74 -1.54
CA HIS B 201 -10.90 19.65 -0.40
C HIS B 201 -11.97 19.36 0.66
N PHE B 202 -11.63 19.64 1.92
CA PHE B 202 -12.53 19.43 3.04
C PHE B 202 -12.45 20.57 4.06
N TYR B 203 -13.52 20.72 4.84
CA TYR B 203 -13.61 21.77 5.86
C TYR B 203 -13.36 23.17 5.30
N GLY B 204 -12.50 23.94 5.96
CA GLY B 204 -12.22 25.29 5.51
C GLY B 204 -13.43 26.19 5.73
N LYS B 205 -13.53 27.31 5.03
CA LYS B 205 -14.69 28.17 5.23
C LYS B 205 -14.98 28.92 3.96
N VAL B 206 -16.14 29.56 3.92
CA VAL B 206 -16.54 30.31 2.73
C VAL B 206 -16.27 31.80 2.86
N GLU B 207 -15.62 32.35 1.83
CA GLU B 207 -15.32 33.78 1.79
C GLU B 207 -16.15 34.44 0.68
N HIS B 208 -16.87 35.49 1.03
CA HIS B 208 -17.68 36.20 0.05
C HIS B 208 -16.90 37.43 -0.41
N THR B 209 -16.12 37.25 -1.48
CA THR B 209 -15.25 38.29 -2.04
C THR B 209 -15.80 39.05 -3.25
N ASN B 210 -15.00 40.01 -3.68
CA ASN B 210 -15.28 40.87 -4.82
C ASN B 210 -15.19 40.05 -6.09
N THR B 211 -14.83 38.77 -5.95
CA THR B 211 -14.68 37.86 -7.07
C THR B 211 -15.43 36.56 -6.84
N GLY B 212 -16.65 36.66 -6.31
CA GLY B 212 -17.43 35.45 -6.07
C GLY B 212 -17.07 34.83 -4.73
N THR B 213 -17.67 33.68 -4.40
CA THR B 213 -17.38 33.05 -3.13
C THR B 213 -16.18 32.13 -3.25
N LYS B 214 -15.32 32.19 -2.25
CA LYS B 214 -14.12 31.36 -2.23
C LYS B 214 -14.16 30.41 -1.05
N TRP B 215 -13.77 29.16 -1.31
CA TRP B 215 -13.71 28.12 -0.30
C TRP B 215 -12.24 28.06 0.10
N ILE B 216 -11.91 28.73 1.21
CA ILE B 216 -10.54 28.86 1.71
C ILE B 216 -10.18 28.07 2.97
N ASP B 217 -8.88 27.95 3.22
CA ASP B 217 -8.36 27.26 4.39
C ASP B 217 -8.74 25.79 4.50
N THR B 218 -8.90 25.12 3.37
CA THR B 218 -9.27 23.72 3.40
C THR B 218 -8.11 22.75 3.62
N GLN B 219 -8.46 21.54 4.03
CA GLN B 219 -7.48 20.48 4.21
C GLN B 219 -7.57 19.72 2.90
N VAL B 220 -6.43 19.33 2.36
CA VAL B 220 -6.43 18.63 1.08
C VAL B 220 -6.09 17.15 1.20
N VAL B 221 -6.79 16.35 0.41
CA VAL B 221 -6.57 14.91 0.36
C VAL B 221 -6.41 14.56 -1.12
N LEU B 222 -5.35 13.83 -1.44
CA LEU B 222 -5.13 13.45 -2.82
C LEU B 222 -5.98 12.24 -3.21
N ALA B 223 -6.44 12.23 -4.45
CA ALA B 223 -7.22 11.13 -4.97
C ALA B 223 -6.42 10.48 -6.11
N LEU B 224 -5.94 9.27 -5.86
CA LEU B 224 -5.16 8.52 -6.83
C LEU B 224 -6.05 7.51 -7.54
N PRO B 225 -6.26 7.69 -8.85
CA PRO B 225 -7.10 6.76 -9.60
C PRO B 225 -6.44 5.45 -10.00
N TYR B 226 -7.22 4.38 -9.98
CA TYR B 226 -6.77 3.05 -10.37
C TYR B 226 -7.79 2.53 -11.38
N ASP B 227 -7.31 2.18 -12.57
CA ASP B 227 -8.19 1.68 -13.63
C ASP B 227 -8.22 0.16 -13.72
N THR B 228 -9.43 -0.38 -13.84
CA THR B 228 -9.60 -1.82 -14.00
C THR B 228 -10.35 -2.03 -15.31
N PRO B 229 -9.82 -2.88 -16.21
CA PRO B 229 -10.47 -3.15 -17.49
C PRO B 229 -11.78 -3.90 -17.35
N VAL B 230 -12.74 -3.51 -18.18
CA VAL B 230 -14.06 -4.14 -18.20
C VAL B 230 -14.27 -4.65 -19.62
N PRO B 231 -13.99 -5.94 -19.85
CA PRO B 231 -14.15 -6.55 -21.16
C PRO B 231 -15.57 -6.88 -21.58
N GLY B 232 -15.93 -6.42 -22.77
CA GLY B 232 -17.25 -6.72 -23.30
C GLY B 232 -17.23 -8.17 -23.71
N TYR B 233 -18.39 -8.80 -23.77
CA TYR B 233 -18.44 -10.20 -24.18
C TYR B 233 -18.20 -10.38 -25.67
N MET B 234 -17.08 -11.00 -26.02
CA MET B 234 -16.72 -11.29 -27.41
C MET B 234 -16.90 -10.13 -28.41
N ASN B 235 -16.42 -8.93 -28.10
CA ASN B 235 -16.59 -7.82 -29.04
C ASN B 235 -15.41 -6.84 -29.13
N ASN B 236 -14.27 -7.17 -28.55
CA ASN B 236 -13.12 -6.26 -28.62
C ASN B 236 -13.27 -4.95 -27.85
N THR B 237 -14.38 -4.77 -27.16
CA THR B 237 -14.56 -3.55 -26.39
C THR B 237 -14.02 -3.81 -24.99
N VAL B 238 -13.26 -2.86 -24.46
CA VAL B 238 -12.74 -2.96 -23.10
C VAL B 238 -12.90 -1.60 -22.46
N ASN B 239 -13.89 -1.48 -21.59
CA ASN B 239 -14.17 -0.24 -20.89
C ASN B 239 -13.34 -0.10 -19.62
N THR B 240 -13.59 0.97 -18.88
CA THR B 240 -12.83 1.23 -17.68
C THR B 240 -13.64 1.48 -16.42
N MET B 241 -13.16 0.89 -15.32
CA MET B 241 -13.74 1.11 -14.02
C MET B 241 -12.61 1.85 -13.32
N ARG B 242 -12.84 3.12 -12.99
CA ARG B 242 -11.83 3.92 -12.32
C ARG B 242 -12.21 4.12 -10.85
N LEU B 243 -11.38 3.55 -9.98
CA LEU B 243 -11.57 3.60 -8.54
C LEU B 243 -10.52 4.50 -7.89
N TRP B 244 -10.97 5.37 -6.98
CA TRP B 244 -10.07 6.31 -6.32
C TRP B 244 -9.65 5.91 -4.91
N SER B 245 -8.39 6.19 -4.59
CA SER B 245 -7.83 5.92 -3.27
C SER B 245 -7.33 7.24 -2.69
N ALA B 246 -7.58 7.44 -1.41
CA ALA B 246 -7.15 8.66 -0.73
C ALA B 246 -5.69 8.58 -0.27
N ARG B 247 -4.98 9.68 -0.43
CA ARG B 247 -3.58 9.75 -0.04
C ARG B 247 -3.30 11.14 0.52
N ALA B 248 -2.41 11.22 1.51
CA ALA B 248 -2.07 12.50 2.12
C ALA B 248 -1.15 13.31 1.20
N PRO B 249 -1.36 14.64 1.15
CA PRO B 249 -0.54 15.53 0.32
C PRO B 249 0.91 15.47 0.79
N TYR B 262 7.57 15.25 14.56
CA TYR B 262 7.76 14.73 13.17
C TYR B 262 7.19 13.33 12.96
N ILE B 263 7.52 12.40 13.84
CA ILE B 263 7.04 11.04 13.72
C ILE B 263 5.51 11.01 13.73
N GLN B 264 4.93 11.70 14.72
CA GLN B 264 3.48 11.74 14.83
C GLN B 264 2.86 12.34 13.59
N ALA B 265 3.48 13.38 13.06
CA ALA B 265 2.98 14.04 11.86
C ALA B 265 2.94 13.04 10.71
N VAL B 266 4.02 12.27 10.54
CA VAL B 266 4.06 11.28 9.47
C VAL B 266 2.97 10.24 9.70
N LEU B 267 2.87 9.74 10.93
CA LEU B 267 1.85 8.74 11.26
C LEU B 267 0.44 9.27 11.01
N ASP B 268 0.23 10.55 11.29
CA ASP B 268 -1.10 11.13 11.10
C ASP B 268 -1.55 11.23 9.66
N ARG B 269 -0.69 10.88 8.71
CA ARG B 269 -1.08 10.90 7.31
C ARG B 269 -2.15 9.80 7.15
N ASN B 270 -2.19 8.89 8.13
CA ASN B 270 -3.17 7.79 8.15
C ASN B 270 -4.60 8.32 8.12
N LEU B 271 -4.82 9.48 8.73
CA LEU B 271 -6.13 10.09 8.80
C LEU B 271 -6.75 10.36 7.42
N ALA B 272 -5.97 10.96 6.52
CA ALA B 272 -6.47 11.25 5.18
C ALA B 272 -6.73 9.93 4.45
N GLU B 273 -5.78 9.02 4.58
CA GLU B 273 -5.90 7.74 3.92
C GLU B 273 -7.06 6.89 4.43
N ASN B 274 -7.55 7.20 5.63
CA ASN B 274 -8.69 6.49 6.20
C ASN B 274 -9.97 6.69 5.38
N ILE B 275 -10.02 7.74 4.58
CA ILE B 275 -11.20 8.01 3.79
C ILE B 275 -11.59 6.86 2.86
N SER B 276 -10.60 6.23 2.20
CA SER B 276 -10.89 5.12 1.31
C SER B 276 -10.46 3.79 1.92
N ARG B 277 -10.38 3.77 3.24
CA ARG B 277 -9.92 2.58 3.95
C ARG B 277 -10.89 1.40 3.96
N VAL B 278 -12.14 1.65 4.32
CA VAL B 278 -13.13 0.59 4.43
C VAL B 278 -14.49 0.92 3.88
N LEU B 279 -15.14 -0.09 3.32
CA LEU B 279 -16.49 0.02 2.80
C LEU B 279 -17.46 -0.05 3.98
N TYR B 280 -18.40 0.89 4.08
CA TYR B 280 -19.39 0.84 5.15
C TYR B 280 -20.25 -0.39 4.86
N PRO B 281 -20.21 -1.38 5.77
CA PRO B 281 -20.95 -2.64 5.67
C PRO B 281 -22.47 -2.65 5.84
N ASN B 282 -23.11 -1.52 5.56
CA ASN B 282 -24.57 -1.44 5.70
C ASN B 282 -25.35 -1.67 4.42
N ASP B 283 -26.36 -2.52 4.51
CA ASP B 283 -27.23 -2.81 3.38
C ASP B 283 -28.59 -2.26 3.80
N ASN B 284 -29.15 -1.38 2.99
CA ASN B 284 -30.44 -0.76 3.29
C ASN B 284 -30.56 -0.16 4.69
N PHE B 285 -29.52 0.56 5.11
CA PHE B 285 -29.52 1.22 6.41
C PHE B 285 -28.58 2.41 6.36
N PHE B 286 -29.09 3.58 6.71
CA PHE B 286 -28.28 4.79 6.71
C PHE B 286 -27.59 5.01 8.05
N GLU B 287 -26.28 5.22 7.99
CA GLU B 287 -25.46 5.46 9.17
C GLU B 287 -24.76 6.79 8.87
N GLY B 288 -25.24 7.86 9.49
CA GLY B 288 -24.69 9.18 9.25
C GLY B 288 -23.36 9.53 9.89
N LYS B 289 -22.34 8.71 9.67
CA LYS B 289 -21.02 8.98 10.21
C LYS B 289 -20.27 9.99 9.34
N GLU B 290 -19.49 10.85 9.98
CA GLU B 290 -18.74 11.86 9.24
C GLU B 290 -17.77 11.24 8.24
N LEU B 291 -17.16 10.11 8.61
CA LEU B 291 -16.22 9.45 7.72
C LEU B 291 -16.92 9.00 6.43
N ARG B 292 -18.17 8.60 6.55
CA ARG B 292 -18.95 8.17 5.39
C ARG B 292 -19.22 9.39 4.50
N LEU B 293 -19.56 10.53 5.10
CA LEU B 293 -19.82 11.73 4.33
C LEU B 293 -18.55 12.09 3.56
N LYS B 294 -17.39 11.90 4.19
CA LYS B 294 -16.12 12.21 3.54
C LYS B 294 -15.89 11.31 2.32
N GLN B 295 -16.25 10.04 2.43
CA GLN B 295 -16.09 9.12 1.31
C GLN B 295 -16.95 9.56 0.15
N GLU B 296 -18.19 9.93 0.46
CA GLU B 296 -19.13 10.37 -0.56
C GLU B 296 -18.61 11.58 -1.32
N TYR B 297 -18.15 12.61 -0.60
CA TYR B 297 -17.64 13.79 -1.28
C TYR B 297 -16.37 13.43 -2.04
N PHE B 298 -15.54 12.59 -1.43
CA PHE B 298 -14.28 12.14 -2.03
C PHE B 298 -14.52 11.60 -3.45
N VAL B 299 -15.36 10.58 -3.59
CA VAL B 299 -15.62 10.00 -4.92
C VAL B 299 -16.14 11.04 -5.89
N VAL B 300 -17.15 11.78 -5.42
CA VAL B 300 -17.79 12.81 -6.19
C VAL B 300 -16.84 13.91 -6.69
N ALA B 301 -16.02 14.45 -5.80
CA ALA B 301 -15.08 15.50 -6.17
C ALA B 301 -14.08 15.04 -7.21
N ALA B 302 -13.44 13.90 -6.94
CA ALA B 302 -12.46 13.36 -7.89
C ALA B 302 -13.12 13.01 -9.22
N THR B 303 -14.29 12.38 -9.16
CA THR B 303 -15.00 11.98 -10.36
C THR B 303 -15.36 13.16 -11.26
N LEU B 304 -16.10 14.12 -10.72
CA LEU B 304 -16.50 15.28 -11.51
C LEU B 304 -15.32 16.06 -12.07
N GLN B 305 -14.27 16.24 -11.27
CA GLN B 305 -13.12 16.98 -11.76
C GLN B 305 -12.48 16.22 -12.93
N ASP B 306 -12.37 14.90 -12.79
CA ASP B 306 -11.78 14.07 -13.82
C ASP B 306 -12.66 14.08 -15.08
N ILE B 307 -13.98 14.09 -14.89
CA ILE B 307 -14.92 14.12 -16.01
C ILE B 307 -14.79 15.43 -16.78
N ILE B 308 -14.68 16.54 -16.06
CA ILE B 308 -14.53 17.85 -16.68
C ILE B 308 -13.20 17.94 -17.43
N ARG B 309 -12.14 17.45 -16.78
CA ARG B 309 -10.82 17.45 -17.39
C ARG B 309 -10.89 16.73 -18.73
N ARG B 310 -11.50 15.56 -18.74
CA ARG B 310 -11.62 14.79 -19.96
C ARG B 310 -12.43 15.55 -21.02
N PHE B 311 -13.50 16.21 -20.59
CA PHE B 311 -14.34 16.98 -21.51
C PHE B 311 -13.49 18.07 -22.18
N LYS B 312 -12.73 18.80 -21.37
CA LYS B 312 -11.88 19.85 -21.90
C LYS B 312 -10.86 19.37 -22.93
N ALA B 313 -10.34 18.17 -22.76
CA ALA B 313 -9.35 17.65 -23.69
C ALA B 313 -9.90 16.88 -24.90
N SER B 314 -11.22 16.84 -25.09
CA SER B 314 -11.78 16.06 -26.17
C SER B 314 -11.92 16.70 -27.56
N LYS B 315 -11.08 17.69 -27.86
CA LYS B 315 -11.19 18.36 -29.16
C LYS B 315 -12.66 18.42 -29.54
N PHE B 316 -13.37 19.42 -29.01
CA PHE B 316 -14.78 19.57 -29.27
C PHE B 316 -15.08 20.99 -29.75
N GLY B 317 -15.89 21.06 -30.81
CA GLY B 317 -16.29 22.32 -31.42
C GLY B 317 -15.67 23.59 -30.88
N SER B 318 -14.34 23.66 -30.85
CA SER B 318 -13.67 24.86 -30.35
C SER B 318 -14.07 25.20 -28.90
N THR B 319 -13.07 25.20 -28.01
CA THR B 319 -13.30 25.50 -26.60
C THR B 319 -12.73 26.89 -26.24
N ARG B 320 -13.53 27.93 -26.46
CA ARG B 320 -13.12 29.31 -26.14
C ARG B 320 -12.17 29.39 -24.92
N GLY B 321 -12.78 29.61 -23.76
CA GLY B 321 -12.06 29.72 -22.49
C GLY B 321 -13.08 29.89 -21.36
N ALA B 322 -12.81 30.80 -20.43
CA ALA B 322 -13.68 31.13 -19.28
C ALA B 322 -14.78 30.10 -19.05
N ALA B 323 -15.76 30.13 -19.94
CA ALA B 323 -16.85 29.18 -19.93
C ALA B 323 -16.37 28.37 -21.12
N THR B 324 -15.88 27.14 -20.91
CA THR B 324 -15.41 26.36 -22.04
C THR B 324 -16.68 25.98 -22.79
N VAL B 325 -17.61 26.92 -22.75
CA VAL B 325 -18.92 26.79 -23.35
C VAL B 325 -19.75 25.78 -22.56
N PHE B 326 -19.17 24.62 -22.28
CA PHE B 326 -19.86 23.56 -21.56
C PHE B 326 -21.27 23.33 -22.11
N ASP B 327 -21.64 24.10 -23.12
CA ASP B 327 -22.95 24.00 -23.76
C ASP B 327 -23.20 22.57 -24.20
N ALA B 328 -22.18 21.96 -24.76
CA ALA B 328 -22.26 20.60 -25.26
C ALA B 328 -21.94 19.56 -24.20
N PHE B 329 -21.62 20.01 -22.99
CA PHE B 329 -21.28 19.07 -21.90
C PHE B 329 -22.35 18.00 -21.73
N PRO B 330 -23.64 18.40 -21.65
CA PRO B 330 -24.76 17.47 -21.49
C PRO B 330 -24.93 16.51 -22.67
N ASP B 331 -24.42 16.91 -23.83
CA ASP B 331 -24.54 16.07 -25.02
C ASP B 331 -23.38 15.09 -25.12
N GLN B 332 -22.36 15.34 -24.30
CA GLN B 332 -21.17 14.49 -24.28
C GLN B 332 -21.00 13.73 -22.98
N VAL B 333 -21.79 14.10 -21.98
CA VAL B 333 -21.69 13.48 -20.66
C VAL B 333 -23.03 13.16 -20.01
N ALA B 334 -23.09 11.97 -19.43
CA ALA B 334 -24.26 11.49 -18.71
C ALA B 334 -23.69 10.88 -17.43
N ILE B 335 -24.23 11.29 -16.28
CA ILE B 335 -23.76 10.76 -15.00
C ILE B 335 -24.95 10.17 -14.25
N GLN B 336 -24.89 8.86 -13.99
CA GLN B 336 -25.96 8.18 -13.30
C GLN B 336 -25.64 8.05 -11.82
N LEU B 337 -26.52 8.59 -10.99
CA LEU B 337 -26.35 8.55 -9.55
C LEU B 337 -26.92 7.24 -9.01
N ASN B 338 -26.04 6.32 -8.65
CA ASN B 338 -26.49 5.05 -8.10
C ASN B 338 -26.93 5.32 -6.68
N ASP B 339 -28.22 5.58 -6.51
CA ASP B 339 -28.81 5.91 -5.22
C ASP B 339 -28.33 7.31 -4.83
N THR B 340 -28.68 7.76 -3.63
CA THR B 340 -28.31 9.10 -3.17
C THR B 340 -26.92 9.24 -2.57
N HIS B 341 -26.19 8.14 -2.46
CA HIS B 341 -24.86 8.16 -1.88
C HIS B 341 -23.96 9.20 -2.54
N PRO B 342 -24.04 9.35 -3.87
CA PRO B 342 -23.19 10.35 -4.51
C PRO B 342 -23.97 11.63 -4.82
N ALA B 343 -25.04 11.88 -4.07
CA ALA B 343 -25.87 13.07 -4.27
C ALA B 343 -25.08 14.38 -4.34
N LEU B 344 -24.00 14.47 -3.57
CA LEU B 344 -23.17 15.66 -3.54
C LEU B 344 -22.62 16.04 -4.92
N ALA B 345 -22.70 15.11 -5.87
CA ALA B 345 -22.23 15.36 -7.22
C ALA B 345 -22.97 16.55 -7.83
N ILE B 346 -24.25 16.69 -7.48
CA ILE B 346 -25.05 17.78 -8.01
C ILE B 346 -24.52 19.15 -7.55
N PRO B 347 -24.43 19.39 -6.24
CA PRO B 347 -23.91 20.69 -5.81
C PRO B 347 -22.42 20.87 -6.15
N GLU B 348 -21.71 19.76 -6.38
CA GLU B 348 -20.29 19.84 -6.74
C GLU B 348 -20.13 20.31 -8.18
N LEU B 349 -20.98 19.83 -9.08
CA LEU B 349 -20.87 20.27 -10.48
C LEU B 349 -21.19 21.76 -10.50
N MET B 350 -22.24 22.15 -9.78
CA MET B 350 -22.64 23.56 -9.72
C MET B 350 -21.47 24.40 -9.21
N ARG B 351 -20.79 23.92 -8.17
CA ARG B 351 -19.64 24.64 -7.61
C ARG B 351 -18.55 24.83 -8.66
N ILE B 352 -18.26 23.79 -9.41
CA ILE B 352 -17.23 23.87 -10.44
C ILE B 352 -17.67 24.86 -11.53
N PHE B 353 -18.90 24.71 -12.02
CA PHE B 353 -19.43 25.57 -13.08
C PHE B 353 -19.46 27.04 -12.67
N VAL B 354 -19.94 27.29 -11.46
CA VAL B 354 -20.06 28.65 -10.95
C VAL B 354 -18.80 29.28 -10.36
N ASP B 355 -18.25 28.69 -9.31
CA ASP B 355 -17.06 29.24 -8.65
C ASP B 355 -15.76 29.16 -9.42
N ILE B 356 -15.59 28.13 -10.23
CA ILE B 356 -14.35 27.95 -10.98
C ILE B 356 -14.47 28.32 -12.45
N GLU B 357 -15.50 27.79 -13.12
CA GLU B 357 -15.72 28.07 -14.54
C GLU B 357 -16.46 29.37 -14.76
N LYS B 358 -16.85 30.02 -13.67
CA LYS B 358 -17.53 31.31 -13.75
C LYS B 358 -18.79 31.38 -14.60
N LEU B 359 -19.52 30.27 -14.71
CA LEU B 359 -20.74 30.28 -15.51
C LEU B 359 -21.86 30.89 -14.67
N PRO B 360 -22.84 31.52 -15.34
CA PRO B 360 -23.95 32.10 -14.58
C PRO B 360 -24.77 30.96 -13.98
N TRP B 361 -25.32 31.20 -12.79
CA TRP B 361 -26.09 30.20 -12.09
C TRP B 361 -27.16 29.49 -12.93
N SER B 362 -28.01 30.27 -13.57
CA SER B 362 -29.09 29.72 -14.40
C SER B 362 -28.56 28.74 -15.44
N LYS B 363 -27.43 29.08 -16.05
CA LYS B 363 -26.84 28.23 -17.07
C LYS B 363 -26.30 26.94 -16.45
N ALA B 364 -25.58 27.09 -15.35
CA ALA B 364 -25.00 25.97 -14.65
C ALA B 364 -26.08 24.98 -14.24
N TRP B 365 -27.16 25.50 -13.67
CA TRP B 365 -28.26 24.64 -13.22
C TRP B 365 -28.89 23.88 -14.37
N GLU B 366 -29.01 24.55 -15.52
CA GLU B 366 -29.58 23.92 -16.71
C GLU B 366 -28.72 22.73 -17.12
N LEU B 367 -27.42 22.98 -17.29
CA LEU B 367 -26.48 21.95 -17.71
C LEU B 367 -26.42 20.82 -16.68
N THR B 368 -26.56 21.17 -15.41
CA THR B 368 -26.51 20.21 -14.33
C THR B 368 -27.65 19.20 -14.42
N GLN B 369 -28.89 19.68 -14.54
CA GLN B 369 -30.04 18.79 -14.63
C GLN B 369 -29.94 17.89 -15.86
N LYS B 370 -29.46 18.44 -16.98
CA LYS B 370 -29.34 17.65 -18.20
C LYS B 370 -28.27 16.58 -18.09
N THR B 371 -27.32 16.77 -17.18
CA THR B 371 -26.23 15.83 -16.97
C THR B 371 -26.59 14.66 -16.06
N PHE B 372 -27.22 14.97 -14.92
CA PHE B 372 -27.57 13.94 -13.93
C PHE B 372 -28.91 13.23 -14.07
N ALA B 373 -28.89 11.96 -13.66
CA ALA B 373 -30.07 11.11 -13.63
C ALA B 373 -29.88 10.35 -12.32
N TYR B 374 -30.97 10.17 -11.58
CA TYR B 374 -30.94 9.51 -10.29
C TYR B 374 -31.75 8.22 -10.23
N THR B 375 -31.13 7.16 -9.70
CA THR B 375 -31.82 5.88 -9.55
C THR B 375 -32.07 5.64 -8.07
N ASN B 376 -33.36 5.45 -7.73
CA ASN B 376 -33.76 5.19 -6.35
C ASN B 376 -33.79 3.68 -6.16
N HIS B 377 -33.04 3.20 -5.16
CA HIS B 377 -32.91 1.78 -4.89
C HIS B 377 -33.60 1.30 -3.61
N THR B 378 -34.46 2.11 -3.01
CA THR B 378 -35.16 1.66 -1.82
C THR B 378 -36.12 2.64 -1.20
N VAL B 379 -37.21 2.10 -0.67
CA VAL B 379 -38.21 2.94 -0.02
C VAL B 379 -38.22 2.70 1.49
N LEU B 380 -37.26 1.92 1.98
CA LEU B 380 -37.18 1.65 3.41
C LEU B 380 -36.66 2.89 4.14
N PRO B 381 -37.47 3.42 5.08
CA PRO B 381 -37.18 4.61 5.89
C PRO B 381 -35.80 4.68 6.54
N GLU B 382 -35.43 3.61 7.25
CA GLU B 382 -34.12 3.56 7.90
C GLU B 382 -32.97 3.65 6.89
N ALA B 383 -33.29 3.46 5.62
CA ALA B 383 -32.26 3.50 4.58
C ALA B 383 -32.04 4.89 3.99
N LEU B 384 -33.02 5.77 4.14
CA LEU B 384 -32.93 7.12 3.60
C LEU B 384 -31.78 7.96 4.13
N GLU B 385 -31.02 8.58 3.23
CA GLU B 385 -29.91 9.43 3.62
C GLU B 385 -30.41 10.82 4.00
N ARG B 386 -30.12 11.23 5.23
CA ARG B 386 -30.53 12.56 5.70
C ARG B 386 -29.43 13.11 6.59
N TRP B 387 -28.50 13.85 5.99
CA TRP B 387 -27.38 14.41 6.73
C TRP B 387 -27.75 15.67 7.50
N PRO B 388 -27.34 15.74 8.77
CA PRO B 388 -27.66 16.95 9.54
C PRO B 388 -26.87 18.12 8.96
N VAL B 389 -27.52 19.26 8.83
CA VAL B 389 -26.88 20.42 8.23
C VAL B 389 -25.58 20.82 8.92
N ASP B 390 -25.57 20.82 10.25
CA ASP B 390 -24.37 21.19 11.01
C ASP B 390 -23.13 20.44 10.53
N LEU B 391 -23.27 19.13 10.32
CA LEU B 391 -22.16 18.30 9.85
C LEU B 391 -21.71 18.79 8.46
N VAL B 392 -22.65 18.92 7.53
CA VAL B 392 -22.32 19.38 6.19
C VAL B 392 -21.71 20.77 6.21
N GLU B 393 -22.20 21.63 7.09
CA GLU B 393 -21.68 22.99 7.19
C GLU B 393 -20.20 22.98 7.56
N LYS B 394 -19.85 22.09 8.49
CA LYS B 394 -18.48 21.97 8.97
C LYS B 394 -17.54 21.37 7.93
N LEU B 395 -18.00 20.32 7.27
CA LEU B 395 -17.17 19.64 6.27
C LEU B 395 -17.21 20.25 4.88
N LEU B 396 -18.40 20.64 4.44
CA LEU B 396 -18.58 21.20 3.10
C LEU B 396 -19.39 22.50 3.12
N PRO B 397 -18.86 23.55 3.77
CA PRO B 397 -19.58 24.82 3.85
C PRO B 397 -20.09 25.36 2.51
N ARG B 398 -19.25 25.33 1.48
CA ARG B 398 -19.66 25.85 0.19
C ARG B 398 -20.79 25.03 -0.42
N HIS B 399 -20.81 23.72 -0.16
CA HIS B 399 -21.87 22.89 -0.72
C HIS B 399 -23.19 23.12 -0.01
N LEU B 400 -23.13 23.47 1.27
CA LEU B 400 -24.35 23.73 2.02
C LEU B 400 -25.01 24.99 1.47
N GLU B 401 -24.19 25.98 1.12
CA GLU B 401 -24.68 27.23 0.54
C GLU B 401 -25.37 26.92 -0.78
N ILE B 402 -24.68 26.16 -1.62
CA ILE B 402 -25.22 25.79 -2.93
C ILE B 402 -26.51 24.98 -2.78
N ILE B 403 -26.59 24.16 -1.74
CA ILE B 403 -27.78 23.36 -1.50
C ILE B 403 -28.95 24.27 -1.07
N TYR B 404 -28.65 25.27 -0.23
CA TYR B 404 -29.68 26.20 0.22
C TYR B 404 -30.23 27.01 -0.97
N GLU B 405 -29.35 27.41 -1.87
CA GLU B 405 -29.74 28.18 -3.04
C GLU B 405 -30.61 27.34 -3.99
N ILE B 406 -30.25 26.07 -4.17
CA ILE B 406 -31.02 25.18 -5.01
C ILE B 406 -32.41 25.07 -4.41
N ASN B 407 -32.46 24.88 -3.10
CA ASN B 407 -33.73 24.74 -2.39
C ASN B 407 -34.55 26.03 -2.51
N GLN B 408 -33.92 27.16 -2.25
CA GLN B 408 -34.59 28.45 -2.34
C GLN B 408 -35.27 28.63 -3.69
N LYS B 409 -34.51 28.42 -4.77
CA LYS B 409 -35.09 28.55 -6.11
C LYS B 409 -36.15 27.48 -6.32
N HIS B 410 -35.96 26.33 -5.70
CA HIS B 410 -36.89 25.22 -5.81
C HIS B 410 -38.24 25.61 -5.20
N LEU B 411 -38.19 26.05 -3.95
CA LEU B 411 -39.38 26.44 -3.23
C LEU B 411 -40.09 27.66 -3.80
N ASP B 412 -39.32 28.68 -4.19
CA ASP B 412 -39.93 29.89 -4.76
C ASP B 412 -40.94 29.49 -5.81
N ARG B 413 -40.54 28.62 -6.73
CA ARG B 413 -41.43 28.17 -7.79
C ARG B 413 -42.69 27.47 -7.30
N ILE B 414 -42.52 26.54 -6.38
CA ILE B 414 -43.68 25.83 -5.85
C ILE B 414 -44.65 26.89 -5.32
N VAL B 415 -44.11 27.86 -4.60
CA VAL B 415 -44.92 28.93 -4.06
C VAL B 415 -45.59 29.65 -5.22
N ALA B 416 -44.83 29.87 -6.29
CA ALA B 416 -45.35 30.55 -7.47
C ALA B 416 -46.51 29.75 -8.06
N LEU B 417 -46.39 28.43 -8.03
CA LEU B 417 -47.42 27.55 -8.58
C LEU B 417 -48.53 27.21 -7.58
N PHE B 418 -48.22 27.22 -6.28
CA PHE B 418 -49.22 26.90 -5.27
C PHE B 418 -49.25 27.92 -4.16
N PRO B 419 -49.74 29.14 -4.44
CA PRO B 419 -49.79 30.19 -3.43
C PRO B 419 -50.41 29.77 -2.11
N LYS B 420 -51.45 28.94 -2.17
CA LYS B 420 -52.14 28.54 -0.95
C LYS B 420 -51.89 27.11 -0.45
N ASP B 421 -50.64 26.65 -0.55
CA ASP B 421 -50.35 25.31 -0.06
C ASP B 421 -49.04 25.31 0.71
N VAL B 422 -49.08 25.86 1.91
CA VAL B 422 -47.91 25.97 2.74
C VAL B 422 -47.26 24.63 3.04
N ASP B 423 -48.04 23.67 3.54
CA ASP B 423 -47.48 22.36 3.88
C ASP B 423 -46.76 21.71 2.70
N ARG B 424 -47.17 22.04 1.49
CA ARG B 424 -46.51 21.47 0.32
C ARG B 424 -45.05 21.87 0.33
N LEU B 425 -44.77 23.08 0.81
CA LEU B 425 -43.40 23.58 0.90
C LEU B 425 -42.55 22.74 1.85
N ARG B 426 -43.05 22.44 3.04
CA ARG B 426 -42.25 21.63 3.96
C ARG B 426 -42.07 20.22 3.43
N ARG B 427 -43.05 19.76 2.65
CA ARG B 427 -42.98 18.43 2.07
C ARG B 427 -41.96 18.28 0.95
N MET B 428 -41.80 19.32 0.13
CA MET B 428 -40.87 19.29 -0.99
C MET B 428 -39.50 19.91 -0.76
N SER B 429 -39.32 20.55 0.39
CA SER B 429 -38.04 21.18 0.69
C SER B 429 -36.93 20.16 0.78
N LEU B 430 -35.69 20.59 0.52
CA LEU B 430 -34.56 19.69 0.61
C LEU B 430 -34.10 19.63 2.06
N ILE B 431 -34.65 20.53 2.86
CA ILE B 431 -34.31 20.61 4.28
C ILE B 431 -35.49 20.26 5.18
N GLU B 432 -35.23 19.42 6.19
CA GLU B 432 -36.24 19.02 7.16
C GLU B 432 -35.85 19.83 8.40
N GLU B 433 -36.59 20.90 8.69
CA GLU B 433 -36.28 21.78 9.81
C GLU B 433 -36.68 21.27 11.18
N GLU B 434 -37.74 20.49 11.22
CA GLU B 434 -38.23 19.93 12.47
C GLU B 434 -37.00 19.59 13.29
N GLY B 435 -36.99 20.00 14.56
CA GLY B 435 -35.86 19.71 15.42
C GLY B 435 -34.56 19.75 14.65
N SER B 436 -33.59 18.95 15.05
CA SER B 436 -32.31 18.90 14.35
C SER B 436 -32.59 19.01 12.84
N LYS B 437 -31.92 19.93 12.17
CA LYS B 437 -32.13 20.12 10.74
C LYS B 437 -31.32 19.14 9.89
N ARG B 438 -31.97 18.59 8.87
CA ARG B 438 -31.33 17.63 7.98
C ARG B 438 -31.62 17.87 6.52
N ILE B 439 -30.72 17.37 5.66
CA ILE B 439 -30.87 17.50 4.22
C ILE B 439 -31.41 16.20 3.64
N ASN B 440 -32.53 16.31 2.92
CA ASN B 440 -33.12 15.13 2.29
C ASN B 440 -32.35 14.97 0.98
N MET B 441 -31.40 14.04 0.95
CA MET B 441 -30.58 13.81 -0.24
C MET B 441 -31.37 13.34 -1.46
N ALA B 442 -32.42 12.56 -1.24
CA ALA B 442 -33.22 12.10 -2.36
C ALA B 442 -33.87 13.30 -3.03
N HIS B 443 -34.37 14.25 -2.23
CA HIS B 443 -34.99 15.45 -2.78
C HIS B 443 -33.98 16.20 -3.65
N LEU B 444 -32.75 16.33 -3.15
CA LEU B 444 -31.69 17.00 -3.88
C LEU B 444 -31.46 16.30 -5.23
N CYS B 445 -31.39 14.97 -5.19
CA CYS B 445 -31.18 14.21 -6.43
C CYS B 445 -32.32 14.41 -7.41
N ILE B 446 -33.55 14.45 -6.90
CA ILE B 446 -34.70 14.62 -7.78
C ILE B 446 -34.72 15.97 -8.50
N VAL B 447 -34.42 17.06 -7.79
CA VAL B 447 -34.44 18.39 -8.40
C VAL B 447 -33.23 18.66 -9.27
N GLY B 448 -32.17 17.85 -9.08
CA GLY B 448 -30.97 18.04 -9.86
C GLY B 448 -30.83 17.12 -11.04
N SER B 449 -31.78 16.21 -11.22
CA SER B 449 -31.72 15.25 -12.32
C SER B 449 -32.88 15.38 -13.28
N HIS B 450 -32.66 14.99 -14.54
CA HIS B 450 -33.70 15.06 -15.55
C HIS B 450 -34.46 13.75 -15.62
N ALA B 451 -33.98 12.76 -14.88
CA ALA B 451 -34.61 11.46 -14.86
C ALA B 451 -34.42 10.81 -13.49
N VAL B 452 -35.47 10.18 -13.00
CA VAL B 452 -35.44 9.50 -11.72
C VAL B 452 -36.10 8.17 -11.99
N ASN B 453 -35.42 7.07 -11.69
CA ASN B 453 -36.01 5.76 -11.93
C ASN B 453 -35.93 4.81 -10.75
N GLY B 454 -36.91 3.91 -10.71
CA GLY B 454 -36.97 2.88 -9.69
C GLY B 454 -36.38 1.66 -10.38
N VAL B 455 -36.28 0.53 -9.69
CA VAL B 455 -35.66 -0.65 -10.27
C VAL B 455 -36.58 -1.85 -10.53
N ALA B 456 -37.89 -1.59 -10.51
CA ALA B 456 -38.89 -2.62 -10.76
C ALA B 456 -40.25 -1.92 -10.82
N LYS B 457 -41.10 -2.37 -11.73
CA LYS B 457 -42.41 -1.76 -11.91
C LYS B 457 -43.14 -1.41 -10.61
N ILE B 458 -43.27 -2.40 -9.73
CA ILE B 458 -43.96 -2.17 -8.47
C ILE B 458 -43.28 -1.08 -7.65
N HIS B 459 -41.95 -1.06 -7.72
CA HIS B 459 -41.15 -0.11 -6.97
C HIS B 459 -41.17 1.29 -7.58
N SER B 460 -41.02 1.35 -8.90
CA SER B 460 -41.02 2.63 -9.59
C SER B 460 -42.36 3.33 -9.43
N ASP B 461 -43.43 2.53 -9.35
CA ASP B 461 -44.76 3.10 -9.18
C ASP B 461 -44.91 3.73 -7.78
N ILE B 462 -44.42 3.03 -6.76
CA ILE B 462 -44.49 3.53 -5.39
C ILE B 462 -43.69 4.83 -5.26
N VAL B 463 -42.50 4.83 -5.86
CA VAL B 463 -41.62 5.99 -5.82
C VAL B 463 -42.29 7.19 -6.50
N LYS B 464 -42.89 6.95 -7.66
CA LYS B 464 -43.53 8.04 -8.39
C LYS B 464 -44.86 8.53 -7.84
N THR B 465 -45.77 7.61 -7.54
CA THR B 465 -47.10 7.98 -7.06
C THR B 465 -47.31 8.16 -5.56
N LYS B 466 -46.40 7.63 -4.74
CA LYS B 466 -46.52 7.77 -3.29
C LYS B 466 -45.37 8.57 -2.69
N VAL B 467 -44.20 7.95 -2.59
CA VAL B 467 -43.03 8.60 -2.00
C VAL B 467 -42.73 9.99 -2.54
N PHE B 468 -42.75 10.16 -3.85
CA PHE B 468 -42.45 11.46 -4.42
C PHE B 468 -43.61 12.04 -5.23
N LYS B 469 -44.82 11.81 -4.74
CA LYS B 469 -46.03 12.30 -5.39
C LYS B 469 -45.95 13.79 -5.69
N ASP B 470 -45.57 14.59 -4.68
CA ASP B 470 -45.48 16.03 -4.87
C ASP B 470 -44.60 16.43 -6.04
N PHE B 471 -43.54 15.65 -6.29
CA PHE B 471 -42.62 15.95 -7.39
C PHE B 471 -43.09 15.43 -8.76
N SER B 472 -43.57 14.19 -8.79
CA SER B 472 -44.03 13.61 -10.04
C SER B 472 -45.23 14.35 -10.65
N GLU B 473 -46.14 14.84 -9.81
CA GLU B 473 -47.30 15.57 -10.32
C GLU B 473 -46.80 16.79 -11.07
N LEU B 474 -45.83 17.46 -10.48
CA LEU B 474 -45.25 18.65 -11.08
C LEU B 474 -44.41 18.31 -12.30
N GLU B 475 -43.72 17.18 -12.25
CA GLU B 475 -42.87 16.72 -13.36
C GLU B 475 -43.15 15.26 -13.68
N PRO B 476 -44.31 14.97 -14.29
CA PRO B 476 -44.69 13.60 -14.65
C PRO B 476 -43.55 12.87 -15.37
N ASP B 477 -43.31 13.29 -16.60
CA ASP B 477 -42.29 12.69 -17.46
C ASP B 477 -40.92 12.47 -16.84
N LYS B 478 -40.67 13.00 -15.64
CA LYS B 478 -39.36 12.81 -15.03
C LYS B 478 -39.13 11.40 -14.53
N PHE B 479 -40.13 10.81 -13.89
CA PHE B 479 -40.04 9.49 -13.31
C PHE B 479 -40.21 8.34 -14.29
N GLN B 480 -39.35 7.35 -14.16
CA GLN B 480 -39.39 6.18 -15.04
C GLN B 480 -39.13 4.91 -14.25
N ASN B 481 -39.24 3.79 -14.94
CA ASN B 481 -38.94 2.50 -14.35
C ASN B 481 -37.88 1.86 -15.22
N LYS B 482 -36.98 1.11 -14.59
CA LYS B 482 -35.93 0.40 -15.30
C LYS B 482 -35.74 -0.85 -14.47
N THR B 483 -36.41 -1.92 -14.88
CA THR B 483 -36.33 -3.17 -14.14
C THR B 483 -34.92 -3.71 -14.19
N ASN B 484 -34.42 -4.09 -13.02
CA ASN B 484 -33.08 -4.62 -12.89
C ASN B 484 -32.83 -5.85 -13.76
N GLY B 485 -31.56 -6.26 -13.84
CA GLY B 485 -31.16 -7.41 -14.61
C GLY B 485 -29.83 -7.93 -14.08
N ILE B 486 -29.41 -9.09 -14.57
CA ILE B 486 -28.15 -9.70 -14.15
C ILE B 486 -27.44 -10.13 -15.43
N THR B 487 -26.11 -10.11 -15.43
CA THR B 487 -25.38 -10.51 -16.62
C THR B 487 -25.37 -12.02 -16.79
N PRO B 488 -25.83 -12.50 -17.95
CA PRO B 488 -25.87 -13.94 -18.22
C PRO B 488 -24.48 -14.55 -18.43
N ARG B 489 -23.45 -13.71 -18.44
CA ARG B 489 -22.10 -14.25 -18.58
C ARG B 489 -21.70 -14.83 -17.23
N ARG B 490 -21.51 -13.96 -16.25
CA ARG B 490 -21.15 -14.38 -14.91
C ARG B 490 -22.18 -15.30 -14.29
N TRP B 491 -23.45 -14.93 -14.38
CA TRP B 491 -24.52 -15.70 -13.76
C TRP B 491 -25.13 -16.87 -14.54
N LEU B 492 -24.42 -17.33 -15.58
CA LEU B 492 -24.87 -18.48 -16.35
C LEU B 492 -23.67 -19.19 -17.00
N LEU B 493 -23.06 -18.55 -18.00
CA LEU B 493 -21.91 -19.16 -18.67
C LEU B 493 -20.79 -19.49 -17.70
N LEU B 494 -20.55 -18.58 -16.76
CA LEU B 494 -19.48 -18.79 -15.79
C LEU B 494 -19.84 -19.72 -14.62
N CYS B 495 -20.87 -19.36 -13.87
CA CYS B 495 -21.27 -20.15 -12.70
C CYS B 495 -21.95 -21.50 -13.01
N ASN B 496 -22.54 -21.63 -14.19
CA ASN B 496 -23.24 -22.87 -14.54
C ASN B 496 -22.88 -23.36 -15.95
N PRO B 497 -21.60 -23.67 -16.21
CA PRO B 497 -21.23 -24.14 -17.55
C PRO B 497 -22.07 -25.32 -18.04
N GLY B 498 -22.48 -26.19 -17.13
CA GLY B 498 -23.29 -27.33 -17.51
C GLY B 498 -24.62 -26.90 -18.12
N LEU B 499 -25.31 -25.96 -17.46
CA LEU B 499 -26.58 -25.50 -17.98
C LEU B 499 -26.34 -24.78 -19.30
N ALA B 500 -25.36 -23.88 -19.30
CA ALA B 500 -25.05 -23.12 -20.51
C ALA B 500 -24.80 -24.04 -21.70
N GLU B 501 -24.07 -25.13 -21.48
CA GLU B 501 -23.76 -26.08 -22.55
C GLU B 501 -25.04 -26.75 -23.06
N LEU B 502 -25.85 -27.23 -22.13
CA LEU B 502 -27.10 -27.91 -22.46
C LEU B 502 -28.01 -27.03 -23.32
N ILE B 503 -28.13 -25.77 -22.93
CA ILE B 503 -28.97 -24.83 -23.66
C ILE B 503 -28.40 -24.56 -25.04
N ALA B 504 -27.09 -24.38 -25.10
CA ALA B 504 -26.41 -24.08 -26.36
C ALA B 504 -26.65 -25.21 -27.35
N GLU B 505 -26.47 -26.44 -26.85
CA GLU B 505 -26.64 -27.61 -27.68
C GLU B 505 -28.03 -27.67 -28.32
N LYS B 506 -29.04 -27.20 -27.60
CA LYS B 506 -30.40 -27.21 -28.09
C LYS B 506 -30.80 -26.02 -28.96
N ILE B 507 -30.39 -24.81 -28.58
CA ILE B 507 -30.78 -23.62 -29.35
C ILE B 507 -29.67 -22.72 -29.88
N GLY B 508 -28.42 -23.14 -29.81
CA GLY B 508 -27.36 -22.29 -30.31
C GLY B 508 -26.82 -21.37 -29.22
N GLU B 509 -25.78 -20.62 -29.54
CA GLU B 509 -25.15 -19.71 -28.58
C GLU B 509 -25.63 -18.28 -28.63
N ASP B 510 -26.56 -17.99 -29.52
CA ASP B 510 -27.07 -16.64 -29.64
C ASP B 510 -27.65 -16.07 -28.35
N TYR B 511 -28.21 -16.93 -27.51
CA TYR B 511 -28.82 -16.46 -26.27
C TYR B 511 -27.89 -15.67 -25.36
N VAL B 512 -26.58 -15.90 -25.44
CA VAL B 512 -25.66 -15.17 -24.56
C VAL B 512 -25.77 -13.64 -24.72
N LYS B 513 -25.90 -13.19 -25.96
CA LYS B 513 -26.01 -11.76 -26.22
C LYS B 513 -27.46 -11.29 -26.37
N ASP B 514 -28.38 -12.24 -26.48
CA ASP B 514 -29.80 -11.94 -26.61
C ASP B 514 -30.53 -13.01 -25.80
N LEU B 515 -30.62 -12.77 -24.50
CA LEU B 515 -31.25 -13.72 -23.60
C LEU B 515 -32.72 -14.05 -23.90
N SER B 516 -33.41 -13.13 -24.57
CA SER B 516 -34.82 -13.38 -24.90
C SER B 516 -34.92 -14.66 -25.74
N GLN B 517 -33.80 -15.02 -26.37
CA GLN B 517 -33.74 -16.23 -27.20
C GLN B 517 -34.05 -17.49 -26.40
N LEU B 518 -34.00 -17.39 -25.08
CA LEU B 518 -34.27 -18.57 -24.25
C LEU B 518 -35.69 -19.09 -24.42
N THR B 519 -36.59 -18.23 -24.91
CA THR B 519 -37.98 -18.62 -25.12
C THR B 519 -38.06 -19.80 -26.07
N LYS B 520 -37.01 -19.99 -26.87
CA LYS B 520 -36.98 -21.09 -27.80
C LYS B 520 -37.05 -22.43 -27.06
N LEU B 521 -36.55 -22.43 -25.83
CA LEU B 521 -36.56 -23.65 -25.03
C LEU B 521 -37.98 -24.19 -24.84
N HIS B 522 -38.98 -23.35 -25.09
CA HIS B 522 -40.38 -23.78 -24.95
C HIS B 522 -40.69 -24.97 -25.85
N SER B 523 -39.88 -25.13 -26.90
CA SER B 523 -40.08 -26.21 -27.85
C SER B 523 -39.83 -27.58 -27.27
N PHE B 524 -39.15 -27.63 -26.13
CA PHE B 524 -38.83 -28.91 -25.50
C PHE B 524 -39.72 -29.25 -24.30
N LEU B 525 -40.82 -28.50 -24.15
CA LEU B 525 -41.72 -28.71 -23.04
C LEU B 525 -42.17 -30.16 -22.81
N GLY B 526 -42.33 -30.92 -23.88
CA GLY B 526 -42.75 -32.30 -23.70
C GLY B 526 -41.62 -33.28 -23.94
N ASP B 527 -40.42 -32.74 -24.15
CA ASP B 527 -39.25 -33.57 -24.42
C ASP B 527 -38.69 -34.18 -23.13
N ASP B 528 -39.13 -35.39 -22.82
CA ASP B 528 -38.69 -36.08 -21.61
C ASP B 528 -37.18 -36.19 -21.50
N VAL B 529 -36.53 -36.55 -22.60
CA VAL B 529 -35.09 -36.68 -22.58
C VAL B 529 -34.43 -35.36 -22.18
N PHE B 530 -34.92 -34.26 -22.73
CA PHE B 530 -34.35 -32.97 -22.39
C PHE B 530 -34.54 -32.72 -20.90
N LEU B 531 -35.77 -32.88 -20.44
CA LEU B 531 -36.09 -32.70 -19.03
C LEU B 531 -35.16 -33.55 -18.18
N ARG B 532 -34.86 -34.76 -18.64
CA ARG B 532 -33.95 -35.63 -17.90
C ARG B 532 -32.56 -34.98 -17.86
N GLU B 533 -32.11 -34.48 -19.01
CA GLU B 533 -30.81 -33.81 -19.11
C GLU B 533 -30.77 -32.58 -18.18
N LEU B 534 -31.87 -31.84 -18.15
CA LEU B 534 -31.95 -30.65 -17.31
C LEU B 534 -31.72 -31.04 -15.85
N ALA B 535 -32.41 -32.09 -15.41
CA ALA B 535 -32.29 -32.56 -14.04
C ALA B 535 -30.88 -33.06 -13.74
N LYS B 536 -30.24 -33.70 -14.71
CA LYS B 536 -28.90 -34.21 -14.50
C LYS B 536 -27.94 -33.05 -14.18
N VAL B 537 -28.04 -31.98 -14.97
CA VAL B 537 -27.20 -30.81 -14.75
C VAL B 537 -27.38 -30.30 -13.32
N LYS B 538 -28.62 -30.11 -12.89
CA LYS B 538 -28.89 -29.65 -11.54
C LYS B 538 -28.27 -30.64 -10.57
N GLN B 539 -28.47 -31.92 -10.88
CA GLN B 539 -27.94 -33.03 -10.09
C GLN B 539 -26.42 -32.87 -9.91
N GLU B 540 -25.74 -32.62 -11.02
CA GLU B 540 -24.30 -32.46 -10.99
C GLU B 540 -23.88 -31.27 -10.13
N ASN B 541 -24.61 -30.17 -10.24
CA ASN B 541 -24.29 -28.98 -9.45
C ASN B 541 -24.47 -29.27 -7.96
N LYS B 542 -25.58 -29.91 -7.61
CA LYS B 542 -25.86 -30.26 -6.22
C LYS B 542 -24.79 -31.18 -5.65
N LEU B 543 -24.25 -32.04 -6.49
CA LEU B 543 -23.22 -32.99 -6.05
C LEU B 543 -21.96 -32.21 -5.72
N LYS B 544 -21.52 -31.39 -6.66
CA LYS B 544 -20.32 -30.61 -6.43
C LYS B 544 -20.47 -29.73 -5.20
N PHE B 545 -21.61 -29.06 -5.06
CA PHE B 545 -21.80 -28.18 -3.92
C PHE B 545 -21.90 -28.96 -2.62
N SER B 546 -22.50 -30.15 -2.68
CA SER B 546 -22.63 -30.98 -1.47
C SER B 546 -21.24 -31.34 -0.98
N GLN B 547 -20.30 -31.50 -1.90
CA GLN B 547 -18.94 -31.83 -1.50
C GLN B 547 -18.44 -30.64 -0.70
N PHE B 548 -18.66 -29.43 -1.23
CA PHE B 548 -18.23 -28.22 -0.56
C PHE B 548 -18.79 -28.22 0.86
N LEU B 549 -20.11 -28.33 0.98
CA LEU B 549 -20.78 -28.30 2.28
C LEU B 549 -20.22 -29.26 3.31
N GLU B 550 -19.92 -30.49 2.89
CA GLU B 550 -19.41 -31.46 3.83
C GLU B 550 -17.98 -31.19 4.29
N THR B 551 -17.12 -30.71 3.40
CA THR B 551 -15.73 -30.45 3.79
C THR B 551 -15.65 -29.17 4.64
N GLU B 552 -16.68 -28.35 4.58
CA GLU B 552 -16.71 -27.12 5.35
C GLU B 552 -17.48 -27.29 6.65
N TYR B 553 -18.58 -28.04 6.61
CA TYR B 553 -19.39 -28.26 7.80
C TYR B 553 -19.41 -29.75 8.10
N LYS B 554 -19.39 -30.12 9.38
CA LYS B 554 -19.37 -31.53 9.77
C LYS B 554 -20.58 -32.33 9.28
N VAL B 555 -21.62 -31.61 8.85
CA VAL B 555 -22.85 -32.24 8.38
C VAL B 555 -22.70 -33.18 7.18
N LYS B 556 -23.66 -34.10 7.07
CA LYS B 556 -23.69 -35.06 5.95
C LYS B 556 -24.92 -34.69 5.14
N ILE B 557 -24.71 -34.35 3.87
CA ILE B 557 -25.82 -33.93 3.01
C ILE B 557 -26.50 -35.05 2.21
N ASN B 558 -27.82 -35.05 2.24
CA ASN B 558 -28.61 -36.02 1.49
C ASN B 558 -28.68 -35.46 0.09
N PRO B 559 -27.85 -35.96 -0.83
CA PRO B 559 -27.85 -35.45 -2.22
C PRO B 559 -29.19 -35.62 -2.92
N SER B 560 -30.11 -36.34 -2.28
CA SER B 560 -31.42 -36.59 -2.85
C SER B 560 -32.44 -35.56 -2.36
N SER B 561 -31.99 -34.74 -1.42
CA SER B 561 -32.85 -33.73 -0.83
C SER B 561 -33.01 -32.49 -1.69
N MET B 562 -34.16 -31.84 -1.57
CA MET B 562 -34.43 -30.61 -2.29
C MET B 562 -33.58 -29.52 -1.62
N PHE B 563 -32.83 -28.77 -2.42
CA PHE B 563 -32.01 -27.70 -1.88
C PHE B 563 -32.85 -26.44 -1.77
N ASP B 564 -33.23 -26.11 -0.55
CA ASP B 564 -34.05 -24.95 -0.22
C ASP B 564 -33.07 -23.86 0.20
N VAL B 565 -32.92 -22.84 -0.65
CA VAL B 565 -31.96 -21.79 -0.37
C VAL B 565 -32.43 -20.34 -0.26
N GLN B 566 -31.92 -19.65 0.75
CA GLN B 566 -32.19 -18.23 0.96
C GLN B 566 -30.86 -17.56 1.25
N VAL B 567 -30.24 -17.00 0.22
CA VAL B 567 -28.96 -16.31 0.39
C VAL B 567 -29.10 -14.86 -0.03
N LYS B 568 -28.75 -13.97 0.89
CA LYS B 568 -28.83 -12.53 0.67
C LYS B 568 -28.44 -11.90 2.00
N ARG B 569 -28.25 -10.59 2.03
CA ARG B 569 -27.90 -9.91 3.27
C ARG B 569 -28.99 -10.14 4.32
N ILE B 570 -28.58 -10.33 5.58
CA ILE B 570 -29.55 -10.55 6.66
C ILE B 570 -30.22 -9.22 7.03
N HIS B 571 -31.54 -9.20 7.00
CA HIS B 571 -32.30 -7.99 7.34
C HIS B 571 -33.72 -8.42 7.69
N GLU B 572 -34.38 -7.69 8.58
CA GLU B 572 -35.73 -8.05 8.97
C GLU B 572 -36.71 -8.05 7.80
N TYR B 573 -36.59 -7.07 6.91
CA TYR B 573 -37.51 -7.00 5.78
C TYR B 573 -37.33 -8.17 4.80
N LYS B 574 -36.16 -8.80 4.84
CA LYS B 574 -35.86 -9.93 3.96
C LYS B 574 -36.56 -11.14 4.56
N ARG B 575 -36.72 -11.10 5.88
CA ARG B 575 -37.40 -12.15 6.63
C ARG B 575 -36.81 -13.55 6.64
N GLN B 576 -35.50 -13.69 6.84
CA GLN B 576 -34.99 -15.05 6.92
C GLN B 576 -35.59 -15.64 8.21
N LEU B 577 -36.19 -14.76 9.01
CA LEU B 577 -36.84 -15.14 10.27
C LEU B 577 -38.07 -15.99 9.96
N LEU B 578 -38.84 -15.56 8.97
CA LEU B 578 -40.03 -16.29 8.55
C LEU B 578 -39.62 -17.69 8.13
N ASN B 579 -38.52 -17.78 7.39
CA ASN B 579 -37.99 -19.04 6.90
C ASN B 579 -37.63 -19.91 8.10
N CYS B 580 -36.97 -19.32 9.09
CA CYS B 580 -36.57 -20.04 10.28
C CYS B 580 -37.80 -20.63 10.98
N LEU B 581 -38.88 -19.87 11.03
CA LEU B 581 -40.11 -20.36 11.65
C LEU B 581 -40.59 -21.61 10.92
N HIS B 582 -40.53 -21.60 9.59
CA HIS B 582 -40.96 -22.75 8.80
C HIS B 582 -40.01 -23.93 9.04
N VAL B 583 -38.73 -23.66 9.23
CA VAL B 583 -37.77 -24.74 9.47
C VAL B 583 -38.14 -25.43 10.78
N ILE B 584 -38.43 -24.64 11.80
CA ILE B 584 -38.80 -25.18 13.10
C ILE B 584 -40.14 -25.92 12.95
N THR B 585 -41.01 -25.38 12.11
CA THR B 585 -42.30 -25.99 11.85
C THR B 585 -42.11 -27.39 11.26
N MET B 586 -41.19 -27.51 10.31
CA MET B 586 -40.93 -28.80 9.68
C MET B 586 -40.33 -29.75 10.72
N TYR B 587 -39.41 -29.24 11.52
CA TYR B 587 -38.78 -30.06 12.55
C TYR B 587 -39.83 -30.64 13.49
N ASN B 588 -40.74 -29.79 13.97
CA ASN B 588 -41.77 -30.24 14.89
C ASN B 588 -42.70 -31.26 14.26
N ARG B 589 -42.84 -31.24 12.95
CA ARG B 589 -43.70 -32.22 12.28
C ARG B 589 -43.00 -33.56 12.26
N ILE B 590 -41.70 -33.55 12.00
CA ILE B 590 -40.93 -34.79 11.96
C ILE B 590 -40.96 -35.49 13.32
N LYS B 591 -40.74 -34.74 14.38
CA LYS B 591 -40.73 -35.32 15.71
C LYS B 591 -42.08 -35.95 16.02
N LYS B 592 -43.15 -35.22 15.73
CA LYS B 592 -44.51 -35.68 15.98
C LYS B 592 -44.91 -36.92 15.17
N ASP B 593 -44.32 -37.12 14.00
CA ASP B 593 -44.67 -38.28 13.18
C ASP B 593 -43.47 -38.75 12.36
N PRO B 594 -42.43 -39.26 13.03
CA PRO B 594 -41.19 -39.77 12.44
C PRO B 594 -41.31 -40.68 11.22
N LYS B 595 -42.53 -41.07 10.85
CA LYS B 595 -42.68 -41.97 9.70
C LYS B 595 -43.51 -41.45 8.53
N LYS B 596 -44.10 -40.27 8.68
CA LYS B 596 -44.92 -39.72 7.60
C LYS B 596 -44.15 -39.52 6.29
N LEU B 597 -44.88 -39.54 5.16
CA LEU B 597 -44.26 -39.34 3.86
C LEU B 597 -43.71 -37.91 3.82
N PHE B 598 -42.40 -37.75 3.60
CA PHE B 598 -41.80 -36.41 3.59
C PHE B 598 -40.70 -36.26 2.55
N VAL B 599 -40.77 -35.15 1.80
CA VAL B 599 -39.74 -34.86 0.81
C VAL B 599 -38.55 -34.34 1.62
N PRO B 600 -37.40 -35.01 1.52
CA PRO B 600 -36.22 -34.57 2.28
C PRO B 600 -35.76 -33.19 1.79
N ARG B 601 -35.25 -32.38 2.72
CA ARG B 601 -34.78 -31.04 2.36
C ARG B 601 -33.45 -30.69 3.01
N THR B 602 -32.70 -29.85 2.32
CA THR B 602 -31.45 -29.33 2.85
C THR B 602 -31.73 -27.84 2.82
N VAL B 603 -31.97 -27.27 4.00
CA VAL B 603 -32.26 -25.85 4.10
C VAL B 603 -30.97 -25.05 4.33
N ILE B 604 -30.66 -24.19 3.36
CA ILE B 604 -29.48 -23.35 3.41
C ILE B 604 -29.86 -21.89 3.49
N ILE B 605 -29.38 -21.22 4.53
CA ILE B 605 -29.64 -19.79 4.70
C ILE B 605 -28.30 -19.14 4.95
N GLY B 606 -27.98 -18.14 4.13
CA GLY B 606 -26.71 -17.45 4.27
C GLY B 606 -26.81 -15.96 4.03
N GLY B 607 -25.81 -15.24 4.50
CA GLY B 607 -25.78 -13.80 4.33
C GLY B 607 -25.08 -13.13 5.50
N LYS B 608 -24.56 -11.94 5.25
CA LYS B 608 -23.86 -11.18 6.27
C LYS B 608 -24.79 -10.16 6.89
N ALA B 609 -24.56 -9.90 8.17
CA ALA B 609 -25.35 -8.92 8.91
C ALA B 609 -24.43 -7.72 9.14
N ALA B 610 -24.98 -6.52 9.08
CA ALA B 610 -24.15 -5.34 9.32
C ALA B 610 -23.66 -5.48 10.77
N PRO B 611 -22.39 -5.15 11.03
CA PRO B 611 -21.82 -5.24 12.38
C PRO B 611 -22.67 -4.66 13.50
N GLY B 612 -23.34 -3.54 13.23
CA GLY B 612 -24.16 -2.91 14.25
C GLY B 612 -25.66 -3.15 14.17
N TYR B 613 -26.07 -4.12 13.36
CA TYR B 613 -27.49 -4.45 13.22
C TYR B 613 -27.80 -5.57 14.22
N HIS B 614 -28.18 -5.19 15.43
CA HIS B 614 -28.47 -6.14 16.50
C HIS B 614 -29.46 -7.26 16.16
N MET B 615 -30.67 -6.93 15.72
CA MET B 615 -31.67 -7.95 15.41
C MET B 615 -31.16 -8.95 14.36
N ALA B 616 -30.43 -8.44 13.38
CA ALA B 616 -29.92 -9.29 12.32
C ALA B 616 -28.97 -10.35 12.91
N LYS B 617 -28.10 -9.91 13.82
CA LYS B 617 -27.15 -10.82 14.46
C LYS B 617 -27.87 -11.86 15.31
N MET B 618 -28.97 -11.48 15.94
CA MET B 618 -29.75 -12.41 16.76
C MET B 618 -30.39 -13.46 15.87
N ILE B 619 -30.91 -13.01 14.72
CA ILE B 619 -31.54 -13.92 13.78
C ILE B 619 -30.55 -14.97 13.29
N ILE B 620 -29.28 -14.59 13.14
CA ILE B 620 -28.26 -15.53 12.70
C ILE B 620 -28.06 -16.59 13.78
N LYS B 621 -27.88 -16.16 15.04
CA LYS B 621 -27.68 -17.09 16.13
C LYS B 621 -28.88 -18.02 16.28
N LEU B 622 -30.07 -17.49 15.98
CA LEU B 622 -31.30 -18.29 16.06
C LEU B 622 -31.17 -19.42 15.06
N ILE B 623 -30.88 -19.06 13.81
CA ILE B 623 -30.73 -20.03 12.73
C ILE B 623 -29.67 -21.08 13.06
N THR B 624 -28.50 -20.64 13.50
CA THR B 624 -27.44 -21.59 13.85
C THR B 624 -27.90 -22.45 15.04
N SER B 625 -28.65 -21.86 15.96
CA SER B 625 -29.15 -22.60 17.12
C SER B 625 -30.08 -23.70 16.65
N VAL B 626 -31.08 -23.30 15.86
CA VAL B 626 -32.06 -24.26 15.33
C VAL B 626 -31.35 -25.36 14.57
N ALA B 627 -30.38 -24.98 13.75
CA ALA B 627 -29.64 -25.94 12.95
C ALA B 627 -28.94 -26.99 13.82
N ASP B 628 -28.32 -26.58 14.91
CA ASP B 628 -27.62 -27.54 15.77
C ASP B 628 -28.59 -28.60 16.29
N VAL B 629 -29.79 -28.16 16.67
CA VAL B 629 -30.80 -29.07 17.17
C VAL B 629 -31.29 -29.99 16.05
N VAL B 630 -31.64 -29.40 14.91
CA VAL B 630 -32.13 -30.16 13.77
C VAL B 630 -31.14 -31.17 13.21
N ASN B 631 -29.92 -30.73 12.92
CA ASN B 631 -28.91 -31.63 12.35
C ASN B 631 -28.46 -32.77 13.26
N ASN B 632 -28.62 -32.62 14.57
CA ASN B 632 -28.17 -33.65 15.50
C ASN B 632 -29.27 -34.47 16.15
N ASP B 633 -30.52 -34.18 15.81
CA ASP B 633 -31.62 -34.93 16.39
C ASP B 633 -31.78 -36.24 15.61
N PRO B 634 -31.40 -37.37 16.24
CA PRO B 634 -31.46 -38.72 15.67
C PRO B 634 -32.74 -39.09 14.95
N MET B 635 -33.88 -38.64 15.46
CA MET B 635 -35.14 -38.99 14.81
C MET B 635 -35.33 -38.33 13.46
N VAL B 636 -34.81 -37.12 13.28
CA VAL B 636 -34.96 -36.45 11.99
C VAL B 636 -33.90 -36.98 11.04
N GLY B 637 -32.68 -37.18 11.55
CA GLY B 637 -31.63 -37.70 10.72
C GLY B 637 -31.53 -37.04 9.34
N SER B 638 -31.42 -37.87 8.30
CA SER B 638 -31.28 -37.37 6.94
C SER B 638 -32.56 -36.79 6.35
N LYS B 639 -33.62 -36.69 7.16
CA LYS B 639 -34.87 -36.16 6.67
C LYS B 639 -34.77 -34.67 6.38
N LEU B 640 -34.02 -33.97 7.23
CA LEU B 640 -33.85 -32.53 7.10
C LEU B 640 -32.51 -32.06 7.65
N LYS B 641 -31.81 -31.23 6.89
CA LYS B 641 -30.54 -30.67 7.32
C LYS B 641 -30.55 -29.15 7.11
N VAL B 642 -30.01 -28.44 8.09
CA VAL B 642 -29.98 -26.99 8.04
C VAL B 642 -28.54 -26.52 8.11
N ILE B 643 -28.18 -25.61 7.19
CA ILE B 643 -26.83 -25.08 7.13
C ILE B 643 -26.85 -23.57 7.00
N PHE B 644 -26.07 -22.88 7.82
CA PHE B 644 -25.98 -21.44 7.70
C PHE B 644 -24.74 -21.26 6.84
N LEU B 645 -24.96 -20.90 5.57
CA LEU B 645 -23.85 -20.70 4.63
C LEU B 645 -23.02 -19.49 5.03
N GLU B 646 -21.80 -19.74 5.49
CA GLU B 646 -20.90 -18.67 5.93
C GLU B 646 -20.23 -17.86 4.82
N ASN B 647 -19.98 -16.60 5.12
CA ASN B 647 -19.30 -15.67 4.22
C ASN B 647 -19.91 -15.58 2.82
N TYR B 648 -21.23 -15.47 2.75
CA TYR B 648 -21.91 -15.39 1.46
C TYR B 648 -21.37 -14.16 0.74
N ARG B 649 -20.88 -14.38 -0.48
CA ARG B 649 -20.29 -13.33 -1.30
C ARG B 649 -20.39 -13.76 -2.76
N VAL B 650 -20.05 -12.86 -3.68
CA VAL B 650 -20.15 -13.18 -5.10
C VAL B 650 -19.60 -14.55 -5.54
N SER B 651 -18.34 -14.83 -5.23
CA SER B 651 -17.77 -16.12 -5.64
C SER B 651 -18.52 -17.32 -5.02
N LEU B 652 -19.06 -17.16 -3.82
CA LEU B 652 -19.78 -18.25 -3.18
C LEU B 652 -21.17 -18.36 -3.84
N ALA B 653 -21.74 -17.21 -4.20
CA ALA B 653 -23.04 -17.16 -4.83
C ALA B 653 -23.00 -17.97 -6.14
N GLU B 654 -21.89 -17.85 -6.86
CA GLU B 654 -21.69 -18.54 -8.12
C GLU B 654 -21.69 -20.06 -7.93
N LYS B 655 -21.48 -20.49 -6.69
CA LYS B 655 -21.45 -21.90 -6.35
C LYS B 655 -22.81 -22.42 -5.88
N VAL B 656 -23.40 -21.76 -4.90
CA VAL B 656 -24.67 -22.22 -4.35
C VAL B 656 -25.88 -22.06 -5.28
N ILE B 657 -25.98 -20.94 -5.98
CA ILE B 657 -27.11 -20.72 -6.87
C ILE B 657 -27.37 -21.83 -7.89
N PRO B 658 -26.32 -22.28 -8.61
CA PRO B 658 -26.50 -23.35 -9.60
C PRO B 658 -26.96 -24.68 -9.01
N ALA B 659 -26.77 -24.86 -7.71
CA ALA B 659 -27.16 -26.11 -7.05
C ALA B 659 -28.49 -26.00 -6.31
N THR B 660 -29.22 -24.93 -6.54
CA THR B 660 -30.50 -24.70 -5.84
C THR B 660 -31.74 -25.21 -6.56
N ASP B 661 -32.67 -25.77 -5.79
CA ASP B 661 -33.95 -26.27 -6.31
C ASP B 661 -35.07 -25.28 -5.99
N LEU B 662 -35.02 -24.70 -4.80
CA LEU B 662 -36.04 -23.76 -4.38
C LEU B 662 -35.42 -22.46 -3.84
N SER B 663 -35.77 -21.36 -4.50
CA SER B 663 -35.26 -20.05 -4.15
C SER B 663 -36.21 -19.26 -3.24
N GLU B 664 -35.72 -18.86 -2.08
CA GLU B 664 -36.52 -18.11 -1.14
C GLU B 664 -36.40 -16.61 -1.42
N GLN B 665 -37.51 -15.99 -1.79
CA GLN B 665 -37.56 -14.56 -2.07
C GLN B 665 -38.85 -14.13 -1.35
N ILE B 666 -38.75 -14.05 -0.02
CA ILE B 666 -39.90 -13.78 0.81
C ILE B 666 -40.00 -12.45 1.57
N SER B 667 -39.53 -11.37 0.96
CA SER B 667 -39.60 -10.06 1.61
C SER B 667 -41.04 -9.60 1.77
N THR B 668 -41.30 -8.78 2.77
CA THR B 668 -42.66 -8.28 2.99
C THR B 668 -43.02 -7.46 1.74
N ALA B 669 -44.19 -7.73 1.17
CA ALA B 669 -44.61 -7.00 -0.03
C ALA B 669 -44.38 -5.50 0.14
N GLY B 670 -43.66 -4.92 -0.82
CA GLY B 670 -43.39 -3.49 -0.78
C GLY B 670 -42.04 -3.10 -0.19
N THR B 671 -41.25 -4.08 0.25
CA THR B 671 -39.95 -3.77 0.85
C THR B 671 -38.72 -4.01 -0.03
N GLU B 672 -38.78 -5.00 -0.91
CA GLU B 672 -37.65 -5.30 -1.79
C GLU B 672 -37.85 -4.55 -3.11
N ALA B 673 -37.17 -3.40 -3.25
CA ALA B 673 -37.31 -2.59 -4.46
C ALA B 673 -37.33 -3.44 -5.73
N SER B 674 -36.41 -4.38 -5.83
CA SER B 674 -36.37 -5.23 -7.00
C SER B 674 -35.85 -6.64 -6.71
N GLY B 675 -34.65 -6.71 -6.16
CA GLY B 675 -34.04 -7.99 -5.91
C GLY B 675 -33.36 -8.39 -7.21
N THR B 676 -32.27 -9.14 -7.11
CA THR B 676 -31.57 -9.61 -8.30
C THR B 676 -31.18 -11.07 -8.09
N GLY B 677 -31.03 -11.46 -6.82
CA GLY B 677 -30.71 -12.84 -6.52
C GLY B 677 -31.82 -13.69 -7.11
N ASN B 678 -33.05 -13.18 -7.00
CA ASN B 678 -34.22 -13.87 -7.53
C ASN B 678 -34.03 -14.20 -9.01
N MET B 679 -33.44 -13.26 -9.76
CA MET B 679 -33.22 -13.46 -11.18
C MET B 679 -32.17 -14.55 -11.46
N LYS B 680 -31.13 -14.60 -10.64
CA LYS B 680 -30.07 -15.59 -10.81
C LYS B 680 -30.59 -17.00 -10.60
N PHE B 681 -31.38 -17.18 -9.54
CA PHE B 681 -31.94 -18.51 -9.27
C PHE B 681 -32.86 -18.95 -10.41
N MET B 682 -33.66 -18.01 -10.92
CA MET B 682 -34.57 -18.30 -12.02
C MET B 682 -33.79 -18.71 -13.28
N LEU B 683 -32.69 -18.01 -13.54
CA LEU B 683 -31.86 -18.30 -14.71
C LEU B 683 -31.15 -19.64 -14.58
N ASN B 684 -30.90 -20.06 -13.34
CA ASN B 684 -30.17 -21.29 -13.10
C ASN B 684 -30.90 -22.59 -12.80
N GLY B 685 -32.19 -22.64 -13.09
CA GLY B 685 -32.93 -23.87 -12.89
C GLY B 685 -33.60 -24.10 -11.56
N ALA B 686 -33.86 -23.04 -10.80
CA ALA B 686 -34.51 -23.19 -9.51
C ALA B 686 -35.91 -22.60 -9.57
N LEU B 687 -36.81 -23.12 -8.74
CA LEU B 687 -38.18 -22.62 -8.68
C LEU B 687 -38.22 -21.60 -7.55
N THR B 688 -39.04 -20.59 -7.73
CA THR B 688 -39.14 -19.52 -6.75
C THR B 688 -40.35 -19.59 -5.85
N ILE B 689 -40.13 -19.35 -4.55
CA ILE B 689 -41.20 -19.29 -3.58
C ILE B 689 -41.09 -17.85 -3.08
N GLY B 690 -42.14 -17.06 -3.23
CA GLY B 690 -42.03 -15.69 -2.78
C GLY B 690 -43.30 -14.85 -2.83
N THR B 691 -43.18 -13.63 -2.33
CA THR B 691 -44.29 -12.70 -2.27
C THR B 691 -44.29 -11.87 -3.55
N MET B 692 -45.41 -11.19 -3.80
CA MET B 692 -45.52 -10.33 -4.97
C MET B 692 -44.82 -9.02 -4.58
N ASP B 693 -43.49 -9.04 -4.66
CA ASP B 693 -42.68 -7.89 -4.30
C ASP B 693 -41.50 -7.74 -5.27
N GLY B 694 -41.05 -6.50 -5.47
CA GLY B 694 -39.93 -6.24 -6.37
C GLY B 694 -40.12 -6.86 -7.75
N ALA B 695 -39.05 -7.42 -8.29
CA ALA B 695 -39.08 -8.05 -9.60
C ALA B 695 -39.76 -9.41 -9.59
N ASN B 696 -40.10 -9.92 -8.40
CA ASN B 696 -40.79 -11.21 -8.31
C ASN B 696 -42.06 -11.11 -9.17
N VAL B 697 -42.70 -9.95 -9.11
CA VAL B 697 -43.93 -9.71 -9.87
C VAL B 697 -43.72 -9.84 -11.37
N GLU B 698 -42.63 -9.30 -11.88
CA GLU B 698 -42.35 -9.39 -13.30
C GLU B 698 -41.86 -10.79 -13.69
N MET B 699 -41.32 -11.53 -12.73
CA MET B 699 -40.87 -12.89 -13.01
C MET B 699 -42.15 -13.68 -13.21
N ALA B 700 -43.15 -13.40 -12.38
CA ALA B 700 -44.46 -14.05 -12.48
C ALA B 700 -45.10 -13.68 -13.81
N GLU B 701 -45.03 -12.40 -14.17
CA GLU B 701 -45.60 -11.95 -15.42
C GLU B 701 -44.96 -12.71 -16.59
N GLU B 702 -43.64 -12.80 -16.60
CA GLU B 702 -42.94 -13.48 -17.70
C GLU B 702 -43.16 -14.97 -17.83
N ALA B 703 -43.03 -15.69 -16.72
CA ALA B 703 -43.18 -17.15 -16.77
C ALA B 703 -44.58 -17.67 -16.43
N GLY B 704 -45.49 -16.78 -16.06
CA GLY B 704 -46.82 -17.21 -15.70
C GLY B 704 -46.86 -17.42 -14.20
N GLU B 705 -47.84 -16.82 -13.55
CA GLU B 705 -47.94 -16.91 -12.10
C GLU B 705 -48.00 -18.33 -11.54
N GLU B 706 -48.62 -19.27 -12.26
CA GLU B 706 -48.70 -20.62 -11.75
C GLU B 706 -47.37 -21.33 -11.78
N ASN B 707 -46.37 -20.74 -12.43
CA ASN B 707 -45.06 -21.36 -12.50
C ASN B 707 -44.11 -20.84 -11.41
N LEU B 708 -44.68 -20.13 -10.46
CA LEU B 708 -43.95 -19.60 -9.31
C LEU B 708 -44.83 -19.84 -8.09
N PHE B 709 -44.21 -20.08 -6.95
CA PHE B 709 -44.98 -20.31 -5.73
C PHE B 709 -45.14 -18.99 -4.99
N ILE B 710 -46.10 -18.19 -5.44
CA ILE B 710 -46.40 -16.89 -4.84
C ILE B 710 -47.31 -17.11 -3.64
N PHE B 711 -47.13 -16.28 -2.61
CA PHE B 711 -47.93 -16.41 -1.40
C PHE B 711 -47.97 -15.09 -0.63
N GLY B 712 -48.77 -15.08 0.43
CA GLY B 712 -48.85 -13.93 1.31
C GLY B 712 -49.50 -12.64 0.89
N MET B 713 -49.43 -11.67 1.79
CA MET B 713 -50.01 -10.36 1.57
C MET B 713 -49.35 -9.66 0.39
N ARG B 714 -50.15 -8.88 -0.32
CA ARG B 714 -49.63 -8.10 -1.43
C ARG B 714 -49.62 -6.69 -0.88
N ILE B 715 -49.11 -5.74 -1.67
CA ILE B 715 -48.99 -4.37 -1.20
C ILE B 715 -50.27 -3.74 -0.64
N ASP B 716 -51.41 -4.01 -1.26
CA ASP B 716 -52.68 -3.47 -0.76
C ASP B 716 -53.07 -4.11 0.57
N ASP B 717 -52.76 -5.40 0.73
CA ASP B 717 -53.08 -6.09 1.96
C ASP B 717 -52.28 -5.53 3.12
N VAL B 718 -50.98 -5.32 2.89
CA VAL B 718 -50.11 -4.78 3.93
C VAL B 718 -50.63 -3.41 4.39
N ALA B 719 -51.22 -2.67 3.47
CA ALA B 719 -51.76 -1.34 3.76
C ALA B 719 -52.98 -1.47 4.65
N ALA B 720 -53.90 -2.37 4.27
CA ALA B 720 -55.10 -2.58 5.05
C ALA B 720 -54.70 -2.98 6.48
N LEU B 721 -53.73 -3.89 6.58
CA LEU B 721 -53.29 -4.34 7.87
C LEU B 721 -52.72 -3.17 8.68
N ASP B 722 -51.92 -2.32 8.05
CA ASP B 722 -51.37 -1.17 8.75
C ASP B 722 -52.48 -0.23 9.21
N LYS B 723 -53.52 -0.08 8.40
CA LYS B 723 -54.61 0.80 8.78
C LYS B 723 -55.31 0.20 10.00
N LYS B 724 -55.82 -1.02 9.84
CA LYS B 724 -56.50 -1.70 10.92
C LYS B 724 -55.62 -1.85 12.16
N GLY B 725 -54.32 -1.95 11.93
CA GLY B 725 -53.40 -2.10 13.04
C GLY B 725 -52.95 -3.55 13.15
N TYR B 726 -51.64 -3.75 13.20
CA TYR B 726 -51.09 -5.11 13.28
C TYR B 726 -50.97 -5.59 14.72
N GLU B 727 -51.71 -6.64 15.05
CA GLU B 727 -51.69 -7.21 16.39
C GLU B 727 -51.17 -8.64 16.21
N ALA B 728 -49.86 -8.80 16.28
CA ALA B 728 -49.17 -10.08 16.09
C ALA B 728 -49.71 -11.22 16.93
N LYS B 729 -49.97 -10.95 18.21
CA LYS B 729 -50.50 -11.96 19.11
C LYS B 729 -51.68 -12.69 18.44
N GLU B 730 -52.50 -11.94 17.72
CA GLU B 730 -53.66 -12.48 17.04
C GLU B 730 -53.31 -13.82 16.38
N TYR B 731 -52.33 -13.79 15.48
CA TYR B 731 -51.90 -14.98 14.77
C TYR B 731 -51.36 -16.05 15.71
N TYR B 732 -50.55 -15.62 16.66
CA TYR B 732 -49.97 -16.52 17.64
C TYR B 732 -51.02 -17.41 18.29
N GLU B 733 -52.09 -16.80 18.79
CA GLU B 733 -53.13 -17.56 19.48
C GLU B 733 -54.09 -18.32 18.56
N ALA B 734 -54.00 -18.10 17.26
CA ALA B 734 -54.90 -18.76 16.31
C ALA B 734 -54.26 -19.89 15.51
N LEU B 735 -52.95 -19.96 15.49
CA LEU B 735 -52.27 -21.00 14.71
C LEU B 735 -51.37 -21.82 15.62
N PRO B 736 -51.84 -23.03 16.00
CA PRO B 736 -51.07 -23.92 16.87
C PRO B 736 -49.63 -24.19 16.46
N GLU B 737 -49.40 -24.47 15.18
CA GLU B 737 -48.04 -24.73 14.72
C GLU B 737 -47.12 -23.55 15.01
N LEU B 738 -47.63 -22.34 14.87
CA LEU B 738 -46.82 -21.15 15.12
C LEU B 738 -46.59 -21.02 16.63
N LYS B 739 -47.63 -21.28 17.41
CA LYS B 739 -47.52 -21.18 18.87
C LYS B 739 -46.40 -22.06 19.39
N LEU B 740 -46.40 -23.32 18.99
CA LEU B 740 -45.36 -24.23 19.44
C LEU B 740 -43.98 -23.68 19.07
N VAL B 741 -43.87 -23.18 17.85
CA VAL B 741 -42.61 -22.63 17.38
C VAL B 741 -42.16 -21.48 18.28
N ILE B 742 -43.04 -20.50 18.46
CA ILE B 742 -42.70 -19.35 19.28
C ILE B 742 -42.37 -19.73 20.73
N ASP B 743 -43.24 -20.51 21.36
CA ASP B 743 -43.00 -20.91 22.74
C ASP B 743 -41.63 -21.57 22.88
N GLN B 744 -41.29 -22.43 21.93
CA GLN B 744 -40.00 -23.12 21.95
C GLN B 744 -38.82 -22.13 21.92
N ILE B 745 -38.93 -21.13 21.06
CA ILE B 745 -37.89 -20.13 20.94
C ILE B 745 -37.80 -19.32 22.23
N ASP B 746 -38.95 -18.89 22.72
CA ASP B 746 -39.06 -18.07 23.91
C ASP B 746 -38.70 -18.75 25.22
N ASN B 747 -38.96 -20.05 25.34
CA ASN B 747 -38.67 -20.76 26.58
C ASN B 747 -37.30 -21.39 26.64
N GLY B 748 -36.56 -21.33 25.53
CA GLY B 748 -35.22 -21.89 25.53
C GLY B 748 -35.04 -23.28 24.95
N PHE B 749 -35.98 -23.75 24.13
CA PHE B 749 -35.85 -25.08 23.54
C PHE B 749 -34.62 -25.15 22.63
N PHE B 750 -34.27 -24.02 22.02
CA PHE B 750 -33.13 -23.96 21.11
C PHE B 750 -31.87 -23.35 21.74
N SER B 751 -31.97 -23.05 23.03
CA SER B 751 -30.86 -22.48 23.78
C SER B 751 -31.03 -22.84 25.26
N PRO B 752 -30.97 -24.16 25.57
CA PRO B 752 -31.12 -24.66 26.94
C PRO B 752 -30.20 -24.00 27.95
N LYS B 753 -28.91 -23.99 27.65
CA LYS B 753 -27.95 -23.39 28.56
C LYS B 753 -28.15 -21.88 28.69
N GLN B 754 -29.17 -21.37 28.03
CA GLN B 754 -29.48 -19.94 28.10
C GLN B 754 -30.87 -19.68 27.55
N PRO B 755 -31.90 -20.05 28.31
CA PRO B 755 -33.33 -19.94 28.04
C PRO B 755 -33.92 -18.63 27.50
N ASP B 756 -33.41 -17.47 27.91
CA ASP B 756 -33.99 -16.22 27.43
C ASP B 756 -33.16 -15.46 26.38
N LEU B 757 -32.30 -16.18 25.68
CA LEU B 757 -31.42 -15.60 24.68
C LEU B 757 -32.15 -14.80 23.58
N PHE B 758 -33.29 -15.34 23.13
CA PHE B 758 -34.07 -14.70 22.06
C PHE B 758 -35.22 -13.79 22.48
N LYS B 759 -35.24 -13.35 23.73
CA LYS B 759 -36.34 -12.49 24.16
C LYS B 759 -36.45 -11.24 23.28
N ASP B 760 -35.33 -10.79 22.75
CA ASP B 760 -35.32 -9.62 21.87
C ASP B 760 -36.12 -9.91 20.61
N ILE B 761 -35.88 -11.08 20.01
CA ILE B 761 -36.61 -11.45 18.81
C ILE B 761 -38.09 -11.56 19.15
N ILE B 762 -38.39 -12.24 20.26
CA ILE B 762 -39.78 -12.41 20.70
C ILE B 762 -40.45 -11.05 20.85
N ASN B 763 -39.83 -10.18 21.63
CA ASN B 763 -40.36 -8.84 21.86
C ASN B 763 -40.64 -8.06 20.57
N MET B 764 -39.73 -8.18 19.61
CA MET B 764 -39.88 -7.50 18.31
C MET B 764 -40.96 -8.16 17.47
N LEU B 765 -41.04 -9.47 17.58
CA LEU B 765 -42.01 -10.27 16.84
C LEU B 765 -43.44 -10.03 17.34
N PHE B 766 -43.60 -9.78 18.63
CA PHE B 766 -44.93 -9.54 19.17
C PHE B 766 -45.35 -8.09 19.21
N TYR B 767 -44.41 -7.18 19.46
CA TYR B 767 -44.78 -5.77 19.55
C TYR B 767 -44.14 -4.75 18.62
N HIS B 768 -43.09 -5.13 17.89
CA HIS B 768 -42.47 -4.15 16.99
C HIS B 768 -42.04 -4.69 15.63
N ASP B 769 -42.79 -5.66 15.11
CA ASP B 769 -42.46 -6.24 13.82
C ASP B 769 -43.13 -5.47 12.68
N ARG B 770 -42.45 -4.46 12.15
CA ARG B 770 -43.06 -3.69 11.06
C ARG B 770 -43.04 -4.45 9.74
N PHE B 771 -42.65 -5.71 9.78
CA PHE B 771 -42.60 -6.50 8.56
C PHE B 771 -43.59 -7.67 8.55
N LYS B 772 -44.53 -7.64 9.49
CA LYS B 772 -45.59 -8.63 9.60
C LYS B 772 -45.19 -10.08 9.37
N VAL B 773 -44.25 -10.58 10.16
CA VAL B 773 -43.81 -11.97 10.00
C VAL B 773 -44.92 -13.02 10.24
N PHE B 774 -45.64 -12.89 11.35
CA PHE B 774 -46.71 -13.82 11.66
C PHE B 774 -47.82 -13.71 10.62
N ALA B 775 -48.00 -12.52 10.08
CA ALA B 775 -49.05 -12.26 9.09
C ALA B 775 -48.94 -13.08 7.81
N ASP B 776 -47.73 -13.47 7.43
CA ASP B 776 -47.56 -14.26 6.21
C ASP B 776 -47.21 -15.70 6.51
N TYR B 777 -46.99 -16.01 7.78
CA TYR B 777 -46.63 -17.37 8.21
C TYR B 777 -47.52 -18.50 7.66
N GLU B 778 -48.82 -18.43 7.95
CA GLU B 778 -49.74 -19.47 7.50
C GLU B 778 -49.69 -19.68 6.00
N ALA B 779 -49.90 -18.60 5.24
CA ALA B 779 -49.84 -18.70 3.79
C ALA B 779 -48.48 -19.21 3.32
N TYR B 780 -47.42 -18.82 4.03
CA TYR B 780 -46.07 -19.25 3.67
C TYR B 780 -45.90 -20.76 3.84
N VAL B 781 -46.30 -21.27 5.01
CA VAL B 781 -46.19 -22.70 5.30
C VAL B 781 -47.06 -23.50 4.35
N LYS B 782 -48.23 -22.97 4.02
CA LYS B 782 -49.13 -23.68 3.10
C LYS B 782 -48.49 -23.75 1.72
N CYS B 783 -47.81 -22.67 1.34
CA CYS B 783 -47.16 -22.63 0.04
C CYS B 783 -46.02 -23.64 0.03
N GLN B 784 -45.27 -23.69 1.12
CA GLN B 784 -44.14 -24.61 1.24
C GLN B 784 -44.57 -26.06 1.03
N ASP B 785 -45.71 -26.44 1.60
CA ASP B 785 -46.21 -27.80 1.43
C ASP B 785 -46.45 -28.07 -0.06
N LYS B 786 -47.04 -27.09 -0.74
CA LYS B 786 -47.29 -27.23 -2.17
C LYS B 786 -45.95 -27.51 -2.88
N VAL B 787 -44.91 -26.77 -2.52
CA VAL B 787 -43.60 -26.98 -3.13
C VAL B 787 -43.19 -28.45 -3.02
N SER B 788 -43.26 -28.98 -1.81
CA SER B 788 -42.89 -30.37 -1.56
C SER B 788 -43.70 -31.35 -2.41
N GLN B 789 -44.99 -31.09 -2.56
CA GLN B 789 -45.83 -31.96 -3.37
C GLN B 789 -45.28 -32.04 -4.79
N LEU B 790 -45.06 -30.88 -5.40
CA LEU B 790 -44.53 -30.83 -6.75
C LEU B 790 -43.18 -31.52 -6.84
N TYR B 791 -42.39 -31.43 -5.78
CA TYR B 791 -41.07 -32.04 -5.80
C TYR B 791 -41.14 -33.56 -5.91
N MET B 792 -42.27 -34.14 -5.48
CA MET B 792 -42.45 -35.58 -5.56
C MET B 792 -42.71 -36.01 -6.99
N ASN B 793 -43.03 -35.05 -7.86
CA ASN B 793 -43.29 -35.34 -9.27
C ASN B 793 -42.17 -34.72 -10.12
N PRO B 794 -41.05 -35.44 -10.28
CA PRO B 794 -39.89 -34.99 -11.07
C PRO B 794 -40.20 -34.39 -12.44
N LYS B 795 -41.14 -34.98 -13.17
CA LYS B 795 -41.48 -34.46 -14.49
C LYS B 795 -42.20 -33.13 -14.41
N ALA B 796 -43.12 -33.00 -13.45
CA ALA B 796 -43.88 -31.77 -13.29
C ALA B 796 -42.95 -30.66 -12.77
N TRP B 797 -42.08 -31.02 -11.82
CA TRP B 797 -41.15 -30.05 -11.25
C TRP B 797 -40.22 -29.47 -12.32
N ASN B 798 -39.57 -30.34 -13.09
CA ASN B 798 -38.66 -29.87 -14.11
C ASN B 798 -39.37 -29.21 -15.30
N THR B 799 -40.66 -29.48 -15.45
CA THR B 799 -41.42 -28.86 -16.52
C THR B 799 -41.65 -27.41 -16.13
N MET B 800 -41.81 -27.18 -14.84
CA MET B 800 -42.02 -25.81 -14.35
C MET B 800 -40.67 -25.09 -14.42
N VAL B 801 -39.60 -25.79 -14.07
CA VAL B 801 -38.25 -25.22 -14.13
C VAL B 801 -37.95 -24.72 -15.54
N LEU B 802 -38.26 -25.54 -16.53
CA LEU B 802 -38.01 -25.17 -17.92
C LEU B 802 -38.78 -23.91 -18.31
N LYS B 803 -40.02 -23.80 -17.86
CA LYS B 803 -40.81 -22.61 -18.17
C LYS B 803 -40.18 -21.37 -17.53
N ASN B 804 -39.58 -21.55 -16.35
CA ASN B 804 -38.93 -20.43 -15.68
C ASN B 804 -37.68 -20.00 -16.44
N ILE B 805 -36.80 -20.95 -16.76
CA ILE B 805 -35.58 -20.65 -17.50
C ILE B 805 -35.91 -20.04 -18.87
N ALA B 806 -36.92 -20.60 -19.54
CA ALA B 806 -37.31 -20.12 -20.85
C ALA B 806 -37.90 -18.72 -20.84
N ALA B 807 -38.31 -18.25 -19.67
CA ALA B 807 -38.90 -16.91 -19.54
C ALA B 807 -38.04 -15.90 -18.78
N SER B 808 -36.78 -16.26 -18.53
CA SER B 808 -35.89 -15.37 -17.78
C SER B 808 -35.14 -14.36 -18.64
N GLY B 809 -35.35 -14.42 -19.94
CA GLY B 809 -34.67 -13.52 -20.86
C GLY B 809 -34.75 -12.04 -20.58
N LYS B 810 -35.91 -11.56 -20.16
CA LYS B 810 -36.06 -10.14 -19.89
C LYS B 810 -35.16 -9.67 -18.75
N PHE B 811 -34.71 -10.61 -17.92
CA PHE B 811 -33.88 -10.26 -16.78
C PHE B 811 -32.37 -10.20 -17.02
N SER B 812 -31.98 -10.14 -18.28
CA SER B 812 -30.57 -10.00 -18.61
C SER B 812 -30.27 -8.51 -18.45
N SER B 813 -29.15 -8.17 -17.82
CA SER B 813 -28.82 -6.77 -17.64
C SER B 813 -28.56 -6.09 -18.98
N ASP B 814 -28.43 -6.88 -20.04
CA ASP B 814 -28.22 -6.32 -21.36
C ASP B 814 -29.49 -5.59 -21.76
N ARG B 815 -30.62 -6.17 -21.40
CA ARG B 815 -31.92 -5.58 -21.69
C ARG B 815 -32.09 -4.30 -20.88
N THR B 816 -31.67 -4.35 -19.61
CA THR B 816 -31.75 -3.22 -18.72
C THR B 816 -30.94 -2.03 -19.27
N ILE B 817 -29.67 -2.27 -19.59
CA ILE B 817 -28.83 -1.21 -20.11
C ILE B 817 -29.36 -0.61 -21.42
N LYS B 818 -29.88 -1.44 -22.32
CA LYS B 818 -30.42 -0.91 -23.56
C LYS B 818 -31.47 0.16 -23.24
N GLU B 819 -32.38 -0.16 -22.32
CA GLU B 819 -33.42 0.78 -21.92
C GLU B 819 -32.80 2.06 -21.36
N TYR B 820 -31.82 1.94 -20.46
CA TYR B 820 -31.15 3.12 -19.91
C TYR B 820 -30.56 3.95 -21.04
N ALA B 821 -29.81 3.29 -21.92
CA ALA B 821 -29.15 3.97 -23.04
C ALA B 821 -30.13 4.71 -23.93
N GLN B 822 -31.24 4.05 -24.22
CA GLN B 822 -32.25 4.60 -25.10
C GLN B 822 -33.13 5.68 -24.48
N ASN B 823 -33.53 5.49 -23.23
CA ASN B 823 -34.41 6.44 -22.57
C ASN B 823 -33.82 7.41 -21.55
N ILE B 824 -32.54 7.27 -21.27
CA ILE B 824 -31.95 8.17 -20.27
C ILE B 824 -30.62 8.79 -20.66
N TRP B 825 -29.66 7.96 -21.05
CA TRP B 825 -28.35 8.44 -21.43
C TRP B 825 -28.31 8.94 -22.86
N ASN B 826 -29.23 8.44 -23.68
CA ASN B 826 -29.29 8.84 -25.08
C ASN B 826 -27.98 8.45 -25.78
N VAL B 827 -27.62 7.17 -25.70
CA VAL B 827 -26.42 6.63 -26.35
C VAL B 827 -26.83 5.39 -27.13
N GLU B 828 -25.94 4.89 -27.99
CA GLU B 828 -26.26 3.73 -28.83
C GLU B 828 -25.31 2.54 -28.78
N PRO B 829 -25.83 1.36 -28.44
CA PRO B 829 -24.93 0.21 -28.41
C PRO B 829 -24.29 -0.12 -29.76
N SER B 830 -23.06 0.34 -29.97
CA SER B 830 -22.32 0.10 -31.21
C SER B 830 -21.90 -1.37 -31.22
N ASP B 831 -22.54 -2.19 -32.05
CA ASP B 831 -22.25 -3.62 -32.10
C ASP B 831 -21.37 -4.14 -33.24
N LEU B 832 -20.16 -4.59 -32.90
CA LEU B 832 -19.22 -5.14 -33.89
C LEU B 832 -17.93 -5.72 -33.26
N LYS B 833 -16.81 -5.59 -33.97
CA LYS B 833 -15.51 -6.10 -33.51
C LYS B 833 -14.36 -5.45 -34.31
N ILE B 834 -13.30 -5.01 -33.64
CA ILE B 834 -12.20 -4.38 -34.36
C ILE B 834 -10.98 -5.29 -34.51
N SER B 835 -10.69 -5.68 -35.74
CA SER B 835 -9.54 -6.55 -36.00
C SER B 835 -8.42 -6.29 -34.99
N LEU B 836 -7.90 -7.35 -34.38
CA LEU B 836 -6.82 -7.18 -33.43
C LEU B 836 -5.61 -6.74 -34.25
N SER B 837 -4.43 -7.32 -33.99
CA SER B 837 -3.24 -6.92 -34.73
C SER B 837 -2.79 -7.96 -35.74
N ASN B 838 -3.63 -8.22 -36.75
CA ASN B 838 -3.27 -9.20 -37.78
C ASN B 838 -2.45 -8.51 -38.86
C1 NBG C . 28.36 6.91 11.96
C2 NBG C . 29.64 7.75 12.27
C3 NBG C . 30.59 7.83 11.01
C4 NBG C . 30.89 6.40 10.46
C5 NBG C . 29.52 5.73 10.10
C6 NBG C . 29.68 4.29 9.54
C7 NBG C . 26.41 6.67 13.45
C8 NBG C . 25.88 6.17 14.77
N1 NBG C . 27.75 6.54 13.23
O3 NBG C . 31.82 8.48 11.36
O2 NBG C . 29.31 9.04 12.74
O4 NBG C . 31.75 6.46 9.31
O5 NBG C . 28.70 5.66 11.29
O6 NBG C . 30.46 3.44 10.40
O7 NBG C . 25.63 7.16 12.64
N1 PLP D . 24.75 10.95 3.59
C2 PLP D . 24.82 10.58 2.29
C2A PLP D . 23.65 10.97 1.34
C3 PLP D . 25.95 9.96 1.82
O3 PLP D . 26.01 9.55 0.50
C4 PLP D . 27.02 9.76 2.70
C4A PLP D . 28.17 9.16 2.26
C5 PLP D . 26.93 10.17 4.03
C6 PLP D . 25.79 10.76 4.44
C5A PLP D . 28.09 10.01 5.06
O4P PLP D . 29.05 11.06 4.90
P PLP D . 30.05 11.60 6.05
O1P PLP D . 29.19 11.85 7.22
O2P PLP D . 30.51 12.80 5.38
O3P PLP D . 31.02 10.53 6.23
C1 288 E . 10.89 -8.80 -9.77
C2 288 E . 11.01 -7.90 -8.67
C3 288 E . 9.50 -9.01 -9.97
C4 288 E . 12.08 -9.29 -10.41
N5 288 E . 9.76 -7.60 -8.27
C6 288 E . 12.29 -7.50 -8.21
C7 288 E . 8.84 -8.27 -9.05
C8 288 E . 13.33 -8.88 -9.95
C9 288 E . 13.43 -7.98 -8.86
C10 288 E . 7.38 -8.14 -8.87
CL11 288 E . 14.77 -9.45 -10.71
N12 288 E . 6.47 -8.81 -9.65
O13 288 E . 6.97 -7.41 -7.98
C14 288 E . 5.03 -8.59 -9.38
C15 288 E . 4.52 -9.45 -8.23
N16 288 E . 3.18 -9.34 -7.81
O17 288 E . 5.28 -10.24 -7.67
C18 288 E . 2.29 -8.36 -8.52
C19 288 E . 2.66 -10.18 -6.68
C20 288 E . 1.20 -9.03 -9.38
C21 288 E . 1.58 -7.40 -7.55
C22 288 E . 3.33 -9.81 -5.34
C23 288 E . -0.14 -8.42 -8.92
C24 288 E . 0.26 -7.05 -8.31
O25 288 E . 2.80 -10.62 -4.29
C1 NBG F . -31.04 -2.46 -3.09
C2 NBG F . -32.45 -3.11 -2.90
C3 NBG F . -32.72 -4.32 -3.88
C4 NBG F . -32.27 -3.98 -5.34
C5 NBG F . -30.80 -3.43 -5.36
C6 NBG F . -30.34 -3.00 -6.78
C7 NBG F . -30.07 -0.69 -1.64
C8 NBG F . -30.32 0.63 -0.93
N1 NBG F . -31.04 -1.11 -2.50
O3 NBG F . -34.11 -4.68 -3.86
O2 NBG F . -32.65 -3.51 -1.54
O4 NBG F . -32.39 -5.13 -6.19
O5 NBG F . -30.75 -2.29 -4.50
O6 NBG F . -31.25 -2.06 -7.38
O7 NBG F . -29.03 -1.28 -1.41
N1 PLP G . -25.19 -10.57 -2.27
C2 PLP G . -24.56 -11.25 -3.26
C2A PLP G . -23.21 -11.91 -2.96
C3 PLP G . -25.14 -11.38 -4.49
O3 PLP G . -24.44 -11.95 -5.54
C4 PLP G . -26.40 -10.82 -4.69
C4A PLP G . -27.03 -11.02 -5.88
C5 PLP G . -27.04 -10.12 -3.69
C6 PLP G . -26.42 -10.01 -2.48
C5A PLP G . -28.44 -9.49 -3.88
O4P PLP G . -29.38 -10.52 -3.66
P PLP G . -30.90 -10.32 -3.18
O1P PLP G . -30.79 -9.45 -1.99
O2P PLP G . -31.29 -11.72 -2.86
O3P PLP G . -31.52 -9.75 -4.41
C1 288 H . -2.26 -3.93 -16.50
C2 288 H . -3.11 -3.78 -15.35
C3 288 H . -0.94 -3.61 -16.06
C4 288 H . -2.83 -4.32 -17.76
N5 288 H . -2.33 -3.40 -14.31
C6 288 H . -4.50 -4.02 -15.47
C7 288 H . -1.02 -3.29 -14.72
C8 288 H . -4.21 -4.55 -17.84
C9 288 H . -5.04 -4.40 -16.70
C10 288 H . 0.07 -2.90 -13.82
CL11 288 H . -4.93 -5.04 -19.32
N12 288 H . 1.36 -2.78 -14.25
O13 288 H . -0.20 -2.66 -12.66
C14 288 H . 2.41 -2.39 -13.29
C15 288 H . 2.47 -0.87 -13.04
N16 288 H . 3.41 -0.32 -12.16
O17 288 H . 1.70 -0.14 -13.63
C18 288 H . 4.35 -1.25 -11.45
C19 288 H . 3.47 1.15 -11.93
C20 288 H . 5.83 -1.00 -11.81
C21 288 H . 4.24 -1.16 -9.91
C22 288 H . 2.24 1.65 -11.14
C23 288 H . 6.57 -0.79 -10.46
C24 288 H . 5.67 -1.50 -9.42
O25 288 H . 2.35 3.07 -10.96
#